data_3EDU
# 
_entry.id   3EDU 
# 
_audit_conform.dict_name       mmcif_pdbx.dic 
_audit_conform.dict_version    5.387 
_audit_conform.dict_location   http://mmcif.pdb.org/dictionaries/ascii/mmcif_pdbx.dic 
# 
loop_
_database_2.database_id 
_database_2.database_code 
_database_2.pdbx_database_accession 
_database_2.pdbx_DOI 
PDB   3EDU         pdb_00003edu 10.2210/pdb3edu/pdb 
RCSB  RCSB049198   ?            ?                   
WWPDB D_1000049198 ?            ?                   
# 
loop_
_pdbx_audit_revision_history.ordinal 
_pdbx_audit_revision_history.data_content_type 
_pdbx_audit_revision_history.major_revision 
_pdbx_audit_revision_history.minor_revision 
_pdbx_audit_revision_history.revision_date 
1 'Structure model' 1 0 2009-02-10 
2 'Structure model' 1 1 2011-07-13 
3 'Structure model' 1 2 2011-07-20 
4 'Structure model' 1 3 2024-02-21 
# 
_pdbx_audit_revision_details.ordinal             1 
_pdbx_audit_revision_details.revision_ordinal    1 
_pdbx_audit_revision_details.data_content_type   'Structure model' 
_pdbx_audit_revision_details.provider            repository 
_pdbx_audit_revision_details.type                'Initial release' 
_pdbx_audit_revision_details.description         ? 
_pdbx_audit_revision_details.details             ? 
# 
loop_
_pdbx_audit_revision_group.ordinal 
_pdbx_audit_revision_group.revision_ordinal 
_pdbx_audit_revision_group.data_content_type 
_pdbx_audit_revision_group.group 
1 2 'Structure model' 'Version format compliance' 
2 3 'Structure model' 'Refinement description'    
3 4 'Structure model' 'Data collection'           
4 4 'Structure model' 'Database references'       
# 
loop_
_pdbx_audit_revision_category.ordinal 
_pdbx_audit_revision_category.revision_ordinal 
_pdbx_audit_revision_category.data_content_type 
_pdbx_audit_revision_category.category 
1 4 'Structure model' chem_comp_atom     
2 4 'Structure model' chem_comp_bond     
3 4 'Structure model' database_2         
4 4 'Structure model' struct_ref_seq_dif 
# 
loop_
_pdbx_audit_revision_item.ordinal 
_pdbx_audit_revision_item.revision_ordinal 
_pdbx_audit_revision_item.data_content_type 
_pdbx_audit_revision_item.item 
1 4 'Structure model' '_database_2.pdbx_DOI'                
2 4 'Structure model' '_database_2.pdbx_database_accession' 
3 4 'Structure model' '_struct_ref_seq_dif.details'         
# 
_pdbx_database_status.status_code                     REL 
_pdbx_database_status.entry_id                        3EDU 
_pdbx_database_status.recvd_initial_deposition_date   2008-09-03 
_pdbx_database_status.deposit_site                    RCSB 
_pdbx_database_status.process_site                    RCSB 
_pdbx_database_status.status_code_sf                  REL 
_pdbx_database_status.status_code_mr                  ? 
_pdbx_database_status.SG_entry                        ? 
_pdbx_database_status.status_code_cs                  ? 
_pdbx_database_status.pdb_format_compatible           Y 
_pdbx_database_status.status_code_nmr_data            ? 
_pdbx_database_status.methods_development_category    ? 
# 
loop_
_audit_author.name 
_audit_author.pdbx_ordinal 
'Simonovic, M.' 1 
'Stabach, P.'   2 
'Simonovic, I.' 3 
'Steitz, T.A.'  4 
'Morrow, J.S.'  5 
# 
_citation.id                        primary 
_citation.title                     
;The structure of the ankyrin-binding site of {beta}-spectrin reveals how tandem spectrin-repeats generate unique ligand-binding properties
;
_citation.journal_abbrev            Blood 
_citation.journal_volume            113 
_citation.page_first                5377 
_citation.page_last                 5384 
_citation.year                      2009 
_citation.journal_id_ASTM           ? 
_citation.country                   US 
_citation.journal_id_ISSN           0006-4971 
_citation.journal_id_CSD            ? 
_citation.book_publisher            ? 
_citation.pdbx_database_id_PubMed   19168783 
_citation.pdbx_database_id_DOI      10.1182/blood-2008-10-184291 
# 
loop_
_citation_author.citation_id 
_citation_author.name 
_citation_author.ordinal 
_citation_author.identifier_ORCID 
primary 'Stabach, P.R.' 1 ? 
primary 'Simonovic, I.' 2 ? 
primary 'Ranieri, M.A.' 3 ? 
primary 'Aboodi, M.S.'  4 ? 
primary 'Steitz, T.A.'  5 ? 
primary 'Simonovic, M.' 6 ? 
primary 'Morrow, J.S.'  7 ? 
# 
loop_
_entity.id 
_entity.type 
_entity.src_method 
_entity.pdbx_description 
_entity.formula_weight 
_entity.pdbx_number_of_molecules 
_entity.pdbx_ec 
_entity.pdbx_mutation 
_entity.pdbx_fragment 
_entity.details 
1 polymer man 'Spectrin beta chain, erythrocyte' 24810.543 1   ? ? 'Spectrin 14-Spectrin 15 di-repeat' ? 
2 water   nat water                              18.015    136 ? ? ?                                   ? 
# 
_entity_name_com.entity_id   1 
_entity_name_com.name        'Beta-I spectrin' 
# 
_entity_poly.entity_id                      1 
_entity_poly.type                           'polypeptide(L)' 
_entity_poly.nstd_linkage                   no 
_entity_poly.nstd_monomer                   no 
_entity_poly.pdbx_seq_one_letter_code       
;GSLFQLKRETDDLEQWISEKELVASSPEMGQDFDHVTLLRDKFRDFARETGAIGQERVDNVNAFIERLIDAGHSEAATIA
EWKDGLNEMWADLLELIDTRMQLLAASYDLHRYFYTGAEILGLIDEKHRELPEDVGLDASTAESFHRVHTAFERELHLLG
VQVQQFQDVATRLQTAYAGEKAEAIQNKEQEVSAAWQALLDACAGRRTQLVDTADKFR
;
_entity_poly.pdbx_seq_one_letter_code_can   
;GSLFQLKRETDDLEQWISEKELVASSPEMGQDFDHVTLLRDKFRDFARETGAIGQERVDNVNAFIERLIDAGHSEAATIA
EWKDGLNEMWADLLELIDTRMQLLAASYDLHRYFYTGAEILGLIDEKHRELPEDVGLDASTAESFHRVHTAFERELHLLG
VQVQQFQDVATRLQTAYAGEKAEAIQNKEQEVSAAWQALLDACAGRRTQLVDTADKFR
;
_entity_poly.pdbx_strand_id                 A 
_entity_poly.pdbx_target_identifier         ? 
# 
_pdbx_entity_nonpoly.entity_id   2 
_pdbx_entity_nonpoly.name        water 
_pdbx_entity_nonpoly.comp_id     HOH 
# 
loop_
_entity_poly_seq.entity_id 
_entity_poly_seq.num 
_entity_poly_seq.mon_id 
_entity_poly_seq.hetero 
1 1   GLY n 
1 2   SER n 
1 3   LEU n 
1 4   PHE n 
1 5   GLN n 
1 6   LEU n 
1 7   LYS n 
1 8   ARG n 
1 9   GLU n 
1 10  THR n 
1 11  ASP n 
1 12  ASP n 
1 13  LEU n 
1 14  GLU n 
1 15  GLN n 
1 16  TRP n 
1 17  ILE n 
1 18  SER n 
1 19  GLU n 
1 20  LYS n 
1 21  GLU n 
1 22  LEU n 
1 23  VAL n 
1 24  ALA n 
1 25  SER n 
1 26  SER n 
1 27  PRO n 
1 28  GLU n 
1 29  MET n 
1 30  GLY n 
1 31  GLN n 
1 32  ASP n 
1 33  PHE n 
1 34  ASP n 
1 35  HIS n 
1 36  VAL n 
1 37  THR n 
1 38  LEU n 
1 39  LEU n 
1 40  ARG n 
1 41  ASP n 
1 42  LYS n 
1 43  PHE n 
1 44  ARG n 
1 45  ASP n 
1 46  PHE n 
1 47  ALA n 
1 48  ARG n 
1 49  GLU n 
1 50  THR n 
1 51  GLY n 
1 52  ALA n 
1 53  ILE n 
1 54  GLY n 
1 55  GLN n 
1 56  GLU n 
1 57  ARG n 
1 58  VAL n 
1 59  ASP n 
1 60  ASN n 
1 61  VAL n 
1 62  ASN n 
1 63  ALA n 
1 64  PHE n 
1 65  ILE n 
1 66  GLU n 
1 67  ARG n 
1 68  LEU n 
1 69  ILE n 
1 70  ASP n 
1 71  ALA n 
1 72  GLY n 
1 73  HIS n 
1 74  SER n 
1 75  GLU n 
1 76  ALA n 
1 77  ALA n 
1 78  THR n 
1 79  ILE n 
1 80  ALA n 
1 81  GLU n 
1 82  TRP n 
1 83  LYS n 
1 84  ASP n 
1 85  GLY n 
1 86  LEU n 
1 87  ASN n 
1 88  GLU n 
1 89  MET n 
1 90  TRP n 
1 91  ALA n 
1 92  ASP n 
1 93  LEU n 
1 94  LEU n 
1 95  GLU n 
1 96  LEU n 
1 97  ILE n 
1 98  ASP n 
1 99  THR n 
1 100 ARG n 
1 101 MET n 
1 102 GLN n 
1 103 LEU n 
1 104 LEU n 
1 105 ALA n 
1 106 ALA n 
1 107 SER n 
1 108 TYR n 
1 109 ASP n 
1 110 LEU n 
1 111 HIS n 
1 112 ARG n 
1 113 TYR n 
1 114 PHE n 
1 115 TYR n 
1 116 THR n 
1 117 GLY n 
1 118 ALA n 
1 119 GLU n 
1 120 ILE n 
1 121 LEU n 
1 122 GLY n 
1 123 LEU n 
1 124 ILE n 
1 125 ASP n 
1 126 GLU n 
1 127 LYS n 
1 128 HIS n 
1 129 ARG n 
1 130 GLU n 
1 131 LEU n 
1 132 PRO n 
1 133 GLU n 
1 134 ASP n 
1 135 VAL n 
1 136 GLY n 
1 137 LEU n 
1 138 ASP n 
1 139 ALA n 
1 140 SER n 
1 141 THR n 
1 142 ALA n 
1 143 GLU n 
1 144 SER n 
1 145 PHE n 
1 146 HIS n 
1 147 ARG n 
1 148 VAL n 
1 149 HIS n 
1 150 THR n 
1 151 ALA n 
1 152 PHE n 
1 153 GLU n 
1 154 ARG n 
1 155 GLU n 
1 156 LEU n 
1 157 HIS n 
1 158 LEU n 
1 159 LEU n 
1 160 GLY n 
1 161 VAL n 
1 162 GLN n 
1 163 VAL n 
1 164 GLN n 
1 165 GLN n 
1 166 PHE n 
1 167 GLN n 
1 168 ASP n 
1 169 VAL n 
1 170 ALA n 
1 171 THR n 
1 172 ARG n 
1 173 LEU n 
1 174 GLN n 
1 175 THR n 
1 176 ALA n 
1 177 TYR n 
1 178 ALA n 
1 179 GLY n 
1 180 GLU n 
1 181 LYS n 
1 182 ALA n 
1 183 GLU n 
1 184 ALA n 
1 185 ILE n 
1 186 GLN n 
1 187 ASN n 
1 188 LYS n 
1 189 GLU n 
1 190 GLN n 
1 191 GLU n 
1 192 VAL n 
1 193 SER n 
1 194 ALA n 
1 195 ALA n 
1 196 TRP n 
1 197 GLN n 
1 198 ALA n 
1 199 LEU n 
1 200 LEU n 
1 201 ASP n 
1 202 ALA n 
1 203 CYS n 
1 204 ALA n 
1 205 GLY n 
1 206 ARG n 
1 207 ARG n 
1 208 THR n 
1 209 GLN n 
1 210 LEU n 
1 211 VAL n 
1 212 ASP n 
1 213 THR n 
1 214 ALA n 
1 215 ASP n 
1 216 LYS n 
1 217 PHE n 
1 218 ARG n 
# 
_entity_src_gen.entity_id                          1 
_entity_src_gen.pdbx_src_id                        1 
_entity_src_gen.pdbx_alt_source_flag               sample 
_entity_src_gen.pdbx_seq_type                      ? 
_entity_src_gen.pdbx_beg_seq_num                   ? 
_entity_src_gen.pdbx_end_seq_num                   ? 
_entity_src_gen.gene_src_common_name               Human 
_entity_src_gen.gene_src_genus                     ? 
_entity_src_gen.pdbx_gene_src_gene                 'SPTB, SPTB1' 
_entity_src_gen.gene_src_species                   ? 
_entity_src_gen.gene_src_strain                    ? 
_entity_src_gen.gene_src_tissue                    ? 
_entity_src_gen.gene_src_tissue_fraction           ? 
_entity_src_gen.gene_src_details                   ? 
_entity_src_gen.pdbx_gene_src_fragment             ? 
_entity_src_gen.pdbx_gene_src_scientific_name      'Homo sapiens' 
_entity_src_gen.pdbx_gene_src_ncbi_taxonomy_id     9606 
_entity_src_gen.pdbx_gene_src_variant              ? 
_entity_src_gen.pdbx_gene_src_cell_line            ? 
_entity_src_gen.pdbx_gene_src_atcc                 ? 
_entity_src_gen.pdbx_gene_src_organ                ? 
_entity_src_gen.pdbx_gene_src_organelle            ? 
_entity_src_gen.pdbx_gene_src_cell                 ? 
_entity_src_gen.pdbx_gene_src_cellular_location    ? 
_entity_src_gen.host_org_common_name               ? 
_entity_src_gen.pdbx_host_org_scientific_name      'Escherichia coli' 
_entity_src_gen.pdbx_host_org_ncbi_taxonomy_id     562 
_entity_src_gen.host_org_genus                     ? 
_entity_src_gen.pdbx_host_org_gene                 ? 
_entity_src_gen.pdbx_host_org_organ                ? 
_entity_src_gen.host_org_species                   ? 
_entity_src_gen.pdbx_host_org_tissue               ? 
_entity_src_gen.pdbx_host_org_tissue_fraction      ? 
_entity_src_gen.pdbx_host_org_strain               'BL21 (DE3)' 
_entity_src_gen.pdbx_host_org_variant              ? 
_entity_src_gen.pdbx_host_org_cell_line            ? 
_entity_src_gen.pdbx_host_org_atcc                 ? 
_entity_src_gen.pdbx_host_org_culture_collection   ? 
_entity_src_gen.pdbx_host_org_cell                 ? 
_entity_src_gen.pdbx_host_org_organelle            ? 
_entity_src_gen.pdbx_host_org_cellular_location    ? 
_entity_src_gen.pdbx_host_org_vector_type          pGEX 
_entity_src_gen.pdbx_host_org_vector               ? 
_entity_src_gen.host_org_details                   ? 
_entity_src_gen.expression_system_id               ? 
_entity_src_gen.plasmid_name                       ? 
_entity_src_gen.plasmid_details                    ? 
_entity_src_gen.pdbx_description                   ? 
# 
loop_
_chem_comp.id 
_chem_comp.type 
_chem_comp.mon_nstd_flag 
_chem_comp.name 
_chem_comp.pdbx_synonyms 
_chem_comp.formula 
_chem_comp.formula_weight 
ALA 'L-peptide linking' y ALANINE         ? 'C3 H7 N O2'     89.093  
ARG 'L-peptide linking' y ARGININE        ? 'C6 H15 N4 O2 1' 175.209 
ASN 'L-peptide linking' y ASPARAGINE      ? 'C4 H8 N2 O3'    132.118 
ASP 'L-peptide linking' y 'ASPARTIC ACID' ? 'C4 H7 N O4'     133.103 
CYS 'L-peptide linking' y CYSTEINE        ? 'C3 H7 N O2 S'   121.158 
GLN 'L-peptide linking' y GLUTAMINE       ? 'C5 H10 N2 O3'   146.144 
GLU 'L-peptide linking' y 'GLUTAMIC ACID' ? 'C5 H9 N O4'     147.129 
GLY 'peptide linking'   y GLYCINE         ? 'C2 H5 N O2'     75.067  
HIS 'L-peptide linking' y HISTIDINE       ? 'C6 H10 N3 O2 1' 156.162 
HOH non-polymer         . WATER           ? 'H2 O'           18.015  
ILE 'L-peptide linking' y ISOLEUCINE      ? 'C6 H13 N O2'    131.173 
LEU 'L-peptide linking' y LEUCINE         ? 'C6 H13 N O2'    131.173 
LYS 'L-peptide linking' y LYSINE          ? 'C6 H15 N2 O2 1' 147.195 
MET 'L-peptide linking' y METHIONINE      ? 'C5 H11 N O2 S'  149.211 
PHE 'L-peptide linking' y PHENYLALANINE   ? 'C9 H11 N O2'    165.189 
PRO 'L-peptide linking' y PROLINE         ? 'C5 H9 N O2'     115.130 
SER 'L-peptide linking' y SERINE          ? 'C3 H7 N O3'     105.093 
THR 'L-peptide linking' y THREONINE       ? 'C4 H9 N O3'     119.119 
TRP 'L-peptide linking' y TRYPTOPHAN      ? 'C11 H12 N2 O2'  204.225 
TYR 'L-peptide linking' y TYROSINE        ? 'C9 H11 N O3'    181.189 
VAL 'L-peptide linking' y VALINE          ? 'C5 H11 N O2'    117.146 
# 
loop_
_pdbx_poly_seq_scheme.asym_id 
_pdbx_poly_seq_scheme.entity_id 
_pdbx_poly_seq_scheme.seq_id 
_pdbx_poly_seq_scheme.mon_id 
_pdbx_poly_seq_scheme.ndb_seq_num 
_pdbx_poly_seq_scheme.pdb_seq_num 
_pdbx_poly_seq_scheme.auth_seq_num 
_pdbx_poly_seq_scheme.pdb_mon_id 
_pdbx_poly_seq_scheme.auth_mon_id 
_pdbx_poly_seq_scheme.pdb_strand_id 
_pdbx_poly_seq_scheme.pdb_ins_code 
_pdbx_poly_seq_scheme.hetero 
A 1 1   GLY 1   1690 1690 GLY GLY A . n 
A 1 2   SER 2   1691 1691 SER SER A . n 
A 1 3   LEU 3   1692 1692 LEU LEU A . n 
A 1 4   PHE 4   1693 1693 PHE PHE A . n 
A 1 5   GLN 5   1694 1694 GLN GLN A . n 
A 1 6   LEU 6   1695 1695 LEU LEU A . n 
A 1 7   LYS 7   1696 1696 LYS LYS A . n 
A 1 8   ARG 8   1697 1697 ARG ARG A . n 
A 1 9   GLU 9   1698 1698 GLU GLU A . n 
A 1 10  THR 10  1699 1699 THR THR A . n 
A 1 11  ASP 11  1700 1700 ASP ASP A . n 
A 1 12  ASP 12  1701 1701 ASP ASP A . n 
A 1 13  LEU 13  1702 1702 LEU LEU A . n 
A 1 14  GLU 14  1703 1703 GLU GLU A . n 
A 1 15  GLN 15  1704 1704 GLN GLN A . n 
A 1 16  TRP 16  1705 1705 TRP TRP A . n 
A 1 17  ILE 17  1706 1706 ILE ILE A . n 
A 1 18  SER 18  1707 1707 SER SER A . n 
A 1 19  GLU 19  1708 1708 GLU GLU A . n 
A 1 20  LYS 20  1709 1709 LYS LYS A . n 
A 1 21  GLU 21  1710 1710 GLU GLU A . n 
A 1 22  LEU 22  1711 1711 LEU LEU A . n 
A 1 23  VAL 23  1712 1712 VAL VAL A . n 
A 1 24  ALA 24  1713 1713 ALA ALA A . n 
A 1 25  SER 25  1714 1714 SER SER A . n 
A 1 26  SER 26  1715 1715 SER SER A . n 
A 1 27  PRO 27  1716 1716 PRO PRO A . n 
A 1 28  GLU 28  1717 1717 GLU GLU A . n 
A 1 29  MET 29  1718 1718 MET MET A . n 
A 1 30  GLY 30  1719 1719 GLY GLY A . n 
A 1 31  GLN 31  1720 1720 GLN GLN A . n 
A 1 32  ASP 32  1721 1721 ASP ASP A . n 
A 1 33  PHE 33  1722 1722 PHE PHE A . n 
A 1 34  ASP 34  1723 1723 ASP ASP A . n 
A 1 35  HIS 35  1724 1724 HIS HIS A . n 
A 1 36  VAL 36  1725 1725 VAL VAL A . n 
A 1 37  THR 37  1726 1726 THR THR A . n 
A 1 38  LEU 38  1727 1727 LEU LEU A . n 
A 1 39  LEU 39  1728 1728 LEU LEU A . n 
A 1 40  ARG 40  1729 1729 ARG ARG A . n 
A 1 41  ASP 41  1730 1730 ASP ASP A . n 
A 1 42  LYS 42  1731 1731 LYS LYS A . n 
A 1 43  PHE 43  1732 1732 PHE PHE A . n 
A 1 44  ARG 44  1733 1733 ARG ARG A . n 
A 1 45  ASP 45  1734 1734 ASP ASP A . n 
A 1 46  PHE 46  1735 1735 PHE PHE A . n 
A 1 47  ALA 47  1736 1736 ALA ALA A . n 
A 1 48  ARG 48  1737 1737 ARG ARG A . n 
A 1 49  GLU 49  1738 1738 GLU GLU A . n 
A 1 50  THR 50  1739 1739 THR THR A . n 
A 1 51  GLY 51  1740 1740 GLY GLY A . n 
A 1 52  ALA 52  1741 1741 ALA ALA A . n 
A 1 53  ILE 53  1742 1742 ILE ILE A . n 
A 1 54  GLY 54  1743 1743 GLY GLY A . n 
A 1 55  GLN 55  1744 1744 GLN GLN A . n 
A 1 56  GLU 56  1745 1745 GLU GLU A . n 
A 1 57  ARG 57  1746 1746 ARG ARG A . n 
A 1 58  VAL 58  1747 1747 VAL VAL A . n 
A 1 59  ASP 59  1748 1748 ASP ASP A . n 
A 1 60  ASN 60  1749 1749 ASN ASN A . n 
A 1 61  VAL 61  1750 1750 VAL VAL A . n 
A 1 62  ASN 62  1751 1751 ASN ASN A . n 
A 1 63  ALA 63  1752 1752 ALA ALA A . n 
A 1 64  PHE 64  1753 1753 PHE PHE A . n 
A 1 65  ILE 65  1754 1754 ILE ILE A . n 
A 1 66  GLU 66  1755 1755 GLU GLU A . n 
A 1 67  ARG 67  1756 1756 ARG ARG A . n 
A 1 68  LEU 68  1757 1757 LEU LEU A . n 
A 1 69  ILE 69  1758 1758 ILE ILE A . n 
A 1 70  ASP 70  1759 1759 ASP ASP A . n 
A 1 71  ALA 71  1760 1760 ALA ALA A . n 
A 1 72  GLY 72  1761 1761 GLY GLY A . n 
A 1 73  HIS 73  1762 1762 HIS HIS A . n 
A 1 74  SER 74  1763 1763 SER SER A . n 
A 1 75  GLU 75  1764 1764 GLU GLU A . n 
A 1 76  ALA 76  1765 1765 ALA ALA A . n 
A 1 77  ALA 77  1766 1766 ALA ALA A . n 
A 1 78  THR 78  1767 1767 THR THR A . n 
A 1 79  ILE 79  1768 1768 ILE ILE A . n 
A 1 80  ALA 80  1769 1769 ALA ALA A . n 
A 1 81  GLU 81  1770 1770 GLU GLU A . n 
A 1 82  TRP 82  1771 1771 TRP TRP A . n 
A 1 83  LYS 83  1772 1772 LYS LYS A . n 
A 1 84  ASP 84  1773 1773 ASP ASP A . n 
A 1 85  GLY 85  1774 1774 GLY GLY A . n 
A 1 86  LEU 86  1775 1775 LEU LEU A . n 
A 1 87  ASN 87  1776 1776 ASN ASN A . n 
A 1 88  GLU 88  1777 1777 GLU GLU A . n 
A 1 89  MET 89  1778 1778 MET MET A . n 
A 1 90  TRP 90  1779 1779 TRP TRP A . n 
A 1 91  ALA 91  1780 1780 ALA ALA A . n 
A 1 92  ASP 92  1781 1781 ASP ASP A . n 
A 1 93  LEU 93  1782 1782 LEU LEU A . n 
A 1 94  LEU 94  1783 1783 LEU LEU A . n 
A 1 95  GLU 95  1784 1784 GLU GLU A . n 
A 1 96  LEU 96  1785 1785 LEU LEU A . n 
A 1 97  ILE 97  1786 1786 ILE ILE A . n 
A 1 98  ASP 98  1787 1787 ASP ASP A . n 
A 1 99  THR 99  1788 1788 THR THR A . n 
A 1 100 ARG 100 1789 1789 ARG ARG A . n 
A 1 101 MET 101 1790 1790 MET MET A . n 
A 1 102 GLN 102 1791 1791 GLN GLN A . n 
A 1 103 LEU 103 1792 1792 LEU LEU A . n 
A 1 104 LEU 104 1793 1793 LEU LEU A . n 
A 1 105 ALA 105 1794 1794 ALA ALA A . n 
A 1 106 ALA 106 1795 1795 ALA ALA A . n 
A 1 107 SER 107 1796 1796 SER SER A . n 
A 1 108 TYR 108 1797 1797 TYR TYR A . n 
A 1 109 ASP 109 1798 1798 ASP ASP A . n 
A 1 110 LEU 110 1799 1799 LEU LEU A . n 
A 1 111 HIS 111 1800 1800 HIS HIS A . n 
A 1 112 ARG 112 1801 1801 ARG ARG A . n 
A 1 113 TYR 113 1802 1802 TYR TYR A . n 
A 1 114 PHE 114 1803 1803 PHE PHE A . n 
A 1 115 TYR 115 1804 1804 TYR TYR A . n 
A 1 116 THR 116 1805 1805 THR THR A . n 
A 1 117 GLY 117 1806 1806 GLY GLY A . n 
A 1 118 ALA 118 1807 1807 ALA ALA A . n 
A 1 119 GLU 119 1808 1808 GLU GLU A . n 
A 1 120 ILE 120 1809 1809 ILE ILE A . n 
A 1 121 LEU 121 1810 1810 LEU LEU A . n 
A 1 122 GLY 122 1811 1811 GLY GLY A . n 
A 1 123 LEU 123 1812 1812 LEU LEU A . n 
A 1 124 ILE 124 1813 1813 ILE ILE A . n 
A 1 125 ASP 125 1814 1814 ASP ASP A . n 
A 1 126 GLU 126 1815 1815 GLU GLU A . n 
A 1 127 LYS 127 1816 1816 LYS LYS A . n 
A 1 128 HIS 128 1817 1817 HIS HIS A . n 
A 1 129 ARG 129 1818 1818 ARG ARG A . n 
A 1 130 GLU 130 1819 1819 GLU GLU A . n 
A 1 131 LEU 131 1820 1820 LEU LEU A . n 
A 1 132 PRO 132 1821 1821 PRO PRO A . n 
A 1 133 GLU 133 1822 ?    ?   ?   A . n 
A 1 134 ASP 134 1823 ?    ?   ?   A . n 
A 1 135 VAL 135 1824 ?    ?   ?   A . n 
A 1 136 GLY 136 1825 ?    ?   ?   A . n 
A 1 137 LEU 137 1826 ?    ?   ?   A . n 
A 1 138 ASP 138 1827 ?    ?   ?   A . n 
A 1 139 ALA 139 1828 ?    ?   ?   A . n 
A 1 140 SER 140 1829 ?    ?   ?   A . n 
A 1 141 THR 141 1830 ?    ?   ?   A . n 
A 1 142 ALA 142 1831 ?    ?   ?   A . n 
A 1 143 GLU 143 1832 ?    ?   ?   A . n 
A 1 144 SER 144 1833 ?    ?   ?   A . n 
A 1 145 PHE 145 1834 ?    ?   ?   A . n 
A 1 146 HIS 146 1835 1835 HIS HIS A . n 
A 1 147 ARG 147 1836 1836 ARG ARG A . n 
A 1 148 VAL 148 1837 1837 VAL VAL A . n 
A 1 149 HIS 149 1838 1838 HIS HIS A . n 
A 1 150 THR 150 1839 1839 THR THR A . n 
A 1 151 ALA 151 1840 1840 ALA ALA A . n 
A 1 152 PHE 152 1841 1841 PHE PHE A . n 
A 1 153 GLU 153 1842 1842 GLU GLU A . n 
A 1 154 ARG 154 1843 1843 ARG ARG A . n 
A 1 155 GLU 155 1844 1844 GLU GLU A . n 
A 1 156 LEU 156 1845 1845 LEU LEU A . n 
A 1 157 HIS 157 1846 1846 HIS HIS A . n 
A 1 158 LEU 158 1847 1847 LEU LEU A . n 
A 1 159 LEU 159 1848 1848 LEU LEU A . n 
A 1 160 GLY 160 1849 1849 GLY GLY A . n 
A 1 161 VAL 161 1850 1850 VAL VAL A . n 
A 1 162 GLN 162 1851 1851 GLN GLN A . n 
A 1 163 VAL 163 1852 1852 VAL VAL A . n 
A 1 164 GLN 164 1853 1853 GLN GLN A . n 
A 1 165 GLN 165 1854 1854 GLN GLN A . n 
A 1 166 PHE 166 1855 1855 PHE PHE A . n 
A 1 167 GLN 167 1856 1856 GLN GLN A . n 
A 1 168 ASP 168 1857 1857 ASP ASP A . n 
A 1 169 VAL 169 1858 1858 VAL VAL A . n 
A 1 170 ALA 170 1859 1859 ALA ALA A . n 
A 1 171 THR 171 1860 1860 THR THR A . n 
A 1 172 ARG 172 1861 1861 ARG ARG A . n 
A 1 173 LEU 173 1862 1862 LEU LEU A . n 
A 1 174 GLN 174 1863 1863 GLN GLN A . n 
A 1 175 THR 175 1864 1864 THR THR A . n 
A 1 176 ALA 176 1865 1865 ALA ALA A . n 
A 1 177 TYR 177 1866 1866 TYR TYR A . n 
A 1 178 ALA 178 1867 1867 ALA ALA A . n 
A 1 179 GLY 179 1868 1868 GLY GLY A . n 
A 1 180 GLU 180 1869 1869 GLU GLU A . n 
A 1 181 LYS 181 1870 1870 LYS LYS A . n 
A 1 182 ALA 182 1871 1871 ALA ALA A . n 
A 1 183 GLU 183 1872 1872 GLU GLU A . n 
A 1 184 ALA 184 1873 1873 ALA ALA A . n 
A 1 185 ILE 185 1874 1874 ILE ILE A . n 
A 1 186 GLN 186 1875 1875 GLN GLN A . n 
A 1 187 ASN 187 1876 1876 ASN ASN A . n 
A 1 188 LYS 188 1877 1877 LYS LYS A . n 
A 1 189 GLU 189 1878 1878 GLU GLU A . n 
A 1 190 GLN 190 1879 1879 GLN GLN A . n 
A 1 191 GLU 191 1880 1880 GLU GLU A . n 
A 1 192 VAL 192 1881 1881 VAL VAL A . n 
A 1 193 SER 193 1882 1882 SER SER A . n 
A 1 194 ALA 194 1883 1883 ALA ALA A . n 
A 1 195 ALA 195 1884 1884 ALA ALA A . n 
A 1 196 TRP 196 1885 1885 TRP TRP A . n 
A 1 197 GLN 197 1886 1886 GLN GLN A . n 
A 1 198 ALA 198 1887 1887 ALA ALA A . n 
A 1 199 LEU 199 1888 1888 LEU LEU A . n 
A 1 200 LEU 200 1889 1889 LEU LEU A . n 
A 1 201 ASP 201 1890 1890 ASP ASP A . n 
A 1 202 ALA 202 1891 1891 ALA ALA A . n 
A 1 203 CYS 203 1892 1892 CYS CYS A . n 
A 1 204 ALA 204 1893 1893 ALA ALA A . n 
A 1 205 GLY 205 1894 ?    ?   ?   A . n 
A 1 206 ARG 206 1895 ?    ?   ?   A . n 
A 1 207 ARG 207 1896 ?    ?   ?   A . n 
A 1 208 THR 208 1897 ?    ?   ?   A . n 
A 1 209 GLN 209 1898 ?    ?   ?   A . n 
A 1 210 LEU 210 1899 ?    ?   ?   A . n 
A 1 211 VAL 211 1900 ?    ?   ?   A . n 
A 1 212 ASP 212 1901 ?    ?   ?   A . n 
A 1 213 THR 213 1902 ?    ?   ?   A . n 
A 1 214 ALA 214 1903 ?    ?   ?   A . n 
A 1 215 ASP 215 1904 ?    ?   ?   A . n 
A 1 216 LYS 216 1905 ?    ?   ?   A . n 
A 1 217 PHE 217 1906 ?    ?   ?   A . n 
A 1 218 ARG 218 1907 ?    ?   ?   A . n 
# 
loop_
_pdbx_nonpoly_scheme.asym_id 
_pdbx_nonpoly_scheme.entity_id 
_pdbx_nonpoly_scheme.mon_id 
_pdbx_nonpoly_scheme.ndb_seq_num 
_pdbx_nonpoly_scheme.pdb_seq_num 
_pdbx_nonpoly_scheme.auth_seq_num 
_pdbx_nonpoly_scheme.pdb_mon_id 
_pdbx_nonpoly_scheme.auth_mon_id 
_pdbx_nonpoly_scheme.pdb_strand_id 
_pdbx_nonpoly_scheme.pdb_ins_code 
B 2 HOH 1   1   1   HOH HOH A . 
B 2 HOH 2   2   2   HOH HOH A . 
B 2 HOH 3   3   3   HOH HOH A . 
B 2 HOH 4   4   4   HOH HOH A . 
B 2 HOH 5   5   5   HOH HOH A . 
B 2 HOH 6   6   6   HOH HOH A . 
B 2 HOH 7   7   7   HOH HOH A . 
B 2 HOH 8   8   8   HOH HOH A . 
B 2 HOH 9   9   9   HOH HOH A . 
B 2 HOH 10  10  10  HOH HOH A . 
B 2 HOH 11  11  11  HOH HOH A . 
B 2 HOH 12  12  12  HOH HOH A . 
B 2 HOH 13  13  13  HOH HOH A . 
B 2 HOH 14  14  14  HOH HOH A . 
B 2 HOH 15  15  15  HOH HOH A . 
B 2 HOH 16  16  16  HOH HOH A . 
B 2 HOH 17  17  17  HOH HOH A . 
B 2 HOH 18  18  18  HOH HOH A . 
B 2 HOH 19  19  19  HOH HOH A . 
B 2 HOH 20  20  20  HOH HOH A . 
B 2 HOH 21  21  21  HOH HOH A . 
B 2 HOH 22  22  22  HOH HOH A . 
B 2 HOH 23  23  23  HOH HOH A . 
B 2 HOH 24  24  24  HOH HOH A . 
B 2 HOH 25  25  25  HOH HOH A . 
B 2 HOH 26  26  26  HOH HOH A . 
B 2 HOH 27  27  27  HOH HOH A . 
B 2 HOH 28  28  28  HOH HOH A . 
B 2 HOH 29  29  29  HOH HOH A . 
B 2 HOH 30  30  30  HOH HOH A . 
B 2 HOH 31  31  31  HOH HOH A . 
B 2 HOH 32  32  32  HOH HOH A . 
B 2 HOH 33  33  33  HOH HOH A . 
B 2 HOH 34  34  34  HOH HOH A . 
B 2 HOH 35  35  35  HOH HOH A . 
B 2 HOH 36  36  36  HOH HOH A . 
B 2 HOH 37  37  37  HOH HOH A . 
B 2 HOH 38  38  38  HOH HOH A . 
B 2 HOH 39  39  39  HOH HOH A . 
B 2 HOH 40  40  40  HOH HOH A . 
B 2 HOH 41  41  41  HOH HOH A . 
B 2 HOH 42  42  42  HOH HOH A . 
B 2 HOH 43  43  43  HOH HOH A . 
B 2 HOH 44  44  44  HOH HOH A . 
B 2 HOH 45  45  45  HOH HOH A . 
B 2 HOH 46  46  46  HOH HOH A . 
B 2 HOH 47  47  47  HOH HOH A . 
B 2 HOH 48  48  48  HOH HOH A . 
B 2 HOH 49  49  49  HOH HOH A . 
B 2 HOH 50  50  50  HOH HOH A . 
B 2 HOH 51  51  51  HOH HOH A . 
B 2 HOH 52  52  52  HOH HOH A . 
B 2 HOH 53  53  53  HOH HOH A . 
B 2 HOH 54  54  54  HOH HOH A . 
B 2 HOH 55  55  55  HOH HOH A . 
B 2 HOH 56  56  56  HOH HOH A . 
B 2 HOH 57  57  57  HOH HOH A . 
B 2 HOH 58  58  58  HOH HOH A . 
B 2 HOH 59  59  59  HOH HOH A . 
B 2 HOH 60  60  60  HOH HOH A . 
B 2 HOH 61  61  61  HOH HOH A . 
B 2 HOH 62  62  62  HOH HOH A . 
B 2 HOH 63  63  63  HOH HOH A . 
B 2 HOH 64  64  64  HOH HOH A . 
B 2 HOH 65  65  65  HOH HOH A . 
B 2 HOH 66  66  66  HOH HOH A . 
B 2 HOH 67  67  67  HOH HOH A . 
B 2 HOH 68  68  68  HOH HOH A . 
B 2 HOH 69  69  69  HOH HOH A . 
B 2 HOH 70  70  70  HOH HOH A . 
B 2 HOH 71  71  71  HOH HOH A . 
B 2 HOH 72  72  72  HOH HOH A . 
B 2 HOH 73  73  73  HOH HOH A . 
B 2 HOH 74  74  74  HOH HOH A . 
B 2 HOH 75  75  75  HOH HOH A . 
B 2 HOH 76  76  76  HOH HOH A . 
B 2 HOH 77  77  77  HOH HOH A . 
B 2 HOH 78  78  78  HOH HOH A . 
B 2 HOH 79  79  79  HOH HOH A . 
B 2 HOH 80  80  80  HOH HOH A . 
B 2 HOH 81  81  81  HOH HOH A . 
B 2 HOH 82  82  82  HOH HOH A . 
B 2 HOH 83  83  83  HOH HOH A . 
B 2 HOH 84  84  84  HOH HOH A . 
B 2 HOH 85  85  85  HOH HOH A . 
B 2 HOH 86  86  86  HOH HOH A . 
B 2 HOH 87  87  87  HOH HOH A . 
B 2 HOH 88  88  88  HOH HOH A . 
B 2 HOH 89  89  89  HOH HOH A . 
B 2 HOH 90  90  90  HOH HOH A . 
B 2 HOH 91  91  91  HOH HOH A . 
B 2 HOH 92  92  92  HOH HOH A . 
B 2 HOH 93  93  93  HOH HOH A . 
B 2 HOH 94  94  94  HOH HOH A . 
B 2 HOH 95  95  95  HOH HOH A . 
B 2 HOH 96  96  96  HOH HOH A . 
B 2 HOH 97  97  97  HOH HOH A . 
B 2 HOH 98  98  98  HOH HOH A . 
B 2 HOH 99  99  99  HOH HOH A . 
B 2 HOH 100 100 100 HOH HOH A . 
B 2 HOH 101 101 101 HOH HOH A . 
B 2 HOH 102 102 102 HOH HOH A . 
B 2 HOH 103 103 103 HOH HOH A . 
B 2 HOH 104 104 104 HOH HOH A . 
B 2 HOH 105 105 105 HOH HOH A . 
B 2 HOH 106 106 106 HOH HOH A . 
B 2 HOH 107 107 107 HOH HOH A . 
B 2 HOH 108 108 108 HOH HOH A . 
B 2 HOH 109 109 109 HOH HOH A . 
B 2 HOH 110 110 110 HOH HOH A . 
B 2 HOH 111 111 111 HOH HOH A . 
B 2 HOH 112 112 112 HOH HOH A . 
B 2 HOH 113 113 113 HOH HOH A . 
B 2 HOH 114 114 114 HOH HOH A . 
B 2 HOH 115 115 115 HOH HOH A . 
B 2 HOH 116 116 116 HOH HOH A . 
B 2 HOH 117 117 117 HOH HOH A . 
B 2 HOH 118 118 118 HOH HOH A . 
B 2 HOH 119 119 119 HOH HOH A . 
B 2 HOH 120 120 120 HOH HOH A . 
B 2 HOH 121 121 121 HOH HOH A . 
B 2 HOH 122 122 122 HOH HOH A . 
B 2 HOH 123 123 123 HOH HOH A . 
B 2 HOH 124 124 124 HOH HOH A . 
B 2 HOH 125 125 125 HOH HOH A . 
B 2 HOH 126 126 126 HOH HOH A . 
B 2 HOH 127 127 127 HOH HOH A . 
B 2 HOH 128 128 128 HOH HOH A . 
B 2 HOH 129 129 129 HOH HOH A . 
B 2 HOH 130 130 130 HOH HOH A . 
B 2 HOH 131 131 131 HOH HOH A . 
B 2 HOH 132 132 132 HOH HOH A . 
B 2 HOH 133 133 133 HOH HOH A . 
B 2 HOH 134 134 134 HOH HOH A . 
B 2 HOH 135 135 135 HOH HOH A . 
B 2 HOH 136 136 136 HOH HOH A . 
# 
loop_
_pdbx_unobs_or_zero_occ_atoms.id 
_pdbx_unobs_or_zero_occ_atoms.PDB_model_num 
_pdbx_unobs_or_zero_occ_atoms.polymer_flag 
_pdbx_unobs_or_zero_occ_atoms.occupancy_flag 
_pdbx_unobs_or_zero_occ_atoms.auth_asym_id 
_pdbx_unobs_or_zero_occ_atoms.auth_comp_id 
_pdbx_unobs_or_zero_occ_atoms.auth_seq_id 
_pdbx_unobs_or_zero_occ_atoms.PDB_ins_code 
_pdbx_unobs_or_zero_occ_atoms.auth_atom_id 
_pdbx_unobs_or_zero_occ_atoms.label_alt_id 
_pdbx_unobs_or_zero_occ_atoms.label_asym_id 
_pdbx_unobs_or_zero_occ_atoms.label_comp_id 
_pdbx_unobs_or_zero_occ_atoms.label_seq_id 
_pdbx_unobs_or_zero_occ_atoms.label_atom_id 
1  1 Y 1 A GLU 1770 ? CD  ? A GLU 81  CD  
2  1 Y 1 A GLU 1770 ? OE1 ? A GLU 81  OE1 
3  1 Y 1 A GLU 1770 ? OE2 ? A GLU 81  OE2 
4  1 Y 1 A ARG 1801 ? CZ  ? A ARG 112 CZ  
5  1 Y 1 A ARG 1801 ? NH1 ? A ARG 112 NH1 
6  1 Y 1 A ARG 1801 ? NH2 ? A ARG 112 NH2 
7  1 Y 1 A GLU 1815 ? CG  ? A GLU 126 CG  
8  1 Y 1 A GLU 1815 ? CD  ? A GLU 126 CD  
9  1 Y 1 A GLU 1815 ? OE1 ? A GLU 126 OE1 
10 1 Y 1 A GLU 1815 ? OE2 ? A GLU 126 OE2 
11 1 Y 1 A HIS 1835 ? CG  ? A HIS 146 CG  
12 1 Y 1 A HIS 1835 ? ND1 ? A HIS 146 ND1 
13 1 Y 1 A HIS 1835 ? CD2 ? A HIS 146 CD2 
14 1 Y 1 A HIS 1835 ? CE1 ? A HIS 146 CE1 
15 1 Y 1 A HIS 1835 ? NE2 ? A HIS 146 NE2 
16 1 Y 1 A ARG 1836 ? CG  ? A ARG 147 CG  
17 1 Y 1 A ARG 1836 ? CD  ? A ARG 147 CD  
18 1 Y 1 A ARG 1836 ? NE  ? A ARG 147 NE  
19 1 Y 1 A ARG 1836 ? CZ  ? A ARG 147 CZ  
20 1 Y 1 A ARG 1836 ? NH1 ? A ARG 147 NH1 
21 1 Y 1 A ARG 1836 ? NH2 ? A ARG 147 NH2 
22 1 Y 1 A HIS 1838 ? CG  ? A HIS 149 CG  
23 1 Y 1 A HIS 1838 ? ND1 ? A HIS 149 ND1 
24 1 Y 1 A HIS 1838 ? CD2 ? A HIS 149 CD2 
25 1 Y 1 A HIS 1838 ? CE1 ? A HIS 149 CE1 
26 1 Y 1 A HIS 1838 ? NE2 ? A HIS 149 NE2 
27 1 Y 1 A GLU 1842 ? CG  ? A GLU 153 CG  
28 1 Y 1 A GLU 1842 ? CD  ? A GLU 153 CD  
29 1 Y 1 A GLU 1842 ? OE1 ? A GLU 153 OE1 
30 1 Y 1 A GLU 1842 ? OE2 ? A GLU 153 OE2 
31 1 Y 1 A LEU 1847 ? CG  ? A LEU 158 CG  
32 1 Y 1 A LEU 1847 ? CD1 ? A LEU 158 CD1 
33 1 Y 1 A LEU 1847 ? CD2 ? A LEU 158 CD2 
34 1 Y 1 A GLU 1869 ? CD  ? A GLU 180 CD  
35 1 Y 1 A GLU 1869 ? OE1 ? A GLU 180 OE1 
36 1 Y 1 A GLU 1869 ? OE2 ? A GLU 180 OE2 
37 1 Y 1 A GLU 1872 ? CD  ? A GLU 183 CD  
38 1 Y 1 A GLU 1872 ? OE1 ? A GLU 183 OE1 
39 1 Y 1 A GLU 1872 ? OE2 ? A GLU 183 OE2 
# 
loop_
_software.name 
_software.classification 
_software.version 
_software.citation_id 
_software.pdbx_ordinal 
CBASS    'data collection' . ? 1 
SHELXS   phasing           . ? 2 
PHENIX   refinement        . ? 3 
HKL-2000 'data reduction'  . ? 4 
HKL-2000 'data scaling'    . ? 5 
# 
_cell.entry_id           3EDU 
_cell.length_a           74.823 
_cell.length_b           111.746 
_cell.length_c           127.734 
_cell.angle_alpha        90.00 
_cell.angle_beta         90.00 
_cell.angle_gamma        90.00 
_cell.Z_PDB              16 
_cell.pdbx_unique_axis   ? 
_cell.length_a_esd       ? 
_cell.length_b_esd       ? 
_cell.length_c_esd       ? 
_cell.angle_alpha_esd    ? 
_cell.angle_beta_esd     ? 
_cell.angle_gamma_esd    ? 
# 
_symmetry.entry_id                         3EDU 
_symmetry.space_group_name_H-M             'F 2 2 2' 
_symmetry.pdbx_full_space_group_name_H-M   ? 
_symmetry.cell_setting                     ? 
_symmetry.Int_Tables_number                22 
_symmetry.space_group_name_Hall            ? 
# 
_exptl.entry_id          3EDU 
_exptl.method            'X-RAY DIFFRACTION' 
_exptl.crystals_number   2 
# 
_exptl_crystal.id                    1 
_exptl_crystal.density_meas          ? 
_exptl_crystal.density_Matthews      2.69 
_exptl_crystal.density_percent_sol   54.28 
_exptl_crystal.description           ? 
_exptl_crystal.F_000                 ? 
_exptl_crystal.preparation           ? 
# 
_exptl_crystal_grow.crystal_id      1 
_exptl_crystal_grow.method          'VAPOR DIFFUSION, SITTING DROP' 
_exptl_crystal_grow.temp            289 
_exptl_crystal_grow.temp_details    ? 
_exptl_crystal_grow.pH              6.2 
_exptl_crystal_grow.pdbx_pH_range   ? 
_exptl_crystal_grow.pdbx_details    
'0.1M bis-tris-propane, pH 6.2, 0.2M KSCN, 20% PEG 3,350, 3-10mM spermine, VAPOR DIFFUSION, SITTING DROP, temperature 289K' 
# 
loop_
_diffrn.id 
_diffrn.ambient_temp 
_diffrn.ambient_temp_details 
_diffrn.crystal_id 
1 77 ? 1 
2 77 ? 1 
# 
loop_
_diffrn_detector.diffrn_id 
_diffrn_detector.detector 
_diffrn_detector.type 
_diffrn_detector.pdbx_collection_date 
_diffrn_detector.details 
1 CCD 'ADSC QUANTUM 315' 2008-06-05 ? 
2 CCD 'ADSC QUANTUM 315' 2008-07-05 ? 
# 
loop_
_diffrn_radiation.diffrn_id 
_diffrn_radiation.wavelength_id 
_diffrn_radiation.pdbx_monochromatic_or_laue_m_l 
_diffrn_radiation.monochromator 
_diffrn_radiation.pdbx_diffrn_protocol 
_diffrn_radiation.pdbx_scattering_type 
1 1 M ? 'SINGLE WAVELENGTH' x-ray 
2 1 M ? 'SINGLE WAVELENGTH' x-ray 
# 
_diffrn_radiation_wavelength.id           1 
_diffrn_radiation_wavelength.wavelength   0.9793 
_diffrn_radiation_wavelength.wt           1.0 
# 
loop_
_diffrn_source.diffrn_id 
_diffrn_source.source 
_diffrn_source.type 
_diffrn_source.pdbx_synchrotron_site 
_diffrn_source.pdbx_synchrotron_beamline 
_diffrn_source.pdbx_wavelength 
_diffrn_source.pdbx_wavelength_list 
1 SYNCHROTRON 'APS BEAMLINE 24-ID-E' APS 24-ID-E ? 0.9793 
2 SYNCHROTRON 'APS BEAMLINE 24-ID-E' APS 24-ID-E ? 0.9793 
# 
_reflns.entry_id                     3EDU 
_reflns.observed_criterion_sigma_I   0 
_reflns.observed_criterion_sigma_F   0 
_reflns.d_resolution_low             31 
_reflns.d_resolution_high            2.1 
_reflns.number_obs                   15696 
_reflns.number_all                   15823 
_reflns.percent_possible_obs         99.2 
_reflns.pdbx_Rmerge_I_obs            ? 
_reflns.pdbx_Rsym_value              0.08 
_reflns.pdbx_netI_over_sigmaI        ? 
_reflns.B_iso_Wilson_estimate        48.2 
_reflns.pdbx_redundancy              11.5 
_reflns.R_free_details               ? 
_reflns.limit_h_max                  ? 
_reflns.limit_h_min                  ? 
_reflns.limit_k_max                  ? 
_reflns.limit_k_min                  ? 
_reflns.limit_l_max                  ? 
_reflns.limit_l_min                  ? 
_reflns.observed_criterion_F_max     ? 
_reflns.observed_criterion_F_min     ? 
_reflns.pdbx_chi_squared             ? 
_reflns.pdbx_scaling_rejects         ? 
_reflns.pdbx_ordinal                 1 
_reflns.pdbx_diffrn_id               1,2 
# 
_reflns_shell.d_res_high             2.1 
_reflns_shell.d_res_low              2.2 
_reflns_shell.percent_possible_all   96.3 
_reflns_shell.Rmerge_I_obs           ? 
_reflns_shell.pdbx_Rsym_value        0.52 
_reflns_shell.meanI_over_sigI_obs    3.0 
_reflns_shell.pdbx_redundancy        6.3 
_reflns_shell.percent_possible_obs   ? 
_reflns_shell.number_unique_all      ? 
_reflns_shell.number_measured_all    ? 
_reflns_shell.number_measured_obs    ? 
_reflns_shell.number_unique_obs      ? 
_reflns_shell.pdbx_chi_squared       ? 
_reflns_shell.pdbx_ordinal           1 
_reflns_shell.pdbx_diffrn_id         1,2 
# 
_refine.entry_id                                 3EDU 
_refine.ls_number_reflns_obs                     15692 
_refine.ls_number_reflns_all                     15692 
_refine.pdbx_ls_sigma_I                          ? 
_refine.pdbx_ls_sigma_F                          1.34 
_refine.pdbx_data_cutoff_high_absF               ? 
_refine.pdbx_data_cutoff_low_absF                ? 
_refine.pdbx_data_cutoff_high_rms_absF           ? 
_refine.ls_d_res_low                             31 
_refine.ls_d_res_high                            2.100 
_refine.ls_percent_reflns_obs                    99.20 
_refine.ls_R_factor_obs                          0.2148 
_refine.ls_R_factor_all                          ? 
_refine.ls_R_factor_R_work                       0.2103 
_refine.ls_R_factor_R_free                       0.2518 
_refine.ls_R_factor_R_free_error                 ? 
_refine.ls_R_factor_R_free_error_details         ? 
_refine.ls_percent_reflns_R_free                 9.96 
_refine.ls_number_reflns_R_free                  1563 
_refine.ls_number_parameters                     ? 
_refine.ls_number_restraints                     ? 
_refine.occupancy_min                            ? 
_refine.occupancy_max                            ? 
_refine.correlation_coeff_Fo_to_Fc               ? 
_refine.correlation_coeff_Fo_to_Fc_free          ? 
_refine.B_iso_mean                               58.4 
_refine.aniso_B[1][1]                            ? 
_refine.aniso_B[2][2]                            ? 
_refine.aniso_B[3][3]                            ? 
_refine.aniso_B[1][2]                            ? 
_refine.aniso_B[1][3]                            ? 
_refine.aniso_B[2][3]                            ? 
_refine.solvent_model_details                    'FLAT BULK SOLVENT MODEL' 
_refine.solvent_model_param_ksol                 0.382 
_refine.solvent_model_param_bsol                 85.458 
_refine.pdbx_solvent_vdw_probe_radii             0.80 
_refine.pdbx_solvent_ion_probe_radii             ? 
_refine.pdbx_solvent_shrinkage_radii             0.80 
_refine.pdbx_ls_cross_valid_method               ? 
_refine.details                                  ? 
_refine.pdbx_starting_model                      ? 
_refine.pdbx_method_to_determine_struct          SAD 
_refine.pdbx_isotropic_thermal_model             ? 
_refine.pdbx_stereochemistry_target_values       ML 
_refine.pdbx_stereochem_target_val_spec_case     ? 
_refine.pdbx_R_Free_selection_details            ? 
_refine.pdbx_overall_ESU_R_Free                  ? 
_refine.overall_SU_ML                            0.29 
_refine.pdbx_overall_phase_error                 ? 
_refine.overall_SU_B                             ? 
_refine.ls_redundancy_reflns_obs                 ? 
_refine.B_iso_min                                ? 
_refine.B_iso_max                                ? 
_refine.overall_SU_R_Cruickshank_DPI             ? 
_refine.overall_SU_R_free                        ? 
_refine.ls_wR_factor_R_free                      ? 
_refine.ls_wR_factor_R_work                      ? 
_refine.overall_FOM_free_R_set                   ? 
_refine.overall_FOM_work_R_set                   ? 
_refine.pdbx_refine_id                           'X-RAY DIFFRACTION' 
_refine.pdbx_overall_ESU_R                       ? 
_refine.pdbx_diffrn_id                           1,2 
_refine.pdbx_TLS_residual_ADP_flag               ? 
_refine.pdbx_overall_SU_R_free_Cruickshank_DPI   ? 
_refine.pdbx_overall_SU_R_Blow_DPI               ? 
_refine.pdbx_overall_SU_R_free_Blow_DPI          ? 
# 
_refine_hist.pdbx_refine_id                   'X-RAY DIFFRACTION' 
_refine_hist.cycle_id                         LAST 
_refine_hist.pdbx_number_atoms_protein        1499 
_refine_hist.pdbx_number_atoms_nucleic_acid   0 
_refine_hist.pdbx_number_atoms_ligand         0 
_refine_hist.number_atoms_solvent             136 
_refine_hist.number_atoms_total               1635 
_refine_hist.d_res_high                       2.100 
_refine_hist.d_res_low                        31 
# 
loop_
_refine_ls_restr.type 
_refine_ls_restr.dev_ideal 
_refine_ls_restr.dev_ideal_target 
_refine_ls_restr.weight 
_refine_ls_restr.number 
_refine_ls_restr.pdbx_refine_id 
_refine_ls_restr.pdbx_restraint_function 
f_bond_d           0.007  ? ? 1563 'X-RAY DIFFRACTION' ? 
f_angle_d          0.860  ? ? 2127 'X-RAY DIFFRACTION' ? 
f_dihedral_angle_d 16.918 ? ? 569  'X-RAY DIFFRACTION' ? 
f_chiral_restr     0.053  ? ? 242  'X-RAY DIFFRACTION' ? 
f_plane_restr      0.003  ? ? 278  'X-RAY DIFFRACTION' ? 
# 
loop_
_refine_ls_shell.pdbx_total_number_of_bins_used 
_refine_ls_shell.d_res_high 
_refine_ls_shell.d_res_low 
_refine_ls_shell.number_reflns_R_work 
_refine_ls_shell.R_factor_R_work 
_refine_ls_shell.percent_reflns_obs 
_refine_ls_shell.R_factor_R_free 
_refine_ls_shell.R_factor_R_free_error 
_refine_ls_shell.percent_reflns_R_free 
_refine_ls_shell.number_reflns_R_free 
_refine_ls_shell.number_reflns_all 
_refine_ls_shell.R_factor_all 
_refine_ls_shell.redundancy_reflns_obs 
_refine_ls_shell.number_reflns_obs 
_refine_ls_shell.pdbx_refine_id 
. 2.100  2.1678  1209 0.2249 95.00  0.2541 . . 139 . . . . 'X-RAY DIFFRACTION' 
. 2.1678 2.2453  1270 0.2276 98.00  0.2899 . . 134 . . . . 'X-RAY DIFFRACTION' 
. 2.2453 2.3352  1231 0.2374 99.00  0.2850 . . 150 . . . . 'X-RAY DIFFRACTION' 
. 2.3352 2.4414  1298 0.2047 100.00 0.2719 . . 116 . . . . 'X-RAY DIFFRACTION' 
. 2.4414 2.5701  1305 0.2105 100.00 0.2697 . . 135 . . . . 'X-RAY DIFFRACTION' 
. 2.5701 2.7310  1282 0.2104 100.00 0.2764 . . 140 . . . . 'X-RAY DIFFRACTION' 
. 2.7310 2.9418  1289 0.2146 100.00 0.2889 . . 143 . . . . 'X-RAY DIFFRACTION' 
. 2.9418 3.2376  1307 0.2110 100.00 0.2514 . . 129 . . . . 'X-RAY DIFFRACTION' 
. 3.2376 3.7054  1291 0.1949 100.00 0.2323 . . 151 . . . . 'X-RAY DIFFRACTION' 
. 3.7054 4.6662  1299 0.1784 100.00 0.2175 . . 158 . . . . 'X-RAY DIFFRACTION' 
. 4.6662 32.2677 1348 0.2204 100.00 0.2350 . . 168 . . . . 'X-RAY DIFFRACTION' 
# 
_struct.entry_id                  3EDU 
_struct.title                     'Crystal structure of the ankyrin-binding domain of human erythroid spectrin' 
_struct.pdbx_model_details        ? 
_struct.pdbx_CASP_flag            ? 
_struct.pdbx_model_type_details   ? 
# 
_struct_keywords.entry_id        3EDU 
_struct_keywords.pdbx_keywords   'STRUCTURAL PROTEIN' 
_struct_keywords.text            
;spectrin, ankyrin, ankyrin-binding domain, Actin capping, Actin-binding, Cytoskeleton, Disease mutation, Elliptocytosis, Hereditary hemolytic anemia, Phosphoprotein, STRUCTURAL PROTEIN
;
# 
loop_
_struct_asym.id 
_struct_asym.pdbx_blank_PDB_chainid_flag 
_struct_asym.pdbx_modified 
_struct_asym.entity_id 
_struct_asym.details 
A N N 1 ? 
B N N 2 ? 
# 
_struct_ref.id                         1 
_struct_ref.db_name                    UNP 
_struct_ref.db_code                    SPTB1_HUMAN 
_struct_ref.pdbx_db_accession          P11277 
_struct_ref.entity_id                  1 
_struct_ref.pdbx_seq_one_letter_code   
;LFQLKRETDDLEQWISEKELVASSPEMGQDFDHVTLLRDKFRDFARETGAIGQERVDNVNAFIERLIDAGHSEAATIAEW
KDGLNEMWADLLELIDTRMQLLAASYDLHRYFYTGAEILGLIDEKHRELPEDVGLDASTAESFHRVHTAFERELHLLGVQ
VQQFQDVATRLQTAYAGEKAEAIQNKEQEVSAAWQALLDACAGRRTQLVDTADKFR
;
_struct_ref.pdbx_align_begin           1692 
_struct_ref.pdbx_db_isoform            ? 
# 
_struct_ref_seq.align_id                      1 
_struct_ref_seq.ref_id                        1 
_struct_ref_seq.pdbx_PDB_id_code              3EDU 
_struct_ref_seq.pdbx_strand_id                A 
_struct_ref_seq.seq_align_beg                 3 
_struct_ref_seq.pdbx_seq_align_beg_ins_code   ? 
_struct_ref_seq.seq_align_end                 218 
_struct_ref_seq.pdbx_seq_align_end_ins_code   ? 
_struct_ref_seq.pdbx_db_accession             P11277 
_struct_ref_seq.db_align_beg                  1692 
_struct_ref_seq.pdbx_db_align_beg_ins_code    ? 
_struct_ref_seq.db_align_end                  1907 
_struct_ref_seq.pdbx_db_align_end_ins_code    ? 
_struct_ref_seq.pdbx_auth_seq_align_beg       1692 
_struct_ref_seq.pdbx_auth_seq_align_end       1907 
# 
loop_
_struct_ref_seq_dif.align_id 
_struct_ref_seq_dif.pdbx_pdb_id_code 
_struct_ref_seq_dif.mon_id 
_struct_ref_seq_dif.pdbx_pdb_strand_id 
_struct_ref_seq_dif.seq_num 
_struct_ref_seq_dif.pdbx_pdb_ins_code 
_struct_ref_seq_dif.pdbx_seq_db_name 
_struct_ref_seq_dif.pdbx_seq_db_accession_code 
_struct_ref_seq_dif.db_mon_id 
_struct_ref_seq_dif.pdbx_seq_db_seq_num 
_struct_ref_seq_dif.details 
_struct_ref_seq_dif.pdbx_auth_seq_num 
_struct_ref_seq_dif.pdbx_ordinal 
1 3EDU GLY A 1 ? UNP P11277 ? ? 'expression tag' 1690 1 
1 3EDU SER A 2 ? UNP P11277 ? ? 'expression tag' 1691 2 
# 
_pdbx_struct_assembly.id                   1 
_pdbx_struct_assembly.details              author_and_software_defined_assembly 
_pdbx_struct_assembly.method_details       PISA 
_pdbx_struct_assembly.oligomeric_details   monomeric 
_pdbx_struct_assembly.oligomeric_count     1 
# 
_pdbx_struct_assembly_gen.assembly_id       1 
_pdbx_struct_assembly_gen.oper_expression   1 
_pdbx_struct_assembly_gen.asym_id_list      A,B 
# 
_pdbx_struct_oper_list.id                   1 
_pdbx_struct_oper_list.type                 'identity operation' 
_pdbx_struct_oper_list.name                 1_555 
_pdbx_struct_oper_list.symmetry_operation   x,y,z 
_pdbx_struct_oper_list.matrix[1][1]         1.0000000000 
_pdbx_struct_oper_list.matrix[1][2]         0.0000000000 
_pdbx_struct_oper_list.matrix[1][3]         0.0000000000 
_pdbx_struct_oper_list.vector[1]            0.0000000000 
_pdbx_struct_oper_list.matrix[2][1]         0.0000000000 
_pdbx_struct_oper_list.matrix[2][2]         1.0000000000 
_pdbx_struct_oper_list.matrix[2][3]         0.0000000000 
_pdbx_struct_oper_list.vector[2]            0.0000000000 
_pdbx_struct_oper_list.matrix[3][1]         0.0000000000 
_pdbx_struct_oper_list.matrix[3][2]         0.0000000000 
_pdbx_struct_oper_list.matrix[3][3]         1.0000000000 
_pdbx_struct_oper_list.vector[3]            0.0000000000 
# 
_struct_biol.id        1 
_struct_biol.details   ? 
# 
loop_
_struct_conf.conf_type_id 
_struct_conf.id 
_struct_conf.pdbx_PDB_helix_id 
_struct_conf.beg_label_comp_id 
_struct_conf.beg_label_asym_id 
_struct_conf.beg_label_seq_id 
_struct_conf.pdbx_beg_PDB_ins_code 
_struct_conf.end_label_comp_id 
_struct_conf.end_label_asym_id 
_struct_conf.end_label_seq_id 
_struct_conf.pdbx_end_PDB_ins_code 
_struct_conf.beg_auth_comp_id 
_struct_conf.beg_auth_asym_id 
_struct_conf.beg_auth_seq_id 
_struct_conf.end_auth_comp_id 
_struct_conf.end_auth_asym_id 
_struct_conf.end_auth_seq_id 
_struct_conf.pdbx_PDB_helix_class 
_struct_conf.details 
_struct_conf.pdbx_PDB_helix_length 
HELX_P HELX_P1 1 SER A 2   ? SER A 25  ? SER A 1691 SER A 1714 1 ? 24 
HELX_P HELX_P2 2 ASP A 32  ? ALA A 71  ? ASP A 1721 ALA A 1760 1 ? 40 
HELX_P HELX_P3 3 GLU A 75  ? GLU A 130 ? GLU A 1764 GLU A 1819 1 ? 56 
HELX_P HELX_P4 4 VAL A 148 ? THR A 175 ? VAL A 1837 THR A 1864 1 ? 28 
HELX_P HELX_P5 5 ALA A 178 ? CYS A 203 ? ALA A 1867 CYS A 1892 1 ? 26 
# 
_struct_conf_type.id          HELX_P 
_struct_conf_type.criteria    ? 
_struct_conf_type.reference   ? 
# 
_pdbx_struct_special_symmetry.id              1 
_pdbx_struct_special_symmetry.PDB_model_num   1 
_pdbx_struct_special_symmetry.auth_asym_id    A 
_pdbx_struct_special_symmetry.auth_comp_id    HOH 
_pdbx_struct_special_symmetry.auth_seq_id     62 
_pdbx_struct_special_symmetry.PDB_ins_code    ? 
_pdbx_struct_special_symmetry.label_asym_id   B 
_pdbx_struct_special_symmetry.label_comp_id   HOH 
_pdbx_struct_special_symmetry.label_seq_id    . 
# 
loop_
_pdbx_refine_tls.id 
_pdbx_refine_tls.details 
_pdbx_refine_tls.method 
_pdbx_refine_tls.origin_x 
_pdbx_refine_tls.origin_y 
_pdbx_refine_tls.origin_z 
_pdbx_refine_tls.T[1][1] 
_pdbx_refine_tls.T[2][2] 
_pdbx_refine_tls.T[3][3] 
_pdbx_refine_tls.T[1][2] 
_pdbx_refine_tls.T[1][3] 
_pdbx_refine_tls.T[2][3] 
_pdbx_refine_tls.L[1][1] 
_pdbx_refine_tls.L[2][2] 
_pdbx_refine_tls.L[3][3] 
_pdbx_refine_tls.L[1][2] 
_pdbx_refine_tls.L[1][3] 
_pdbx_refine_tls.L[2][3] 
_pdbx_refine_tls.S[1][1] 
_pdbx_refine_tls.S[1][2] 
_pdbx_refine_tls.S[1][3] 
_pdbx_refine_tls.S[2][1] 
_pdbx_refine_tls.S[2][2] 
_pdbx_refine_tls.S[2][3] 
_pdbx_refine_tls.S[3][1] 
_pdbx_refine_tls.S[3][2] 
_pdbx_refine_tls.S[3][3] 
_pdbx_refine_tls.pdbx_refine_id 
1 ? refined -9.5390 -12.1363 9.4099   0.3563 0.2708 0.2496 -0.0156 -0.0117 -0.0252 2.1355 1.7872 0.3392 1.5262  -0.2223 -0.6736 0.0121  -0.1497 -0.3703 -0.1796 -0.1015 -0.1245 0.2661  -0.0779 -0.1171 'X-RAY DIFFRACTION' 
2 ? refined 15.5200 12.0239  -16.9869 0.5425 0.7607 0.1850 -0.4140 0.0522  -0.1052 1.1845 0.7688 1.0254 -0.6021 -1.6184 0.0060  -1.3430 1.2731  -0.7985 -0.7829 0.4749  0.2945  0.9933  0.0689  -0.0940 'X-RAY DIFFRACTION' 
3 ? refined 12.7036 18.2020  -12.1762 0.2853 0.7714 0.4336 -0.1902 -0.0343 0.2411  0.8388 1.2884 0.7858 0.8956  -1.0023 0.6886  -0.4612 0.9032  0.6954  0.0108  0.6961  0.5031  -0.2803 -0.0825 -0.3787 'X-RAY DIFFRACTION' 
# 
loop_
_pdbx_refine_tls_group.id 
_pdbx_refine_tls_group.refine_tls_id 
_pdbx_refine_tls_group.beg_auth_asym_id 
_pdbx_refine_tls_group.beg_auth_seq_id 
_pdbx_refine_tls_group.beg_label_asym_id 
_pdbx_refine_tls_group.beg_label_seq_id 
_pdbx_refine_tls_group.end_auth_asym_id 
_pdbx_refine_tls_group.end_auth_seq_id 
_pdbx_refine_tls_group.end_label_asym_id 
_pdbx_refine_tls_group.end_label_seq_id 
_pdbx_refine_tls_group.selection 
_pdbx_refine_tls_group.selection_details 
_pdbx_refine_tls_group.pdbx_refine_id 
1 1 ? ? ? ? ? ? ? ? ? 'resid 1690:1798' 'X-RAY DIFFRACTION' 
2 2 ? ? ? ? ? ? ? ? ? 'resid 1799:1821' 'X-RAY DIFFRACTION' 
3 3 ? ? ? ? ? ? ? ? ? 'resid 1835:1893' 'X-RAY DIFFRACTION' 
# 
loop_
_pdbx_unobs_or_zero_occ_residues.id 
_pdbx_unobs_or_zero_occ_residues.PDB_model_num 
_pdbx_unobs_or_zero_occ_residues.polymer_flag 
_pdbx_unobs_or_zero_occ_residues.occupancy_flag 
_pdbx_unobs_or_zero_occ_residues.auth_asym_id 
_pdbx_unobs_or_zero_occ_residues.auth_comp_id 
_pdbx_unobs_or_zero_occ_residues.auth_seq_id 
_pdbx_unobs_or_zero_occ_residues.PDB_ins_code 
_pdbx_unobs_or_zero_occ_residues.label_asym_id 
_pdbx_unobs_or_zero_occ_residues.label_comp_id 
_pdbx_unobs_or_zero_occ_residues.label_seq_id 
1  1 Y 1 A GLU 1822 ? A GLU 133 
2  1 Y 1 A ASP 1823 ? A ASP 134 
3  1 Y 1 A VAL 1824 ? A VAL 135 
4  1 Y 1 A GLY 1825 ? A GLY 136 
5  1 Y 1 A LEU 1826 ? A LEU 137 
6  1 Y 1 A ASP 1827 ? A ASP 138 
7  1 Y 1 A ALA 1828 ? A ALA 139 
8  1 Y 1 A SER 1829 ? A SER 140 
9  1 Y 1 A THR 1830 ? A THR 141 
10 1 Y 1 A ALA 1831 ? A ALA 142 
11 1 Y 1 A GLU 1832 ? A GLU 143 
12 1 Y 1 A SER 1833 ? A SER 144 
13 1 Y 1 A PHE 1834 ? A PHE 145 
14 1 Y 1 A GLY 1894 ? A GLY 205 
15 1 Y 1 A ARG 1895 ? A ARG 206 
16 1 Y 1 A ARG 1896 ? A ARG 207 
17 1 Y 1 A THR 1897 ? A THR 208 
18 1 Y 1 A GLN 1898 ? A GLN 209 
19 1 Y 1 A LEU 1899 ? A LEU 210 
20 1 Y 1 A VAL 1900 ? A VAL 211 
21 1 Y 1 A ASP 1901 ? A ASP 212 
22 1 Y 1 A THR 1902 ? A THR 213 
23 1 Y 1 A ALA 1903 ? A ALA 214 
24 1 Y 1 A ASP 1904 ? A ASP 215 
25 1 Y 1 A LYS 1905 ? A LYS 216 
26 1 Y 1 A PHE 1906 ? A PHE 217 
27 1 Y 1 A ARG 1907 ? A ARG 218 
# 
loop_
_chem_comp_atom.comp_id 
_chem_comp_atom.atom_id 
_chem_comp_atom.type_symbol 
_chem_comp_atom.pdbx_aromatic_flag 
_chem_comp_atom.pdbx_stereo_config 
_chem_comp_atom.pdbx_ordinal 
ALA N    N N N 1   
ALA CA   C N S 2   
ALA C    C N N 3   
ALA O    O N N 4   
ALA CB   C N N 5   
ALA OXT  O N N 6   
ALA H    H N N 7   
ALA H2   H N N 8   
ALA HA   H N N 9   
ALA HB1  H N N 10  
ALA HB2  H N N 11  
ALA HB3  H N N 12  
ALA HXT  H N N 13  
ARG N    N N N 14  
ARG CA   C N S 15  
ARG C    C N N 16  
ARG O    O N N 17  
ARG CB   C N N 18  
ARG CG   C N N 19  
ARG CD   C N N 20  
ARG NE   N N N 21  
ARG CZ   C N N 22  
ARG NH1  N N N 23  
ARG NH2  N N N 24  
ARG OXT  O N N 25  
ARG H    H N N 26  
ARG H2   H N N 27  
ARG HA   H N N 28  
ARG HB2  H N N 29  
ARG HB3  H N N 30  
ARG HG2  H N N 31  
ARG HG3  H N N 32  
ARG HD2  H N N 33  
ARG HD3  H N N 34  
ARG HE   H N N 35  
ARG HH11 H N N 36  
ARG HH12 H N N 37  
ARG HH21 H N N 38  
ARG HH22 H N N 39  
ARG HXT  H N N 40  
ASN N    N N N 41  
ASN CA   C N S 42  
ASN C    C N N 43  
ASN O    O N N 44  
ASN CB   C N N 45  
ASN CG   C N N 46  
ASN OD1  O N N 47  
ASN ND2  N N N 48  
ASN OXT  O N N 49  
ASN H    H N N 50  
ASN H2   H N N 51  
ASN HA   H N N 52  
ASN HB2  H N N 53  
ASN HB3  H N N 54  
ASN HD21 H N N 55  
ASN HD22 H N N 56  
ASN HXT  H N N 57  
ASP N    N N N 58  
ASP CA   C N S 59  
ASP C    C N N 60  
ASP O    O N N 61  
ASP CB   C N N 62  
ASP CG   C N N 63  
ASP OD1  O N N 64  
ASP OD2  O N N 65  
ASP OXT  O N N 66  
ASP H    H N N 67  
ASP H2   H N N 68  
ASP HA   H N N 69  
ASP HB2  H N N 70  
ASP HB3  H N N 71  
ASP HD2  H N N 72  
ASP HXT  H N N 73  
CYS N    N N N 74  
CYS CA   C N R 75  
CYS C    C N N 76  
CYS O    O N N 77  
CYS CB   C N N 78  
CYS SG   S N N 79  
CYS OXT  O N N 80  
CYS H    H N N 81  
CYS H2   H N N 82  
CYS HA   H N N 83  
CYS HB2  H N N 84  
CYS HB3  H N N 85  
CYS HG   H N N 86  
CYS HXT  H N N 87  
GLN N    N N N 88  
GLN CA   C N S 89  
GLN C    C N N 90  
GLN O    O N N 91  
GLN CB   C N N 92  
GLN CG   C N N 93  
GLN CD   C N N 94  
GLN OE1  O N N 95  
GLN NE2  N N N 96  
GLN OXT  O N N 97  
GLN H    H N N 98  
GLN H2   H N N 99  
GLN HA   H N N 100 
GLN HB2  H N N 101 
GLN HB3  H N N 102 
GLN HG2  H N N 103 
GLN HG3  H N N 104 
GLN HE21 H N N 105 
GLN HE22 H N N 106 
GLN HXT  H N N 107 
GLU N    N N N 108 
GLU CA   C N S 109 
GLU C    C N N 110 
GLU O    O N N 111 
GLU CB   C N N 112 
GLU CG   C N N 113 
GLU CD   C N N 114 
GLU OE1  O N N 115 
GLU OE2  O N N 116 
GLU OXT  O N N 117 
GLU H    H N N 118 
GLU H2   H N N 119 
GLU HA   H N N 120 
GLU HB2  H N N 121 
GLU HB3  H N N 122 
GLU HG2  H N N 123 
GLU HG3  H N N 124 
GLU HE2  H N N 125 
GLU HXT  H N N 126 
GLY N    N N N 127 
GLY CA   C N N 128 
GLY C    C N N 129 
GLY O    O N N 130 
GLY OXT  O N N 131 
GLY H    H N N 132 
GLY H2   H N N 133 
GLY HA2  H N N 134 
GLY HA3  H N N 135 
GLY HXT  H N N 136 
HIS N    N N N 137 
HIS CA   C N S 138 
HIS C    C N N 139 
HIS O    O N N 140 
HIS CB   C N N 141 
HIS CG   C Y N 142 
HIS ND1  N Y N 143 
HIS CD2  C Y N 144 
HIS CE1  C Y N 145 
HIS NE2  N Y N 146 
HIS OXT  O N N 147 
HIS H    H N N 148 
HIS H2   H N N 149 
HIS HA   H N N 150 
HIS HB2  H N N 151 
HIS HB3  H N N 152 
HIS HD1  H N N 153 
HIS HD2  H N N 154 
HIS HE1  H N N 155 
HIS HE2  H N N 156 
HIS HXT  H N N 157 
HOH O    O N N 158 
HOH H1   H N N 159 
HOH H2   H N N 160 
ILE N    N N N 161 
ILE CA   C N S 162 
ILE C    C N N 163 
ILE O    O N N 164 
ILE CB   C N S 165 
ILE CG1  C N N 166 
ILE CG2  C N N 167 
ILE CD1  C N N 168 
ILE OXT  O N N 169 
ILE H    H N N 170 
ILE H2   H N N 171 
ILE HA   H N N 172 
ILE HB   H N N 173 
ILE HG12 H N N 174 
ILE HG13 H N N 175 
ILE HG21 H N N 176 
ILE HG22 H N N 177 
ILE HG23 H N N 178 
ILE HD11 H N N 179 
ILE HD12 H N N 180 
ILE HD13 H N N 181 
ILE HXT  H N N 182 
LEU N    N N N 183 
LEU CA   C N S 184 
LEU C    C N N 185 
LEU O    O N N 186 
LEU CB   C N N 187 
LEU CG   C N N 188 
LEU CD1  C N N 189 
LEU CD2  C N N 190 
LEU OXT  O N N 191 
LEU H    H N N 192 
LEU H2   H N N 193 
LEU HA   H N N 194 
LEU HB2  H N N 195 
LEU HB3  H N N 196 
LEU HG   H N N 197 
LEU HD11 H N N 198 
LEU HD12 H N N 199 
LEU HD13 H N N 200 
LEU HD21 H N N 201 
LEU HD22 H N N 202 
LEU HD23 H N N 203 
LEU HXT  H N N 204 
LYS N    N N N 205 
LYS CA   C N S 206 
LYS C    C N N 207 
LYS O    O N N 208 
LYS CB   C N N 209 
LYS CG   C N N 210 
LYS CD   C N N 211 
LYS CE   C N N 212 
LYS NZ   N N N 213 
LYS OXT  O N N 214 
LYS H    H N N 215 
LYS H2   H N N 216 
LYS HA   H N N 217 
LYS HB2  H N N 218 
LYS HB3  H N N 219 
LYS HG2  H N N 220 
LYS HG3  H N N 221 
LYS HD2  H N N 222 
LYS HD3  H N N 223 
LYS HE2  H N N 224 
LYS HE3  H N N 225 
LYS HZ1  H N N 226 
LYS HZ2  H N N 227 
LYS HZ3  H N N 228 
LYS HXT  H N N 229 
MET N    N N N 230 
MET CA   C N S 231 
MET C    C N N 232 
MET O    O N N 233 
MET CB   C N N 234 
MET CG   C N N 235 
MET SD   S N N 236 
MET CE   C N N 237 
MET OXT  O N N 238 
MET H    H N N 239 
MET H2   H N N 240 
MET HA   H N N 241 
MET HB2  H N N 242 
MET HB3  H N N 243 
MET HG2  H N N 244 
MET HG3  H N N 245 
MET HE1  H N N 246 
MET HE2  H N N 247 
MET HE3  H N N 248 
MET HXT  H N N 249 
PHE N    N N N 250 
PHE CA   C N S 251 
PHE C    C N N 252 
PHE O    O N N 253 
PHE CB   C N N 254 
PHE CG   C Y N 255 
PHE CD1  C Y N 256 
PHE CD2  C Y N 257 
PHE CE1  C Y N 258 
PHE CE2  C Y N 259 
PHE CZ   C Y N 260 
PHE OXT  O N N 261 
PHE H    H N N 262 
PHE H2   H N N 263 
PHE HA   H N N 264 
PHE HB2  H N N 265 
PHE HB3  H N N 266 
PHE HD1  H N N 267 
PHE HD2  H N N 268 
PHE HE1  H N N 269 
PHE HE2  H N N 270 
PHE HZ   H N N 271 
PHE HXT  H N N 272 
PRO N    N N N 273 
PRO CA   C N S 274 
PRO C    C N N 275 
PRO O    O N N 276 
PRO CB   C N N 277 
PRO CG   C N N 278 
PRO CD   C N N 279 
PRO OXT  O N N 280 
PRO H    H N N 281 
PRO HA   H N N 282 
PRO HB2  H N N 283 
PRO HB3  H N N 284 
PRO HG2  H N N 285 
PRO HG3  H N N 286 
PRO HD2  H N N 287 
PRO HD3  H N N 288 
PRO HXT  H N N 289 
SER N    N N N 290 
SER CA   C N S 291 
SER C    C N N 292 
SER O    O N N 293 
SER CB   C N N 294 
SER OG   O N N 295 
SER OXT  O N N 296 
SER H    H N N 297 
SER H2   H N N 298 
SER HA   H N N 299 
SER HB2  H N N 300 
SER HB3  H N N 301 
SER HG   H N N 302 
SER HXT  H N N 303 
THR N    N N N 304 
THR CA   C N S 305 
THR C    C N N 306 
THR O    O N N 307 
THR CB   C N R 308 
THR OG1  O N N 309 
THR CG2  C N N 310 
THR OXT  O N N 311 
THR H    H N N 312 
THR H2   H N N 313 
THR HA   H N N 314 
THR HB   H N N 315 
THR HG1  H N N 316 
THR HG21 H N N 317 
THR HG22 H N N 318 
THR HG23 H N N 319 
THR HXT  H N N 320 
TRP N    N N N 321 
TRP CA   C N S 322 
TRP C    C N N 323 
TRP O    O N N 324 
TRP CB   C N N 325 
TRP CG   C Y N 326 
TRP CD1  C Y N 327 
TRP CD2  C Y N 328 
TRP NE1  N Y N 329 
TRP CE2  C Y N 330 
TRP CE3  C Y N 331 
TRP CZ2  C Y N 332 
TRP CZ3  C Y N 333 
TRP CH2  C Y N 334 
TRP OXT  O N N 335 
TRP H    H N N 336 
TRP H2   H N N 337 
TRP HA   H N N 338 
TRP HB2  H N N 339 
TRP HB3  H N N 340 
TRP HD1  H N N 341 
TRP HE1  H N N 342 
TRP HE3  H N N 343 
TRP HZ2  H N N 344 
TRP HZ3  H N N 345 
TRP HH2  H N N 346 
TRP HXT  H N N 347 
TYR N    N N N 348 
TYR CA   C N S 349 
TYR C    C N N 350 
TYR O    O N N 351 
TYR CB   C N N 352 
TYR CG   C Y N 353 
TYR CD1  C Y N 354 
TYR CD2  C Y N 355 
TYR CE1  C Y N 356 
TYR CE2  C Y N 357 
TYR CZ   C Y N 358 
TYR OH   O N N 359 
TYR OXT  O N N 360 
TYR H    H N N 361 
TYR H2   H N N 362 
TYR HA   H N N 363 
TYR HB2  H N N 364 
TYR HB3  H N N 365 
TYR HD1  H N N 366 
TYR HD2  H N N 367 
TYR HE1  H N N 368 
TYR HE2  H N N 369 
TYR HH   H N N 370 
TYR HXT  H N N 371 
VAL N    N N N 372 
VAL CA   C N S 373 
VAL C    C N N 374 
VAL O    O N N 375 
VAL CB   C N N 376 
VAL CG1  C N N 377 
VAL CG2  C N N 378 
VAL OXT  O N N 379 
VAL H    H N N 380 
VAL H2   H N N 381 
VAL HA   H N N 382 
VAL HB   H N N 383 
VAL HG11 H N N 384 
VAL HG12 H N N 385 
VAL HG13 H N N 386 
VAL HG21 H N N 387 
VAL HG22 H N N 388 
VAL HG23 H N N 389 
VAL HXT  H N N 390 
# 
loop_
_chem_comp_bond.comp_id 
_chem_comp_bond.atom_id_1 
_chem_comp_bond.atom_id_2 
_chem_comp_bond.value_order 
_chem_comp_bond.pdbx_aromatic_flag 
_chem_comp_bond.pdbx_stereo_config 
_chem_comp_bond.pdbx_ordinal 
ALA N   CA   sing N N 1   
ALA N   H    sing N N 2   
ALA N   H2   sing N N 3   
ALA CA  C    sing N N 4   
ALA CA  CB   sing N N 5   
ALA CA  HA   sing N N 6   
ALA C   O    doub N N 7   
ALA C   OXT  sing N N 8   
ALA CB  HB1  sing N N 9   
ALA CB  HB2  sing N N 10  
ALA CB  HB3  sing N N 11  
ALA OXT HXT  sing N N 12  
ARG N   CA   sing N N 13  
ARG N   H    sing N N 14  
ARG N   H2   sing N N 15  
ARG CA  C    sing N N 16  
ARG CA  CB   sing N N 17  
ARG CA  HA   sing N N 18  
ARG C   O    doub N N 19  
ARG C   OXT  sing N N 20  
ARG CB  CG   sing N N 21  
ARG CB  HB2  sing N N 22  
ARG CB  HB3  sing N N 23  
ARG CG  CD   sing N N 24  
ARG CG  HG2  sing N N 25  
ARG CG  HG3  sing N N 26  
ARG CD  NE   sing N N 27  
ARG CD  HD2  sing N N 28  
ARG CD  HD3  sing N N 29  
ARG NE  CZ   sing N N 30  
ARG NE  HE   sing N N 31  
ARG CZ  NH1  sing N N 32  
ARG CZ  NH2  doub N N 33  
ARG NH1 HH11 sing N N 34  
ARG NH1 HH12 sing N N 35  
ARG NH2 HH21 sing N N 36  
ARG NH2 HH22 sing N N 37  
ARG OXT HXT  sing N N 38  
ASN N   CA   sing N N 39  
ASN N   H    sing N N 40  
ASN N   H2   sing N N 41  
ASN CA  C    sing N N 42  
ASN CA  CB   sing N N 43  
ASN CA  HA   sing N N 44  
ASN C   O    doub N N 45  
ASN C   OXT  sing N N 46  
ASN CB  CG   sing N N 47  
ASN CB  HB2  sing N N 48  
ASN CB  HB3  sing N N 49  
ASN CG  OD1  doub N N 50  
ASN CG  ND2  sing N N 51  
ASN ND2 HD21 sing N N 52  
ASN ND2 HD22 sing N N 53  
ASN OXT HXT  sing N N 54  
ASP N   CA   sing N N 55  
ASP N   H    sing N N 56  
ASP N   H2   sing N N 57  
ASP CA  C    sing N N 58  
ASP CA  CB   sing N N 59  
ASP CA  HA   sing N N 60  
ASP C   O    doub N N 61  
ASP C   OXT  sing N N 62  
ASP CB  CG   sing N N 63  
ASP CB  HB2  sing N N 64  
ASP CB  HB3  sing N N 65  
ASP CG  OD1  doub N N 66  
ASP CG  OD2  sing N N 67  
ASP OD2 HD2  sing N N 68  
ASP OXT HXT  sing N N 69  
CYS N   CA   sing N N 70  
CYS N   H    sing N N 71  
CYS N   H2   sing N N 72  
CYS CA  C    sing N N 73  
CYS CA  CB   sing N N 74  
CYS CA  HA   sing N N 75  
CYS C   O    doub N N 76  
CYS C   OXT  sing N N 77  
CYS CB  SG   sing N N 78  
CYS CB  HB2  sing N N 79  
CYS CB  HB3  sing N N 80  
CYS SG  HG   sing N N 81  
CYS OXT HXT  sing N N 82  
GLN N   CA   sing N N 83  
GLN N   H    sing N N 84  
GLN N   H2   sing N N 85  
GLN CA  C    sing N N 86  
GLN CA  CB   sing N N 87  
GLN CA  HA   sing N N 88  
GLN C   O    doub N N 89  
GLN C   OXT  sing N N 90  
GLN CB  CG   sing N N 91  
GLN CB  HB2  sing N N 92  
GLN CB  HB3  sing N N 93  
GLN CG  CD   sing N N 94  
GLN CG  HG2  sing N N 95  
GLN CG  HG3  sing N N 96  
GLN CD  OE1  doub N N 97  
GLN CD  NE2  sing N N 98  
GLN NE2 HE21 sing N N 99  
GLN NE2 HE22 sing N N 100 
GLN OXT HXT  sing N N 101 
GLU N   CA   sing N N 102 
GLU N   H    sing N N 103 
GLU N   H2   sing N N 104 
GLU CA  C    sing N N 105 
GLU CA  CB   sing N N 106 
GLU CA  HA   sing N N 107 
GLU C   O    doub N N 108 
GLU C   OXT  sing N N 109 
GLU CB  CG   sing N N 110 
GLU CB  HB2  sing N N 111 
GLU CB  HB3  sing N N 112 
GLU CG  CD   sing N N 113 
GLU CG  HG2  sing N N 114 
GLU CG  HG3  sing N N 115 
GLU CD  OE1  doub N N 116 
GLU CD  OE2  sing N N 117 
GLU OE2 HE2  sing N N 118 
GLU OXT HXT  sing N N 119 
GLY N   CA   sing N N 120 
GLY N   H    sing N N 121 
GLY N   H2   sing N N 122 
GLY CA  C    sing N N 123 
GLY CA  HA2  sing N N 124 
GLY CA  HA3  sing N N 125 
GLY C   O    doub N N 126 
GLY C   OXT  sing N N 127 
GLY OXT HXT  sing N N 128 
HIS N   CA   sing N N 129 
HIS N   H    sing N N 130 
HIS N   H2   sing N N 131 
HIS CA  C    sing N N 132 
HIS CA  CB   sing N N 133 
HIS CA  HA   sing N N 134 
HIS C   O    doub N N 135 
HIS C   OXT  sing N N 136 
HIS CB  CG   sing N N 137 
HIS CB  HB2  sing N N 138 
HIS CB  HB3  sing N N 139 
HIS CG  ND1  sing Y N 140 
HIS CG  CD2  doub Y N 141 
HIS ND1 CE1  doub Y N 142 
HIS ND1 HD1  sing N N 143 
HIS CD2 NE2  sing Y N 144 
HIS CD2 HD2  sing N N 145 
HIS CE1 NE2  sing Y N 146 
HIS CE1 HE1  sing N N 147 
HIS NE2 HE2  sing N N 148 
HIS OXT HXT  sing N N 149 
HOH O   H1   sing N N 150 
HOH O   H2   sing N N 151 
ILE N   CA   sing N N 152 
ILE N   H    sing N N 153 
ILE N   H2   sing N N 154 
ILE CA  C    sing N N 155 
ILE CA  CB   sing N N 156 
ILE CA  HA   sing N N 157 
ILE C   O    doub N N 158 
ILE C   OXT  sing N N 159 
ILE CB  CG1  sing N N 160 
ILE CB  CG2  sing N N 161 
ILE CB  HB   sing N N 162 
ILE CG1 CD1  sing N N 163 
ILE CG1 HG12 sing N N 164 
ILE CG1 HG13 sing N N 165 
ILE CG2 HG21 sing N N 166 
ILE CG2 HG22 sing N N 167 
ILE CG2 HG23 sing N N 168 
ILE CD1 HD11 sing N N 169 
ILE CD1 HD12 sing N N 170 
ILE CD1 HD13 sing N N 171 
ILE OXT HXT  sing N N 172 
LEU N   CA   sing N N 173 
LEU N   H    sing N N 174 
LEU N   H2   sing N N 175 
LEU CA  C    sing N N 176 
LEU CA  CB   sing N N 177 
LEU CA  HA   sing N N 178 
LEU C   O    doub N N 179 
LEU C   OXT  sing N N 180 
LEU CB  CG   sing N N 181 
LEU CB  HB2  sing N N 182 
LEU CB  HB3  sing N N 183 
LEU CG  CD1  sing N N 184 
LEU CG  CD2  sing N N 185 
LEU CG  HG   sing N N 186 
LEU CD1 HD11 sing N N 187 
LEU CD1 HD12 sing N N 188 
LEU CD1 HD13 sing N N 189 
LEU CD2 HD21 sing N N 190 
LEU CD2 HD22 sing N N 191 
LEU CD2 HD23 sing N N 192 
LEU OXT HXT  sing N N 193 
LYS N   CA   sing N N 194 
LYS N   H    sing N N 195 
LYS N   H2   sing N N 196 
LYS CA  C    sing N N 197 
LYS CA  CB   sing N N 198 
LYS CA  HA   sing N N 199 
LYS C   O    doub N N 200 
LYS C   OXT  sing N N 201 
LYS CB  CG   sing N N 202 
LYS CB  HB2  sing N N 203 
LYS CB  HB3  sing N N 204 
LYS CG  CD   sing N N 205 
LYS CG  HG2  sing N N 206 
LYS CG  HG3  sing N N 207 
LYS CD  CE   sing N N 208 
LYS CD  HD2  sing N N 209 
LYS CD  HD3  sing N N 210 
LYS CE  NZ   sing N N 211 
LYS CE  HE2  sing N N 212 
LYS CE  HE3  sing N N 213 
LYS NZ  HZ1  sing N N 214 
LYS NZ  HZ2  sing N N 215 
LYS NZ  HZ3  sing N N 216 
LYS OXT HXT  sing N N 217 
MET N   CA   sing N N 218 
MET N   H    sing N N 219 
MET N   H2   sing N N 220 
MET CA  C    sing N N 221 
MET CA  CB   sing N N 222 
MET CA  HA   sing N N 223 
MET C   O    doub N N 224 
MET C   OXT  sing N N 225 
MET CB  CG   sing N N 226 
MET CB  HB2  sing N N 227 
MET CB  HB3  sing N N 228 
MET CG  SD   sing N N 229 
MET CG  HG2  sing N N 230 
MET CG  HG3  sing N N 231 
MET SD  CE   sing N N 232 
MET CE  HE1  sing N N 233 
MET CE  HE2  sing N N 234 
MET CE  HE3  sing N N 235 
MET OXT HXT  sing N N 236 
PHE N   CA   sing N N 237 
PHE N   H    sing N N 238 
PHE N   H2   sing N N 239 
PHE CA  C    sing N N 240 
PHE CA  CB   sing N N 241 
PHE CA  HA   sing N N 242 
PHE C   O    doub N N 243 
PHE C   OXT  sing N N 244 
PHE CB  CG   sing N N 245 
PHE CB  HB2  sing N N 246 
PHE CB  HB3  sing N N 247 
PHE CG  CD1  doub Y N 248 
PHE CG  CD2  sing Y N 249 
PHE CD1 CE1  sing Y N 250 
PHE CD1 HD1  sing N N 251 
PHE CD2 CE2  doub Y N 252 
PHE CD2 HD2  sing N N 253 
PHE CE1 CZ   doub Y N 254 
PHE CE1 HE1  sing N N 255 
PHE CE2 CZ   sing Y N 256 
PHE CE2 HE2  sing N N 257 
PHE CZ  HZ   sing N N 258 
PHE OXT HXT  sing N N 259 
PRO N   CA   sing N N 260 
PRO N   CD   sing N N 261 
PRO N   H    sing N N 262 
PRO CA  C    sing N N 263 
PRO CA  CB   sing N N 264 
PRO CA  HA   sing N N 265 
PRO C   O    doub N N 266 
PRO C   OXT  sing N N 267 
PRO CB  CG   sing N N 268 
PRO CB  HB2  sing N N 269 
PRO CB  HB3  sing N N 270 
PRO CG  CD   sing N N 271 
PRO CG  HG2  sing N N 272 
PRO CG  HG3  sing N N 273 
PRO CD  HD2  sing N N 274 
PRO CD  HD3  sing N N 275 
PRO OXT HXT  sing N N 276 
SER N   CA   sing N N 277 
SER N   H    sing N N 278 
SER N   H2   sing N N 279 
SER CA  C    sing N N 280 
SER CA  CB   sing N N 281 
SER CA  HA   sing N N 282 
SER C   O    doub N N 283 
SER C   OXT  sing N N 284 
SER CB  OG   sing N N 285 
SER CB  HB2  sing N N 286 
SER CB  HB3  sing N N 287 
SER OG  HG   sing N N 288 
SER OXT HXT  sing N N 289 
THR N   CA   sing N N 290 
THR N   H    sing N N 291 
THR N   H2   sing N N 292 
THR CA  C    sing N N 293 
THR CA  CB   sing N N 294 
THR CA  HA   sing N N 295 
THR C   O    doub N N 296 
THR C   OXT  sing N N 297 
THR CB  OG1  sing N N 298 
THR CB  CG2  sing N N 299 
THR CB  HB   sing N N 300 
THR OG1 HG1  sing N N 301 
THR CG2 HG21 sing N N 302 
THR CG2 HG22 sing N N 303 
THR CG2 HG23 sing N N 304 
THR OXT HXT  sing N N 305 
TRP N   CA   sing N N 306 
TRP N   H    sing N N 307 
TRP N   H2   sing N N 308 
TRP CA  C    sing N N 309 
TRP CA  CB   sing N N 310 
TRP CA  HA   sing N N 311 
TRP C   O    doub N N 312 
TRP C   OXT  sing N N 313 
TRP CB  CG   sing N N 314 
TRP CB  HB2  sing N N 315 
TRP CB  HB3  sing N N 316 
TRP CG  CD1  doub Y N 317 
TRP CG  CD2  sing Y N 318 
TRP CD1 NE1  sing Y N 319 
TRP CD1 HD1  sing N N 320 
TRP CD2 CE2  doub Y N 321 
TRP CD2 CE3  sing Y N 322 
TRP NE1 CE2  sing Y N 323 
TRP NE1 HE1  sing N N 324 
TRP CE2 CZ2  sing Y N 325 
TRP CE3 CZ3  doub Y N 326 
TRP CE3 HE3  sing N N 327 
TRP CZ2 CH2  doub Y N 328 
TRP CZ2 HZ2  sing N N 329 
TRP CZ3 CH2  sing Y N 330 
TRP CZ3 HZ3  sing N N 331 
TRP CH2 HH2  sing N N 332 
TRP OXT HXT  sing N N 333 
TYR N   CA   sing N N 334 
TYR N   H    sing N N 335 
TYR N   H2   sing N N 336 
TYR CA  C    sing N N 337 
TYR CA  CB   sing N N 338 
TYR CA  HA   sing N N 339 
TYR C   O    doub N N 340 
TYR C   OXT  sing N N 341 
TYR CB  CG   sing N N 342 
TYR CB  HB2  sing N N 343 
TYR CB  HB3  sing N N 344 
TYR CG  CD1  doub Y N 345 
TYR CG  CD2  sing Y N 346 
TYR CD1 CE1  sing Y N 347 
TYR CD1 HD1  sing N N 348 
TYR CD2 CE2  doub Y N 349 
TYR CD2 HD2  sing N N 350 
TYR CE1 CZ   doub Y N 351 
TYR CE1 HE1  sing N N 352 
TYR CE2 CZ   sing Y N 353 
TYR CE2 HE2  sing N N 354 
TYR CZ  OH   sing N N 355 
TYR OH  HH   sing N N 356 
TYR OXT HXT  sing N N 357 
VAL N   CA   sing N N 358 
VAL N   H    sing N N 359 
VAL N   H2   sing N N 360 
VAL CA  C    sing N N 361 
VAL CA  CB   sing N N 362 
VAL CA  HA   sing N N 363 
VAL C   O    doub N N 364 
VAL C   OXT  sing N N 365 
VAL CB  CG1  sing N N 366 
VAL CB  CG2  sing N N 367 
VAL CB  HB   sing N N 368 
VAL CG1 HG11 sing N N 369 
VAL CG1 HG12 sing N N 370 
VAL CG1 HG13 sing N N 371 
VAL CG2 HG21 sing N N 372 
VAL CG2 HG22 sing N N 373 
VAL CG2 HG23 sing N N 374 
VAL OXT HXT  sing N N 375 
# 
_atom_sites.entry_id                    3EDU 
_atom_sites.fract_transf_matrix[1][1]   -0.00666243 
_atom_sites.fract_transf_matrix[1][2]   0.00850813 
_atom_sites.fract_transf_matrix[1][3]   0.00786429 
_atom_sites.fract_transf_matrix[2][1]   -0.00772407 
_atom_sites.fract_transf_matrix[2][2]   -0.00382756 
_atom_sites.fract_transf_matrix[2][3]   -0.00240272 
_atom_sites.fract_transf_matrix[3][1]   0.00063222 
_atom_sites.fract_transf_matrix[3][2]   -0.00502405 
_atom_sites.fract_transf_matrix[3][3]   0.00597097 
_atom_sites.fract_transf_vector[1]      0.186533 
_atom_sites.fract_transf_vector[2]      0.293055 
_atom_sites.fract_transf_vector[3]      -0.018894 
# 
loop_
_atom_type.symbol 
C 
N 
O 
S 
# 
loop_
_atom_site.group_PDB 
_atom_site.id 
_atom_site.type_symbol 
_atom_site.label_atom_id 
_atom_site.label_alt_id 
_atom_site.label_comp_id 
_atom_site.label_asym_id 
_atom_site.label_entity_id 
_atom_site.label_seq_id 
_atom_site.pdbx_PDB_ins_code 
_atom_site.Cartn_x 
_atom_site.Cartn_y 
_atom_site.Cartn_z 
_atom_site.occupancy 
_atom_site.B_iso_or_equiv 
_atom_site.pdbx_formal_charge 
_atom_site.auth_seq_id 
_atom_site.auth_comp_id 
_atom_site.auth_asym_id 
_atom_site.auth_atom_id 
_atom_site.pdbx_PDB_model_num 
ATOM   1    N N   . GLY A 1 1   ? -24.542 -27.230 14.468  1.00 65.65  ? 1690 GLY A N   1 
ATOM   2    C CA  . GLY A 1 1   ? -25.701 -27.201 15.343  1.00 64.53  ? 1690 GLY A CA  1 
ATOM   3    C C   . GLY A 1 1   ? -25.334 -27.190 16.818  1.00 52.54  ? 1690 GLY A C   1 
ATOM   4    O O   . GLY A 1 1   ? -25.703 -26.270 17.553  1.00 46.89  ? 1690 GLY A O   1 
ATOM   5    N N   . SER A 1 2   ? -24.599 -28.209 17.249  1.00 50.05  ? 1691 SER A N   1 
ATOM   6    C CA  . SER A 1 2   ? -24.243 -28.347 18.660  1.00 52.44  ? 1691 SER A CA  1 
ATOM   7    C C   . SER A 1 2   ? -23.287 -27.248 19.092  1.00 53.08  ? 1691 SER A C   1 
ATOM   8    O O   . SER A 1 2   ? -22.672 -26.576 18.259  1.00 48.66  ? 1691 SER A O   1 
ATOM   9    C CB  . SER A 1 2   ? -23.601 -29.708 18.921  1.00 54.55  ? 1691 SER A CB  1 
ATOM   10   O OG  . SER A 1 2   ? -22.209 -29.672 18.664  1.00 52.32  ? 1691 SER A OG  1 
ATOM   11   N N   . LEU A 1 3   ? -23.155 -27.064 20.400  1.00 50.26  ? 1692 LEU A N   1 
ATOM   12   C CA  . LEU A 1 3   ? -22.210 -26.084 20.897  1.00 46.20  ? 1692 LEU A CA  1 
ATOM   13   C C   . LEU A 1 3   ? -20.791 -26.537 20.589  1.00 43.62  ? 1692 LEU A C   1 
ATOM   14   O O   . LEU A 1 3   ? -19.895 -25.698 20.397  1.00 40.45  ? 1692 LEU A O   1 
ATOM   15   C CB  . LEU A 1 3   ? -22.396 -25.833 22.397  1.00 47.08  ? 1692 LEU A CB  1 
ATOM   16   C CG  . LEU A 1 3   ? -23.672 -25.102 22.829  1.00 52.67  ? 1692 LEU A CG  1 
ATOM   17   C CD1 . LEU A 1 3   ? -23.592 -24.725 24.300  1.00 58.96  ? 1692 LEU A CD1 1 
ATOM   18   C CD2 . LEU A 1 3   ? -23.898 -23.863 21.992  1.00 50.16  ? 1692 LEU A CD2 1 
ATOM   19   N N   . PHE A 1 4   ? -20.566 -27.850 20.542  1.00 46.96  ? 1693 PHE A N   1 
ATOM   20   C CA  . PHE A 1 4   ? -19.206 -28.345 20.282  1.00 47.52  ? 1693 PHE A CA  1 
ATOM   21   C C   . PHE A 1 4   ? -18.816 -27.983 18.855  1.00 47.05  ? 1693 PHE A C   1 
ATOM   22   O O   . PHE A 1 4   ? -17.695 -27.575 18.589  1.00 44.98  ? 1693 PHE A O   1 
ATOM   23   C CB  . PHE A 1 4   ? -19.082 -29.853 20.496  1.00 49.14  ? 1693 PHE A CB  1 
ATOM   24   C CG  . PHE A 1 4   ? -17.716 -30.416 20.143  1.00 51.59  ? 1693 PHE A CG  1 
ATOM   25   C CD1 . PHE A 1 4   ? -16.685 -30.417 21.073  1.00 53.38  ? 1693 PHE A CD1 1 
ATOM   26   C CD2 . PHE A 1 4   ? -17.472 -30.947 18.882  1.00 52.76  ? 1693 PHE A CD2 1 
ATOM   27   C CE1 . PHE A 1 4   ? -15.426 -30.936 20.752  1.00 50.49  ? 1693 PHE A CE1 1 
ATOM   28   C CE2 . PHE A 1 4   ? -16.222 -31.462 18.546  1.00 51.31  ? 1693 PHE A CE2 1 
ATOM   29   C CZ  . PHE A 1 4   ? -15.198 -31.459 19.482  1.00 54.34  ? 1693 PHE A CZ  1 
ATOM   30   N N   . GLN A 1 5   ? -19.760 -28.112 17.933  1.00 45.95  ? 1694 GLN A N   1 
ATOM   31   C CA  . GLN A 1 5   ? -19.459 -27.765 16.554  1.00 44.41  ? 1694 GLN A CA  1 
ATOM   32   C C   . GLN A 1 5   ? -19.228 -26.263 16.398  1.00 38.69  ? 1694 GLN A C   1 
ATOM   33   O O   . GLN A 1 5   ? -18.276 -25.854 15.741  1.00 43.19  ? 1694 GLN A O   1 
ATOM   34   C CB  . GLN A 1 5   ? -20.552 -28.274 15.613  1.00 50.50  ? 1694 GLN A CB  1 
ATOM   35   C CG  . GLN A 1 5   ? -20.418 -29.766 15.346  1.00 67.59  ? 1694 GLN A CG  1 
ATOM   36   C CD  . GLN A 1 5   ? -19.027 -30.137 14.837  1.00 79.55  ? 1694 GLN A CD  1 
ATOM   37   O OE1 . GLN A 1 5   ? -18.455 -29.442 13.992  1.00 85.35  ? 1694 GLN A OE1 1 
ATOM   38   N NE2 . GLN A 1 5   ? -18.481 -31.235 15.349  1.00 76.27  ? 1694 GLN A NE2 1 
ATOM   39   N N   . LEU A 1 6   ? -20.084 -25.452 17.020  1.00 39.90  ? 1695 LEU A N   1 
ATOM   40   C CA  . LEU A 1 6   ? -19.849 -24.005 17.091  1.00 38.70  ? 1695 LEU A CA  1 
ATOM   41   C C   . LEU A 1 6   ? -18.450 -23.695 17.618  1.00 45.26  ? 1695 LEU A C   1 
ATOM   42   O O   . LEU A 1 6   ? -17.725 -22.879 17.044  1.00 44.60  ? 1695 LEU A O   1 
ATOM   43   C CB  . LEU A 1 6   ? -20.901 -23.341 17.989  1.00 39.98  ? 1695 LEU A CB  1 
ATOM   44   C CG  . LEU A 1 6   ? -20.825 -21.826 18.162  1.00 44.60  ? 1695 LEU A CG  1 
ATOM   45   C CD1 . LEU A 1 6   ? -21.011 -21.131 16.794  1.00 40.65  ? 1695 LEU A CD1 1 
ATOM   46   C CD2 . LEU A 1 6   ? -21.885 -21.364 19.149  1.00 34.31  ? 1695 LEU A CD2 1 
ATOM   47   N N   . LYS A 1 7   ? -18.068 -24.331 18.723  1.00 42.64  ? 1696 LYS A N   1 
ATOM   48   C CA  . LYS A 1 7   ? -16.744 -24.081 19.286  1.00 45.13  ? 1696 LYS A CA  1 
ATOM   49   C C   . LYS A 1 7   ? -15.649 -24.424 18.289  1.00 43.77  ? 1696 LYS A C   1 
ATOM   50   O O   . LYS A 1 7   ? -14.737 -23.624 18.067  1.00 44.93  ? 1696 LYS A O   1 
ATOM   51   C CB  . LYS A 1 7   ? -16.517 -24.856 20.586  1.00 40.60  ? 1696 LYS A CB  1 
ATOM   52   C CG  . LYS A 1 7   ? -15.139 -24.615 21.194  1.00 42.41  ? 1696 LYS A CG  1 
ATOM   53   C CD  . LYS A 1 7   ? -14.876 -23.124 21.347  1.00 43.02  ? 1696 LYS A CD  1 
ATOM   54   C CE  . LYS A 1 7   ? -13.829 -22.835 22.431  1.00 60.74  ? 1696 LYS A CE  1 
ATOM   55   N NZ  . LYS A 1 7   ? -12.458 -23.325 22.103  1.00 60.79  ? 1696 LYS A NZ  1 
ATOM   56   N N   . ARG A 1 8   ? -15.739 -25.616 17.702  1.00 41.20  ? 1697 ARG A N   1 
ATOM   57   C CA  . ARG A 1 8   ? -14.780 -26.057 16.692  1.00 43.57  ? 1697 ARG A CA  1 
ATOM   58   C C   . ARG A 1 8   ? -14.743 -25.092 15.495  1.00 43.72  ? 1697 ARG A C   1 
ATOM   59   O O   . ARG A 1 8   ? -13.672 -24.694 15.016  1.00 38.94  ? 1697 ARG A O   1 
ATOM   60   C CB  . ARG A 1 8   ? -15.160 -27.458 16.213  1.00 54.45  ? 1697 ARG A CB  1 
ATOM   61   C CG  . ARG A 1 8   ? -14.376 -27.960 15.008  1.00 63.99  ? 1697 ARG A CG  1 
ATOM   62   C CD  . ARG A 1 8   ? -12.889 -28.049 15.311  1.00 75.98  ? 1697 ARG A CD  1 
ATOM   63   N NE  . ARG A 1 8   ? -12.616 -28.543 16.662  1.00 78.47  ? 1697 ARG A NE  1 
ATOM   64   C CZ  . ARG A 1 8   ? -12.522 -29.827 16.991  1.00 77.53  ? 1697 ARG A CZ  1 
ATOM   65   N NH1 . ARG A 1 8   ? -12.682 -30.769 16.069  1.00 70.13  ? 1697 ARG A NH1 1 
ATOM   66   N NH2 . ARG A 1 8   ? -12.267 -30.173 18.247  1.00 83.36  ? 1697 ARG A NH2 1 
ATOM   67   N N   . GLU A 1 9   ? -15.923 -24.725 15.012  1.00 41.90  ? 1698 GLU A N   1 
ATOM   68   C CA  . GLU A 1 9   ? -16.034 -23.776 13.905  1.00 45.61  ? 1698 GLU A CA  1 
ATOM   69   C C   . GLU A 1 9   ? -15.342 -22.478 14.278  1.00 44.24  ? 1698 GLU A C   1 
ATOM   70   O O   . GLU A 1 9   ? -14.602 -21.899 13.482  0.91 41.40  ? 1698 GLU A O   1 
ATOM   71   C CB  . GLU A 1 9   ? -17.505 -23.506 13.577  1.00 49.19  ? 1698 GLU A CB  1 
ATOM   72   C CG  . GLU A 1 9   ? -17.745 -22.385 12.556  1.00 55.15  ? 1698 GLU A CG  1 
ATOM   73   C CD  . GLU A 1 9   ? -19.219 -22.292 12.145  1.00 65.72  ? 1698 GLU A CD  1 
ATOM   74   O OE1 . GLU A 1 9   ? -20.023 -23.097 12.668  1.00 65.71  ? 1698 GLU A OE1 1 
ATOM   75   O OE2 . GLU A 1 9   ? -19.578 -21.430 11.306  1.00 58.22  ? 1698 GLU A OE2 1 
ATOM   76   N N   . THR A 1 10  ? -15.575 -22.024 15.507  1.00 42.42  ? 1699 THR A N   1 
ATOM   77   C CA  . THR A 1 10  ? -14.942 -20.803 15.965  1.00 42.90  ? 1699 THR A CA  1 
ATOM   78   C C   . THR A 1 10  ? -13.425 -20.991 16.033  1.00 45.44  ? 1699 THR A C   1 
ATOM   79   O O   . THR A 1 10  ? -12.665 -20.101 15.640  1.00 45.44  ? 1699 THR A O   1 
ATOM   80   C CB  . THR A 1 10  ? -15.499 -20.354 17.327  1.00 49.41  ? 1699 THR A CB  1 
ATOM   81   O OG1 . THR A 1 10  ? -16.863 -19.938 17.161  1.00 47.27  ? 1699 THR A OG1 1 
ATOM   82   C CG2 . THR A 1 10  ? -14.684 -19.188 17.881  1.00 54.15  ? 1699 THR A CG2 1 
ATOM   83   N N   . ASP A 1 11  ? -12.995 -22.157 16.516  1.00 39.40  ? 1700 ASP A N   1 
ATOM   84   C CA  . ASP A 1 11  ? -11.578 -22.437 16.708  1.00 41.78  ? 1700 ASP A CA  1 
ATOM   85   C C   . ASP A 1 11  ? -10.859 -22.490 15.358  1.00 46.39  ? 1700 ASP A C   1 
ATOM   86   O O   . ASP A 1 11  ? -9.793  -21.908 15.199  1.00 47.63  ? 1700 ASP A O   1 
ATOM   87   C CB  . ASP A 1 11  ? -11.373 -23.754 17.468  1.00 47.10  ? 1700 ASP A CB  1 
ATOM   88   C CG  . ASP A 1 11  ? -11.532 -23.609 18.990  1.00 47.49  ? 1700 ASP A CG  1 
ATOM   89   O OD1 . ASP A 1 11  ? -11.513 -22.477 19.514  1.00 50.53  ? 1700 ASP A OD1 1 
ATOM   90   O OD2 . ASP A 1 11  ? -11.659 -24.652 19.664  1.00 55.35  ? 1700 ASP A OD2 1 
ATOM   91   N N   . ASP A 1 12  ? -11.445 -23.187 14.385  1.00 42.47  ? 1701 ASP A N   1 
ATOM   92   C CA  . ASP A 1 12  ? -10.827 -23.287 13.060  1.00 42.29  ? 1701 ASP A CA  1 
ATOM   93   C C   . ASP A 1 12  ? -10.708 -21.904 12.424  1.00 43.27  ? 1701 ASP A C   1 
ATOM   94   O O   . ASP A 1 12  ? -9.681  -21.568 11.833  1.00 43.40  ? 1701 ASP A O   1 
ATOM   95   C CB  . ASP A 1 12  ? -11.632 -24.208 12.140  1.00 52.40  ? 1701 ASP A CB  1 
ATOM   96   C CG  . ASP A 1 12  ? -11.644 -25.659 12.620  1.00 59.88  ? 1701 ASP A CG  1 
ATOM   97   O OD1 . ASP A 1 12  ? -10.715 -26.062 13.356  1.00 55.65  ? 1701 ASP A OD1 1 
ATOM   98   O OD2 . ASP A 1 12  ? -12.585 -26.393 12.257  1.00 66.94  ? 1701 ASP A OD2 1 
ATOM   99   N N   . LEU A 1 13  ? -11.756 -21.102 12.557  1.00 37.27  ? 1702 LEU A N   1 
ATOM   100  C CA  . LEU A 1 13  ? -11.765 -19.765 11.959  1.00 43.58  ? 1702 LEU A CA  1 
ATOM   101  C C   . LEU A 1 13  ? -10.716 -18.863 12.607  1.00 42.88  ? 1702 LEU A C   1 
ATOM   102  O O   . LEU A 1 13  ? -10.003 -18.122 11.925  1.00 43.64  ? 1702 LEU A O   1 
ATOM   103  C CB  . LEU A 1 13  ? -13.155 -19.143 12.083  1.00 35.97  ? 1702 LEU A CB  1 
ATOM   104  C CG  . LEU A 1 13  ? -13.326 -17.695 11.645  1.00 39.62  ? 1702 LEU A CG  1 
ATOM   105  C CD1 . LEU A 1 13  ? -12.962 -17.562 10.160  1.00 32.01  ? 1702 LEU A CD1 1 
ATOM   106  C CD2 . LEU A 1 13  ? -14.775 -17.255 11.905  1.00 36.62  ? 1702 LEU A CD2 1 
ATOM   107  N N   . GLU A 1 14  ? -10.614 -18.921 13.929  1.00 41.08  ? 1703 GLU A N   1 
ATOM   108  C CA  . GLU A 1 14  ? -9.596  -18.133 14.605  1.00 45.06  ? 1703 GLU A CA  1 
ATOM   109  C C   . GLU A 1 14  ? -8.216  -18.604 14.182  1.00 42.68  ? 1703 GLU A C   1 
ATOM   110  O O   . GLU A 1 14  ? -7.303  -17.804 14.028  1.00 40.09  ? 1703 GLU A O   1 
ATOM   111  C CB  . GLU A 1 14  ? -9.766  -18.177 16.124  1.00 39.90  ? 1703 GLU A CB  1 
ATOM   112  C CG  . GLU A 1 14  ? -10.941 -17.336 16.570  1.00 43.09  ? 1703 GLU A CG  1 
ATOM   113  C CD  . GLU A 1 14  ? -11.275 -17.498 18.033  1.00 48.93  ? 1703 GLU A CD  1 
ATOM   114  O OE1 . GLU A 1 14  ? -10.838 -18.487 18.650  1.00 54.08  ? 1703 GLU A OE1 1 
ATOM   115  O OE2 . GLU A 1 14  ? -11.992 -16.629 18.562  1.00 48.90  ? 1703 GLU A OE2 1 
ATOM   116  N N   . GLN A 1 15  ? -8.070  -19.906 13.974  1.00 41.19  ? 1704 GLN A N   1 
ATOM   117  C CA  . GLN A 1 15  ? -6.799  -20.438 13.501  1.00 43.12  ? 1704 GLN A CA  1 
ATOM   118  C C   . GLN A 1 15  ? -6.500  -19.893 12.100  1.00 42.07  ? 1704 GLN A C   1 
ATOM   119  O O   . GLN A 1 15  ? -5.373  -19.507 11.793  1.00 40.06  ? 1704 GLN A O   1 
ATOM   120  C CB  . GLN A 1 15  ? -6.828  -21.966 13.486  1.00 43.72  ? 1704 GLN A CB  1 
ATOM   121  C CG  . GLN A 1 15  ? -5.646  -22.623 12.791  1.00 50.71  ? 1704 GLN A CG  1 
ATOM   122  C CD  . GLN A 1 15  ? -4.322  -22.320 13.471  1.00 72.69  ? 1704 GLN A CD  1 
ATOM   123  O OE1 . GLN A 1 15  ? -3.263  -22.394 12.845  1.00 83.85  ? 1704 GLN A OE1 1 
ATOM   124  N NE2 . GLN A 1 15  ? -4.374  -21.968 14.755  1.00 71.36  ? 1704 GLN A NE2 1 
ATOM   125  N N   . TRP A 1 16  ? -7.520  -19.883 11.252  1.00 42.12  ? 1705 TRP A N   1 
ATOM   126  C CA  . TRP A 1 16  ? -7.398  -19.357 9.902   1.00 42.36  ? 1705 TRP A CA  1 
ATOM   127  C C   . TRP A 1 16  ? -6.987  -17.880 9.968   1.00 43.44  ? 1705 TRP A C   1 
ATOM   128  O O   . TRP A 1 16  ? -6.085  -17.424 9.257   1.00 43.91  ? 1705 TRP A O   1 
ATOM   129  C CB  . TRP A 1 16  ? -8.741  -19.543 9.198   1.00 40.27  ? 1705 TRP A CB  1 
ATOM   130  C CG  . TRP A 1 16  ? -8.842  -19.030 7.781   1.00 48.49  ? 1705 TRP A CG  1 
ATOM   131  C CD1 . TRP A 1 16  ? -8.528  -19.707 6.635   1.00 48.33  ? 1705 TRP A CD1 1 
ATOM   132  C CD2 . TRP A 1 16  ? -9.340  -17.745 7.365   1.00 41.31  ? 1705 TRP A CD2 1 
ATOM   133  N NE1 . TRP A 1 16  ? -8.778  -18.912 5.532   1.00 45.74  ? 1705 TRP A NE1 1 
ATOM   134  C CE2 . TRP A 1 16  ? -9.280  -17.708 5.953   1.00 37.85  ? 1705 TRP A CE2 1 
ATOM   135  C CE3 . TRP A 1 16  ? -9.834  -16.629 8.050   1.00 42.03  ? 1705 TRP A CE3 1 
ATOM   136  C CZ2 . TRP A 1 16  ? -9.702  -16.600 5.215   1.00 36.89  ? 1705 TRP A CZ2 1 
ATOM   137  C CZ3 . TRP A 1 16  ? -10.239 -15.522 7.315   1.00 41.90  ? 1705 TRP A CZ3 1 
ATOM   138  C CH2 . TRP A 1 16  ? -10.178 -15.520 5.913   1.00 38.86  ? 1705 TRP A CH2 1 
ATOM   139  N N   . ILE A 1 17  ? -7.647  -17.133 10.843  1.00 42.16  ? 1706 ILE A N   1 
ATOM   140  C CA  . ILE A 1 17  ? -7.318  -15.727 11.035  1.00 37.09  ? 1706 ILE A CA  1 
ATOM   141  C C   . ILE A 1 17  ? -5.861  -15.522 11.424  1.00 46.76  ? 1706 ILE A C   1 
ATOM   142  O O   . ILE A 1 17  ? -5.180  -14.637 10.888  1.00 39.75  ? 1706 ILE A O   1 
ATOM   143  C CB  . ILE A 1 17  ? -8.242  -15.083 12.091  1.00 41.56  ? 1706 ILE A CB  1 
ATOM   144  C CG1 . ILE A 1 17  ? -9.655  -14.948 11.498  1.00 36.59  ? 1706 ILE A CG1 1 
ATOM   145  C CG2 . ILE A 1 17  ? -7.671  -13.730 12.566  1.00 35.85  ? 1706 ILE A CG2 1 
ATOM   146  C CD1 . ILE A 1 17  ? -10.723 -14.484 12.504  1.00 36.56  ? 1706 ILE A CD1 1 
ATOM   147  N N   . SER A 1 18  ? -5.376  -16.350 12.345  1.00 37.80  ? 1707 SER A N   1 
ATOM   148  C CA  A SER A 1 18  ? -4.005  -16.242 12.811  0.42 42.12  ? 1707 SER A CA  1 
ATOM   149  C CA  B SER A 1 18  ? -4.001  -16.236 12.810  0.58 42.22  ? 1707 SER A CA  1 
ATOM   150  C C   . SER A 1 18  ? -3.038  -16.421 11.652  1.00 45.35  ? 1707 SER A C   1 
ATOM   151  O O   . SER A 1 18  ? -1.977  -15.791 11.611  1.00 50.17  ? 1707 SER A O   1 
ATOM   152  C CB  A SER A 1 18  ? -3.728  -17.291 13.891  0.42 43.12  ? 1707 SER A CB  1 
ATOM   153  C CB  B SER A 1 18  ? -3.704  -17.272 13.898  0.58 42.74  ? 1707 SER A CB  1 
ATOM   154  O OG  A SER A 1 18  ? -2.378  -17.245 14.305  0.42 44.96  ? 1707 SER A OG  1 
ATOM   155  O OG  B SER A 1 18  ? -4.554  -17.091 15.015  0.58 46.32  ? 1707 SER A OG  1 
ATOM   156  N N   . GLU A 1 19  ? -3.401  -17.291 10.713  1.00 40.89  ? 1708 GLU A N   1 
ATOM   157  C CA  . GLU A 1 19  ? -2.528  -17.523 9.562   1.00 45.77  ? 1708 GLU A CA  1 
ATOM   158  C C   . GLU A 1 19  ? -2.512  -16.297 8.650   1.00 40.65  ? 1708 GLU A C   1 
ATOM   159  O O   . GLU A 1 19  ? -1.463  -15.887 8.153   1.00 45.45  ? 1708 GLU A O   1 
ATOM   160  C CB  . GLU A 1 19  ? -2.965  -18.765 8.782   1.00 45.09  ? 1708 GLU A CB  1 
ATOM   161  C CG  . GLU A 1 19  ? -2.910  -20.052 9.614   1.00 63.10  ? 1708 GLU A CG  1 
ATOM   162  C CD  . GLU A 1 19  ? -3.647  -21.214 8.965   1.00 75.49  ? 1708 GLU A CD  1 
ATOM   163  O OE1 . GLU A 1 19  ? -4.554  -20.965 8.136   1.00 78.38  ? 1708 GLU A OE1 1 
ATOM   164  O OE2 . GLU A 1 19  ? -3.328  -22.379 9.294   1.00 82.46  ? 1708 GLU A OE2 1 
ATOM   165  N N   . LYS A 1 20  ? -3.683  -15.712 8.445   1.00 39.47  ? 1709 LYS A N   1 
ATOM   166  C CA  . LYS A 1 20  ? -3.804  -14.535 7.592   1.00 34.35  ? 1709 LYS A CA  1 
ATOM   167  C C   . LYS A 1 20  ? -3.026  -13.361 8.194   1.00 38.42  ? 1709 LYS A C   1 
ATOM   168  O O   . LYS A 1 20  ? -2.448  -12.546 7.470   1.00 36.43  ? 1709 LYS A O   1 
ATOM   169  C CB  . LYS A 1 20  ? -5.278  -14.187 7.390   1.00 34.76  ? 1709 LYS A CB  1 
ATOM   170  C CG  . LYS A 1 20  ? -6.022  -15.201 6.520   1.00 48.11  ? 1709 LYS A CG  1 
ATOM   171  C CD  . LYS A 1 20  ? -5.427  -15.216 5.112   1.00 54.86  ? 1709 LYS A CD  1 
ATOM   172  C CE  . LYS A 1 20  ? -6.213  -16.101 4.147   1.00 60.95  ? 1709 LYS A CE  1 
ATOM   173  N NZ  . LYS A 1 20  ? -5.592  -17.437 3.880   1.00 46.89  ? 1709 LYS A NZ  1 
ATOM   174  N N   . GLU A 1 21  ? -3.005  -13.299 9.526   1.00 35.99  ? 1710 GLU A N   1 
ATOM   175  C CA  . GLU A 1 21  ? -2.309  -12.236 10.237  1.00 42.07  ? 1710 GLU A CA  1 
ATOM   176  C C   . GLU A 1 21  ? -0.816  -12.320 9.961   1.00 40.14  ? 1710 GLU A C   1 
ATOM   177  O O   . GLU A 1 21  ? -0.136  -11.299 9.857   1.00 40.77  ? 1710 GLU A O   1 
ATOM   178  C CB  . GLU A 1 21  ? -2.575  -12.329 11.751  1.00 42.71  ? 1710 GLU A CB  1 
ATOM   179  C CG  . GLU A 1 21  ? -4.001  -11.940 12.145  1.00 41.50  ? 1710 GLU A CG  1 
ATOM   180  C CD  . GLU A 1 21  ? -4.252  -12.036 13.640  1.00 51.72  ? 1710 GLU A CD  1 
ATOM   181  O OE1 . GLU A 1 21  ? -3.711  -12.969 14.269  1.00 51.24  ? 1710 GLU A OE1 1 
ATOM   182  O OE2 . GLU A 1 21  ? -4.995  -11.185 14.183  1.00 49.92  ? 1710 GLU A OE2 1 
ATOM   183  N N   . LEU A 1 22  ? -0.324  -13.546 9.830   1.00 41.28  ? 1711 LEU A N   1 
ATOM   184  C CA  . LEU A 1 22  ? 1.074   -13.784 9.504   1.00 49.44  ? 1711 LEU A CA  1 
ATOM   185  C C   . LEU A 1 22  ? 1.413   -13.150 8.155   1.00 48.89  ? 1711 LEU A C   1 
ATOM   186  O O   . LEU A 1 22  ? 2.445   -12.506 8.008   1.00 46.91  ? 1711 LEU A O   1 
ATOM   187  C CB  . LEU A 1 22  ? 1.348   -15.282 9.460   1.00 50.06  ? 1711 LEU A CB  1 
ATOM   188  C CG  . LEU A 1 22  ? 2.632   -15.771 10.122  1.00 66.75  ? 1711 LEU A CG  1 
ATOM   189  C CD1 . LEU A 1 22  ? 2.803   -15.111 11.482  1.00 70.30  ? 1711 LEU A CD1 1 
ATOM   190  C CD2 . LEU A 1 22  ? 2.611   -17.288 10.262  1.00 68.67  ? 1711 LEU A CD2 1 
ATOM   191  N N   . VAL A 1 23  ? 0.535   -13.332 7.176   1.00 48.09  ? 1712 VAL A N   1 
ATOM   192  C CA  . VAL A 1 23  ? 0.723   -12.738 5.854   1.00 43.21  ? 1712 VAL A CA  1 
ATOM   193  C C   . VAL A 1 23  ? 0.586   -11.217 5.896   1.00 38.91  ? 1712 VAL A C   1 
ATOM   194  O O   . VAL A 1 23  ? 1.401   -10.484 5.323   1.00 41.07  ? 1712 VAL A O   1 
ATOM   195  C CB  . VAL A 1 23  ? -0.299  -13.313 4.852   1.00 49.99  ? 1712 VAL A CB  1 
ATOM   196  C CG1 . VAL A 1 23  ? -0.082  -12.734 3.454   1.00 55.20  ? 1712 VAL A CG1 1 
ATOM   197  C CG2 . VAL A 1 23  ? -0.195  -14.813 4.824   1.00 43.25  ? 1712 VAL A CG2 1 
ATOM   198  N N   . ALA A 1 24  ? -0.443  -10.741 6.588   1.00 30.07  ? 1713 ALA A N   1 
ATOM   199  C CA  . ALA A 1 24  ? -0.709  -9.307  6.651   1.00 33.34  ? 1713 ALA A CA  1 
ATOM   200  C C   . ALA A 1 24  ? 0.363   -8.537  7.433   1.00 34.09  ? 1713 ALA A C   1 
ATOM   201  O O   . ALA A 1 24  ? 0.448   -7.317  7.308   1.00 35.93  ? 1713 ALA A O   1 
ATOM   202  C CB  . ALA A 1 24  ? -2.097  -9.047  7.240   1.00 33.41  ? 1713 ALA A CB  1 
ATOM   203  N N   . SER A 1 25  ? 1.157   -9.264  8.228   1.00 30.70  ? 1714 SER A N   1 
ATOM   204  C CA  . SER A 1 25  ? 2.243   -8.727  9.058   1.00 36.24  ? 1714 SER A CA  1 
ATOM   205  C C   . SER A 1 25  ? 3.600   -8.652  8.352   1.00 44.02  ? 1714 SER A C   1 
ATOM   206  O O   . SER A 1 25  ? 4.560   -8.117  8.914   1.00 46.24  ? 1714 SER A O   1 
ATOM   207  C CB  . SER A 1 25  ? 2.454   -9.629  10.297  1.00 39.87  ? 1714 SER A CB  1 
ATOM   208  O OG  . SER A 1 25  ? 1.463   -9.418  11.281  1.00 53.90  ? 1714 SER A OG  1 
ATOM   209  N N   . SER A 1 26  ? 3.708   -9.229  7.159   1.00 37.96  ? 1715 SER A N   1 
ATOM   210  C CA  . SER A 1 26  ? 4.981   -9.210  6.430   1.00 37.57  ? 1715 SER A CA  1 
ATOM   211  C C   . SER A 1 26  ? 5.578   -7.803  6.410   1.00 38.90  ? 1715 SER A C   1 
ATOM   212  O O   . SER A 1 26  ? 4.860   -6.822  6.204   1.00 37.92  ? 1715 SER A O   1 
ATOM   213  C CB  . SER A 1 26  ? 4.795   -9.724  5.001   1.00 44.91  ? 1715 SER A CB  1 
ATOM   214  O OG  . SER A 1 26  ? 5.964   -9.531  4.220   1.00 49.28  ? 1715 SER A OG  1 
ATOM   215  N N   . PRO A 1 27  ? 6.892   -7.704  6.655   1.00 51.78  ? 1716 PRO A N   1 
ATOM   216  C CA  . PRO A 1 27  ? 7.664   -6.457  6.626   1.00 55.46  ? 1716 PRO A CA  1 
ATOM   217  C C   . PRO A 1 27  ? 8.230   -6.188  5.239   1.00 50.22  ? 1716 PRO A C   1 
ATOM   218  O O   . PRO A 1 27  ? 8.789   -5.118  5.002   1.00 51.66  ? 1716 PRO A O   1 
ATOM   219  C CB  . PRO A 1 27  ? 8.836   -6.736  7.585   1.00 57.06  ? 1716 PRO A CB  1 
ATOM   220  C CG  . PRO A 1 27  ? 8.699   -8.179  8.026   1.00 60.64  ? 1716 PRO A CG  1 
ATOM   221  C CD  . PRO A 1 27  ? 7.711   -8.840  7.109   1.00 56.04  ? 1716 PRO A CD  1 
ATOM   222  N N   . GLU A 1 28  ? 8.109   -7.153  4.336   1.00 44.30  ? 1717 GLU A N   1 
ATOM   223  C CA  . GLU A 1 28  ? 8.676   -6.986  3.001   1.00 49.20  ? 1717 GLU A CA  1 
ATOM   224  C C   . GLU A 1 28  ? 7.916   -5.925  2.204   1.00 43.73  ? 1717 GLU A C   1 
ATOM   225  O O   . GLU A 1 28  ? 6.752   -6.125  1.860   1.00 38.50  ? 1717 GLU A O   1 
ATOM   226  C CB  . GLU A 1 28  ? 8.683   -8.314  2.245   1.00 53.60  ? 1717 GLU A CB  1 
ATOM   227  C CG  . GLU A 1 28  ? 9.389   -8.234  0.897   1.00 73.88  ? 1717 GLU A CG  1 
ATOM   228  C CD  . GLU A 1 28  ? 10.670  -7.407  0.954   1.00 87.06  ? 1717 GLU A CD  1 
ATOM   229  O OE1 . GLU A 1 28  ? 11.421  -7.538  1.944   1.00 93.57  ? 1717 GLU A OE1 1 
ATOM   230  O OE2 . GLU A 1 28  ? 10.927  -6.623  0.010   1.00 83.44  ? 1717 GLU A OE2 1 
ATOM   231  N N   . MET A 1 29  ? 8.573   -4.800  1.923   1.00 39.50  ? 1718 MET A N   1 
ATOM   232  C CA  . MET A 1 29  ? 7.920   -3.693  1.225   1.00 39.53  ? 1718 MET A CA  1 
ATOM   233  C C   . MET A 1 29  ? 8.451   -3.562  -0.186  1.00 38.60  ? 1718 MET A C   1 
ATOM   234  O O   . MET A 1 29  ? 7.988   -2.715  -0.953  1.00 36.54  ? 1718 MET A O   1 
ATOM   235  C CB  . MET A 1 29  ? 8.095   -2.364  1.974   1.00 41.41  ? 1718 MET A CB  1 
ATOM   236  C CG  . MET A 1 29  ? 7.367   -2.299  3.306   1.00 40.48  ? 1718 MET A CG  1 
ATOM   237  S SD  . MET A 1 29  ? 5.591   -2.603  3.198   1.00 46.21  ? 1718 MET A SD  1 
ATOM   238  C CE  . MET A 1 29  ? 5.232   -2.994  4.915   1.00 61.49  ? 1718 MET A CE  1 
ATOM   239  N N   . GLY A 1 30  ? 9.426   -4.403  -0.529  1.00 37.92  ? 1719 GLY A N   1 
ATOM   240  C CA  . GLY A 1 30  ? 9.956   -4.436  -1.884  1.00 47.03  ? 1719 GLY A CA  1 
ATOM   241  C C   . GLY A 1 30  ? 11.248  -3.642  -2.026  1.00 48.32  ? 1719 GLY A C   1 
ATOM   242  O O   . GLY A 1 30  ? 11.425  -2.608  -1.387  1.00 52.71  ? 1719 GLY A O   1 
ATOM   243  N N   . GLN A 1 31  ? 12.149  -4.135  -2.865  1.00 58.30  ? 1720 GLN A N   1 
ATOM   244  C CA  . GLN A 1 31  ? 13.479  -3.548  -2.987  1.00 70.62  ? 1720 GLN A CA  1 
ATOM   245  C C   . GLN A 1 31  ? 13.692  -2.832  -4.323  1.00 68.76  ? 1720 GLN A C   1 
ATOM   246  O O   . GLN A 1 31  ? 14.693  -2.149  -4.509  1.00 71.36  ? 1720 GLN A O   1 
ATOM   247  C CB  . GLN A 1 31  ? 14.567  -4.607  -2.758  1.00 80.40  ? 1720 GLN A CB  1 
ATOM   248  C CG  . GLN A 1 31  ? 14.471  -5.332  -1.415  1.00 90.29  ? 1720 GLN A CG  1 
ATOM   249  C CD  . GLN A 1 31  ? 14.348  -4.384  -0.227  1.00 102.11 ? 1720 GLN A CD  1 
ATOM   250  O OE1 . GLN A 1 31  ? 14.831  -3.248  -0.266  1.00 105.88 ? 1720 GLN A OE1 1 
ATOM   251  N NE2 . GLN A 1 31  ? 13.702  -4.853  0.838   1.00 101.11 ? 1720 GLN A NE2 1 
ATOM   252  N N   . ASP A 1 32  ? 12.753  -2.995  -5.248  1.00 65.85  ? 1721 ASP A N   1 
ATOM   253  C CA  . ASP A 1 32  ? 12.735  -2.187  -6.467  1.00 65.38  ? 1721 ASP A CA  1 
ATOM   254  C C   . ASP A 1 32  ? 11.307  -2.002  -6.979  1.00 61.55  ? 1721 ASP A C   1 
ATOM   255  O O   . ASP A 1 32  ? 10.360  -2.567  -6.420  1.00 58.02  ? 1721 ASP A O   1 
ATOM   256  C CB  . ASP A 1 32  ? 13.668  -2.752  -7.552  1.00 65.50  ? 1721 ASP A CB  1 
ATOM   257  C CG  . ASP A 1 32  ? 13.263  -4.143  -8.025  1.00 72.92  ? 1721 ASP A CG  1 
ATOM   258  O OD1 . ASP A 1 32  ? 14.151  -5.020  -8.100  1.00 84.19  ? 1721 ASP A OD1 1 
ATOM   259  O OD2 . ASP A 1 32  ? 12.074  -4.364  -8.337  1.00 68.57  ? 1721 ASP A OD2 1 
ATOM   260  N N   . PHE A 1 33  ? 11.157  -1.210  -8.037  1.00 50.50  ? 1722 PHE A N   1 
ATOM   261  C CA  . PHE A 1 33  ? 9.835   -0.796  -8.503  1.00 49.59  ? 1722 PHE A CA  1 
ATOM   262  C C   . PHE A 1 33  ? 8.987   -1.975  -8.999  1.00 52.99  ? 1722 PHE A C   1 
ATOM   263  O O   . PHE A 1 33  ? 7.766   -1.991  -8.818  1.00 46.84  ? 1722 PHE A O   1 
ATOM   264  C CB  . PHE A 1 33  ? 9.970   0.283   -9.583  1.00 52.77  ? 1722 PHE A CB  1 
ATOM   265  C CG  . PHE A 1 33  ? 8.676   0.952   -9.934  1.00 53.83  ? 1722 PHE A CG  1 
ATOM   266  C CD1 . PHE A 1 33  ? 7.673   1.080   -8.989  1.00 53.75  ? 1722 PHE A CD1 1 
ATOM   267  C CD2 . PHE A 1 33  ? 8.466   1.463   -11.207 1.00 53.85  ? 1722 PHE A CD2 1 
ATOM   268  C CE1 . PHE A 1 33  ? 6.474   1.704   -9.305  1.00 59.07  ? 1722 PHE A CE1 1 
ATOM   269  C CE2 . PHE A 1 33  ? 7.274   2.083   -11.531 1.00 56.05  ? 1722 PHE A CE2 1 
ATOM   270  C CZ  . PHE A 1 33  ? 6.274   2.206   -10.577 1.00 56.15  ? 1722 PHE A CZ  1 
ATOM   271  N N   . ASP A 1 34  ? 9.653   -2.948  -9.617  1.00 47.83  ? 1723 ASP A N   1 
ATOM   272  C CA  . ASP A 1 34  ? 9.037   -4.186  -10.077 1.00 51.44  ? 1723 ASP A CA  1 
ATOM   273  C C   . ASP A 1 34  ? 8.574   -5.008  -8.889  1.00 51.80  ? 1723 ASP A C   1 
ATOM   274  O O   . ASP A 1 34  ? 7.437   -5.466  -8.841  1.00 52.22  ? 1723 ASP A O   1 
ATOM   275  C CB  . ASP A 1 34  ? 10.061  -5.005  -10.873 1.00 53.88  ? 1723 ASP A CB  1 
ATOM   276  C CG  . ASP A 1 34  ? 9.486   -6.307  -11.412 1.00 72.10  ? 1723 ASP A CG  1 
ATOM   277  O OD1 . ASP A 1 34  ? 8.571   -6.243  -12.268 1.00 86.06  ? 1723 ASP A OD1 1 
ATOM   278  O OD2 . ASP A 1 34  ? 9.961   -7.395  -10.993 1.00 64.51  ? 1723 ASP A OD2 1 
ATOM   279  N N   . HIS A 1 35  ? 9.492   -5.209  -7.952  1.00 43.21  ? 1724 HIS A N   1 
ATOM   280  C CA  . HIS A 1 35  ? 9.226   -5.941  -6.728  1.00 49.90  ? 1724 HIS A CA  1 
ATOM   281  C C   . HIS A 1 35  ? 8.021   -5.356  -5.971  1.00 47.41  ? 1724 HIS A C   1 
ATOM   282  O O   . HIS A 1 35  ? 7.081   -6.078  -5.633  1.00 48.79  ? 1724 HIS A O   1 
ATOM   283  C CB  . HIS A 1 35  ? 10.480  -5.910  -5.852  1.00 51.54  ? 1724 HIS A CB  1 
ATOM   284  C CG  . HIS A 1 35  ? 10.428  -6.845  -4.685  1.00 52.81  ? 1724 HIS A CG  1 
ATOM   285  N ND1 . HIS A 1 35  ? 11.306  -6.758  -3.624  1.00 57.45  ? 1724 HIS A ND1 1 
ATOM   286  C CD2 . HIS A 1 35  ? 9.596   -7.874  -4.404  1.00 45.84  ? 1724 HIS A CD2 1 
ATOM   287  C CE1 . HIS A 1 35  ? 11.022  -7.702  -2.744  1.00 53.59  ? 1724 HIS A CE1 1 
ATOM   288  N NE2 . HIS A 1 35  ? 9.990   -8.395  -3.195  1.00 53.76  ? 1724 HIS A NE2 1 
ATOM   289  N N   . VAL A 1 36  ? 8.039   -4.054  -5.713  1.00 35.90  ? 1725 VAL A N   1 
ATOM   290  C CA  . VAL A 1 36  ? 6.943   -3.459  -4.942  1.00 39.91  ? 1725 VAL A CA  1 
ATOM   291  C C   . VAL A 1 36  ? 5.659   -3.507  -5.748  1.00 38.18  ? 1725 VAL A C   1 
ATOM   292  O O   . VAL A 1 36  ? 4.573   -3.667  -5.197  1.00 35.88  ? 1725 VAL A O   1 
ATOM   293  C CB  . VAL A 1 36  ? 7.231   -2.024  -4.448  1.00 35.18  ? 1725 VAL A CB  1 
ATOM   294  C CG1 . VAL A 1 36  ? 7.260   -1.025  -5.610  1.00 35.37  ? 1725 VAL A CG1 1 
ATOM   295  C CG2 . VAL A 1 36  ? 6.171   -1.607  -3.436  1.00 32.67  ? 1725 VAL A CG2 1 
ATOM   296  N N   . THR A 1 37  ? 5.785   -3.401  -7.063  1.00 44.50  ? 1726 THR A N   1 
ATOM   297  C CA  . THR A 1 37  ? 4.617   -3.499  -7.914  1.00 42.48  ? 1726 THR A CA  1 
ATOM   298  C C   . THR A 1 37  ? 3.980   -4.873  -7.701  1.00 49.19  ? 1726 THR A C   1 
ATOM   299  O O   . THR A 1 37  ? 2.759   -5.009  -7.567  1.00 43.92  ? 1726 THR A O   1 
ATOM   300  C CB  . THR A 1 37  ? 5.002   -3.327  -9.397  1.00 44.47  ? 1726 THR A CB  1 
ATOM   301  O OG1 . THR A 1 37  ? 5.391   -1.970  -9.633  1.00 43.19  ? 1726 THR A OG1 1 
ATOM   302  C CG2 . THR A 1 37  ? 3.827   -3.668  -10.285 1.00 40.59  ? 1726 THR A CG2 1 
ATOM   303  N N   . LEU A 1 38  ? 4.819   -5.896  -7.646  1.00 47.01  ? 1727 LEU A N   1 
ATOM   304  C CA  . LEU A 1 38  ? 4.313   -7.252  -7.520  1.00 50.65  ? 1727 LEU A CA  1 
ATOM   305  C C   . LEU A 1 38  ? 3.714   -7.452  -6.144  1.00 45.63  ? 1727 LEU A C   1 
ATOM   306  O O   . LEU A 1 38  ? 2.614   -7.995  -6.015  1.00 42.66  ? 1727 LEU A O   1 
ATOM   307  C CB  . LEU A 1 38  ? 5.412   -8.276  -7.800  1.00 52.40  ? 1727 LEU A CB  1 
ATOM   308  C CG  . LEU A 1 38  ? 5.534   -8.681  -9.273  1.00 76.34  ? 1727 LEU A CG  1 
ATOM   309  C CD1 . LEU A 1 38  ? 5.592   -7.460  -10.190 1.00 85.27  ? 1727 LEU A CD1 1 
ATOM   310  C CD2 . LEU A 1 38  ? 6.733   -9.592  -9.502  1.00 75.02  ? 1727 LEU A CD2 1 
ATOM   311  N N   . LEU A 1 39  ? 4.426   -7.004  -5.115  1.00 37.72  ? 1728 LEU A N   1 
ATOM   312  C CA  . LEU A 1 39  ? 3.927   -7.139  -3.750  1.00 40.35  ? 1728 LEU A CA  1 
ATOM   313  C C   . LEU A 1 39  ? 2.606   -6.410  -3.579  1.00 36.17  ? 1728 LEU A C   1 
ATOM   314  O O   . LEU A 1 39  ? 1.700   -6.907  -2.913  1.00 34.75  ? 1728 LEU A O   1 
ATOM   315  C CB  . LEU A 1 39  ? 4.940   -6.626  -2.726  1.00 39.57  ? 1728 LEU A CB  1 
ATOM   316  C CG  . LEU A 1 39  ? 6.229   -7.426  -2.566  1.00 39.61  ? 1728 LEU A CG  1 
ATOM   317  C CD1 . LEU A 1 39  ? 7.159   -6.700  -1.601  1.00 35.85  ? 1728 LEU A CD1 1 
ATOM   318  C CD2 . LEU A 1 39  ? 5.920   -8.848  -2.078  1.00 41.90  ? 1728 LEU A CD2 1 
ATOM   319  N N   . ARG A 1 40  ? 2.492   -5.236  -4.195  1.00 40.41  ? 1729 ARG A N   1 
ATOM   320  C CA  . ARG A 1 40  ? 1.311   -4.405  -4.001  1.00 40.94  ? 1729 ARG A CA  1 
ATOM   321  C C   . ARG A 1 40  ? 0.081   -5.044  -4.637  1.00 40.45  ? 1729 ARG A C   1 
ATOM   322  O O   . ARG A 1 40  ? -1.001  -5.059  -4.043  1.00 36.69  ? 1729 ARG A O   1 
ATOM   323  C CB  . ARG A 1 40  ? 1.520   -2.993  -4.559  1.00 47.40  ? 1729 ARG A CB  1 
ATOM   324  C CG  . ARG A 1 40  ? 0.311   -2.092  -4.344  1.00 46.65  ? 1729 ARG A CG  1 
ATOM   325  C CD  . ARG A 1 40  ? 0.335   -0.869  -5.239  1.00 50.83  ? 1729 ARG A CD  1 
ATOM   326  N NE  . ARG A 1 40  ? -0.060  -1.178  -6.607  1.00 50.04  ? 1729 ARG A NE  1 
ATOM   327  C CZ  . ARG A 1 40  ? -0.169  -0.268  -7.568  1.00 57.13  ? 1729 ARG A CZ  1 
ATOM   328  N NH1 . ARG A 1 40  ? 0.092   1.007   -7.306  1.00 60.96  ? 1729 ARG A NH1 1 
ATOM   329  N NH2 . ARG A 1 40  ? -0.536  -0.631  -8.790  1.00 53.99  ? 1729 ARG A NH2 1 
ATOM   330  N N   . ASP A 1 41  ? 0.258   -5.566  -5.846  1.00 35.68  ? 1730 ASP A N   1 
ATOM   331  C CA  . ASP A 1 41  ? -0.832  -6.194  -6.578  1.00 46.60  ? 1730 ASP A CA  1 
ATOM   332  C C   . ASP A 1 41  ? -1.244  -7.510  -5.916  1.00 45.27  ? 1730 ASP A C   1 
ATOM   333  O O   . ASP A 1 41  ? -2.430  -7.830  -5.831  1.00 42.70  ? 1730 ASP A O   1 
ATOM   334  C CB  . ASP A 1 41  ? -0.430  -6.441  -8.035  1.00 50.78  ? 1730 ASP A CB  1 
ATOM   335  C CG  . ASP A 1 41  ? -0.152  -5.143  -8.800  1.00 60.30  ? 1730 ASP A CG  1 
ATOM   336  O OD1 . ASP A 1 41  ? -0.393  -4.043  -8.246  1.00 54.35  ? 1730 ASP A OD1 1 
ATOM   337  O OD2 . ASP A 1 41  ? 0.309   -5.223  -9.959  1.00 71.44  ? 1730 ASP A OD2 1 
ATOM   338  N N   . LYS A 1 42  ? -0.255  -8.267  -5.452  1.00 42.93  ? 1731 LYS A N   1 
ATOM   339  C CA  . LYS A 1 42  ? -0.517  -9.504  -4.739  1.00 46.04  ? 1731 LYS A CA  1 
ATOM   340  C C   . LYS A 1 42  ? -1.287  -9.216  -3.460  1.00 37.58  ? 1731 LYS A C   1 
ATOM   341  O O   . LYS A 1 42  ? -2.277  -9.873  -3.158  1.00 40.44  ? 1731 LYS A O   1 
ATOM   342  C CB  . LYS A 1 42  ? 0.782   -10.227 -4.399  1.00 52.80  ? 1731 LYS A CB  1 
ATOM   343  C CG  . LYS A 1 42  ? 0.616   -11.730 -4.415  1.00 66.36  ? 1731 LYS A CG  1 
ATOM   344  C CD  . LYS A 1 42  ? 1.666   -12.464 -3.605  1.00 69.53  ? 1731 LYS A CD  1 
ATOM   345  C CE  . LYS A 1 42  ? 1.411   -13.966 -3.692  1.00 71.12  ? 1731 LYS A CE  1 
ATOM   346  N NZ  . LYS A 1 42  ? 2.158   -14.733 -2.661  1.00 78.98  ? 1731 LYS A NZ  1 
ATOM   347  N N   . PHE A 1 43  ? -0.840  -8.226  -2.698  1.00 31.49  ? 1732 PHE A N   1 
ATOM   348  C CA  . PHE A 1 43  ? -1.544  -7.916  -1.471  1.00 34.90  ? 1732 PHE A CA  1 
ATOM   349  C C   . PHE A 1 43  ? -2.996  -7.460  -1.666  1.00 39.54  ? 1732 PHE A C   1 
ATOM   350  O O   . PHE A 1 43  ? -3.858  -7.793  -0.859  1.00 39.05  ? 1732 PHE A O   1 
ATOM   351  C CB  . PHE A 1 43  ? -0.797  -6.909  -0.607  1.00 32.21  ? 1732 PHE A CB  1 
ATOM   352  C CG  . PHE A 1 43  ? -1.239  -6.945  0.811   1.00 35.48  ? 1732 PHE A CG  1 
ATOM   353  C CD1 . PHE A 1 43  ? -0.913  -8.033  1.614   1.00 35.69  ? 1732 PHE A CD1 1 
ATOM   354  C CD2 . PHE A 1 43  ? -2.017  -5.926  1.340   1.00 31.82  ? 1732 PHE A CD2 1 
ATOM   355  C CE1 . PHE A 1 43  ? -1.353  -8.092  2.936   1.00 39.67  ? 1732 PHE A CE1 1 
ATOM   356  C CE2 . PHE A 1 43  ? -2.459  -5.975  2.668   1.00 32.70  ? 1732 PHE A CE2 1 
ATOM   357  C CZ  . PHE A 1 43  ? -2.126  -7.057  3.461   1.00 37.61  ? 1732 PHE A CZ  1 
ATOM   358  N N   . ARG A 1 44  ? -3.270  -6.693  -2.718  1.00 38.16  ? 1733 ARG A N   1 
ATOM   359  C CA  . ARG A 1 44  ? -4.645  -6.261  -2.990  1.00 32.07  ? 1733 ARG A CA  1 
ATOM   360  C C   . ARG A 1 44  ? -5.580  -7.459  -3.162  1.00 32.21  ? 1733 ARG A C   1 
ATOM   361  O O   . ARG A 1 44  ? -6.691  -7.474  -2.622  1.00 35.78  ? 1733 ARG A O   1 
ATOM   362  C CB  . ARG A 1 44  ? -4.713  -5.372  -4.245  1.00 44.59  ? 1733 ARG A CB  1 
ATOM   363  C CG  . ARG A 1 44  ? -3.981  -4.044  -4.127  1.00 64.90  ? 1733 ARG A CG  1 
ATOM   364  C CD  . ARG A 1 44  ? -4.786  -3.009  -3.341  1.00 72.18  ? 1733 ARG A CD  1 
ATOM   365  N NE  . ARG A 1 44  ? -6.033  -2.654  -4.016  1.00 77.35  ? 1733 ARG A NE  1 
ATOM   366  C CZ  . ARG A 1 44  ? -6.866  -1.700  -3.605  1.00 69.59  ? 1733 ARG A CZ  1 
ATOM   367  N NH1 . ARG A 1 44  ? -7.979  -1.457  -4.284  1.00 72.52  ? 1733 ARG A NH1 1 
ATOM   368  N NH2 . ARG A 1 44  ? -6.594  -0.989  -2.518  1.00 52.49  ? 1733 ARG A NH2 1 
ATOM   369  N N   . ASP A 1 45  ? -5.128  -8.446  -3.934  1.00 33.73  ? 1734 ASP A N   1 
ATOM   370  C CA  . ASP A 1 45  ? -5.859  -9.690  -4.124  1.00 40.39  ? 1734 ASP A CA  1 
ATOM   371  C C   . ASP A 1 45  ? -6.064  -10.377 -2.778  1.00 38.81  ? 1734 ASP A C   1 
ATOM   372  O O   . ASP A 1 45  ? -7.175  -10.794 -2.427  1.00 39.59  ? 1734 ASP A O   1 
ATOM   373  C CB  . ASP A 1 45  ? -5.072  -10.638 -5.040  1.00 49.34  ? 1734 ASP A CB  1 
ATOM   374  C CG  . ASP A 1 45  ? -4.978  -10.136 -6.481  1.00 60.30  ? 1734 ASP A CG  1 
ATOM   375  O OD1 . ASP A 1 45  ? -4.135  -10.670 -7.239  1.00 63.37  ? 1734 ASP A OD1 1 
ATOM   376  O OD2 . ASP A 1 45  ? -5.743  -9.223  -6.857  1.00 54.06  ? 1734 ASP A OD2 1 
ATOM   377  N N   . PHE A 1 46  ? -4.975  -10.507 -2.028  1.00 40.42  ? 1735 PHE A N   1 
ATOM   378  C CA  . PHE A 1 46  ? -5.043  -11.151 -0.721  1.00 42.46  ? 1735 PHE A CA  1 
ATOM   379  C C   . PHE A 1 46  ? -6.056  -10.440 0.181   1.00 35.52  ? 1735 PHE A C   1 
ATOM   380  O O   . PHE A 1 46  ? -6.897  -11.090 0.787   1.00 34.49  ? 1735 PHE A O   1 
ATOM   381  C CB  . PHE A 1 46  ? -3.660  -11.191 -0.064  1.00 37.38  ? 1735 PHE A CB  1 
ATOM   382  C CG  . PHE A 1 46  ? -3.685  -11.614 1.382   1.00 37.21  ? 1735 PHE A CG  1 
ATOM   383  C CD1 . PHE A 1 46  ? -3.705  -12.966 1.726   1.00 37.78  ? 1735 PHE A CD1 1 
ATOM   384  C CD2 . PHE A 1 46  ? -3.691  -10.665 2.397   1.00 36.97  ? 1735 PHE A CD2 1 
ATOM   385  C CE1 . PHE A 1 46  ? -3.719  -13.363 3.070   1.00 33.58  ? 1735 PHE A CE1 1 
ATOM   386  C CE2 . PHE A 1 46  ? -3.710  -11.051 3.737   1.00 34.73  ? 1735 PHE A CE2 1 
ATOM   387  C CZ  . PHE A 1 46  ? -3.721  -12.414 4.070   1.00 31.39  ? 1735 PHE A CZ  1 
ATOM   388  N N   . ALA A 1 47  ? -5.995  -9.109  0.253   1.00 34.38  ? 1736 ALA A N   1 
ATOM   389  C CA  . ALA A 1 47  ? -6.895  -8.369  1.153   1.00 33.82  ? 1736 ALA A CA  1 
ATOM   390  C C   . ALA A 1 47  ? -8.344  -8.577  0.751   1.00 38.58  ? 1736 ALA A C   1 
ATOM   391  O O   . ALA A 1 47  ? -9.228  -8.776  1.602   1.00 31.63  ? 1736 ALA A O   1 
ATOM   392  C CB  . ALA A 1 47  ? -6.573  -6.888  1.155   1.00 23.65  ? 1736 ALA A CB  1 
ATOM   393  N N   . ARG A 1 48  ? -8.581  -8.528  -0.557  1.00 33.04  ? 1737 ARG A N   1 
ATOM   394  C CA  . ARG A 1 48  ? -9.935  -8.639  -1.074  1.00 32.91  ? 1737 ARG A CA  1 
ATOM   395  C C   . ARG A 1 48  ? -10.516 -10.009 -0.768  1.00 37.14  ? 1737 ARG A C   1 
ATOM   396  O O   . ARG A 1 48  ? -11.611 -10.110 -0.221  1.00 37.13  ? 1737 ARG A O   1 
ATOM   397  C CB  . ARG A 1 48  ? -9.962  -8.391  -2.587  1.00 31.23  ? 1737 ARG A CB  1 
ATOM   398  C CG  . ARG A 1 48  ? -11.372 -8.420  -3.178  1.00 38.84  ? 1737 ARG A CG  1 
ATOM   399  C CD  . ARG A 1 48  ? -11.362 -8.148  -4.680  1.00 45.47  ? 1737 ARG A CD  1 
ATOM   400  N NE  . ARG A 1 48  ? -10.719 -9.236  -5.411  1.00 60.56  ? 1737 ARG A NE  1 
ATOM   401  C CZ  . ARG A 1 48  ? -9.488  -9.177  -5.909  1.00 70.82  ? 1737 ARG A CZ  1 
ATOM   402  N NH1 . ARG A 1 48  ? -8.764  -8.071  -5.768  1.00 66.38  ? 1737 ARG A NH1 1 
ATOM   403  N NH2 . ARG A 1 48  ? -8.987  -10.225 -6.553  1.00 74.08  ? 1737 ARG A NH2 1 
ATOM   404  N N   . GLU A 1 49  ? -9.781  -11.059 -1.141  1.00 29.04  ? 1738 GLU A N   1 
ATOM   405  C CA  . GLU A 1 49  ? -10.238 -12.428 -0.928  1.00 38.48  ? 1738 GLU A CA  1 
ATOM   406  C C   . GLU A 1 49  ? -10.393 -12.738 0.566   1.00 43.20  ? 1738 GLU A C   1 
ATOM   407  O O   . GLU A 1 49  ? -11.393 -13.331 1.000   1.00 44.21  ? 1738 GLU A O   1 
ATOM   408  C CB  . GLU A 1 49  ? -9.254  -13.416 -1.549  1.00 46.98  ? 1738 GLU A CB  1 
ATOM   409  C CG  . GLU A 1 49  ? -9.069  -13.252 -3.040  1.00 63.78  ? 1738 GLU A CG  1 
ATOM   410  C CD  . GLU A 1 49  ? -8.028  -14.198 -3.603  1.00 83.97  ? 1738 GLU A CD  1 
ATOM   411  O OE1 . GLU A 1 49  ? -7.797  -15.262 -2.986  1.00 87.09  ? 1738 GLU A OE1 1 
ATOM   412  O OE2 . GLU A 1 49  ? -7.444  -13.878 -4.664  1.00 90.65  ? 1738 GLU A OE2 1 
ATOM   413  N N   . THR A 1 50  ? -9.395  -12.346 1.347   1.00 30.69  ? 1739 THR A N   1 
ATOM   414  C CA  . THR A 1 50  ? -9.414  -12.604 2.787   1.00 34.31  ? 1739 THR A CA  1 
ATOM   415  C C   . THR A 1 50  ? -10.609 -11.914 3.435   1.00 34.19  ? 1739 THR A C   1 
ATOM   416  O O   . THR A 1 50  ? -11.312 -12.510 4.259   1.00 34.58  ? 1739 THR A O   1 
ATOM   417  C CB  . THR A 1 50  ? -8.136  -12.100 3.470   1.00 37.34  ? 1739 THR A CB  1 
ATOM   418  O OG1 . THR A 1 50  ? -7.004  -12.745 2.878   1.00 36.91  ? 1739 THR A OG1 1 
ATOM   419  C CG2 . THR A 1 50  ? -8.170  -12.407 4.977   1.00 39.65  ? 1739 THR A CG2 1 
ATOM   420  N N   . GLY A 1 51  ? -10.839 -10.661 3.049   1.00 35.23  ? 1740 GLY A N   1 
ATOM   421  C CA  . GLY A 1 51  ? -11.950 -9.887  3.572   1.00 26.77  ? 1740 GLY A CA  1 
ATOM   422  C C   . GLY A 1 51  ? -13.288 -10.534 3.273   1.00 42.55  ? 1740 GLY A C   1 
ATOM   423  O O   . GLY A 1 51  ? -14.139 -10.679 4.158   1.00 40.05  ? 1740 GLY A O   1 
ATOM   424  N N   . ALA A 1 52  ? -13.470 -10.940 2.022   1.00 38.34  ? 1741 ALA A N   1 
ATOM   425  C CA  . ALA A 1 52  ? -14.752 -11.459 1.596   1.00 45.62  ? 1741 ALA A CA  1 
ATOM   426  C C   . ALA A 1 52  ? -15.058 -12.802 2.267   1.00 45.05  ? 1741 ALA A C   1 
ATOM   427  O O   . ALA A 1 52  ? -16.122 -12.984 2.849   1.00 47.72  ? 1741 ALA A O   1 
ATOM   428  C CB  . ALA A 1 52  ? -14.805 -11.571 0.068   1.00 39.43  ? 1741 ALA A CB  1 
ATOM   429  N N   . ILE A 1 53  ? -14.116 -13.733 2.198   1.00 39.78  ? 1742 ILE A N   1 
ATOM   430  C CA  A ILE A 1 53  ? -14.322 -15.044 2.798   0.14 42.32  ? 1742 ILE A CA  1 
ATOM   431  C CA  B ILE A 1 53  ? -14.279 -15.051 2.805   0.86 44.46  ? 1742 ILE A CA  1 
ATOM   432  C C   . ILE A 1 53  ? -14.362 -14.956 4.322   1.00 36.77  ? 1742 ILE A C   1 
ATOM   433  O O   . ILE A 1 53  ? -15.192 -15.601 4.966   1.00 42.93  ? 1742 ILE A O   1 
ATOM   434  C CB  A ILE A 1 53  ? -13.257 -16.063 2.334   0.14 46.05  ? 1742 ILE A CB  1 
ATOM   435  C CB  B ILE A 1 53  ? -13.094 -15.967 2.452   0.86 45.61  ? 1742 ILE A CB  1 
ATOM   436  C CG1 A ILE A 1 53  ? -11.853 -15.601 2.727   0.14 44.56  ? 1742 ILE A CG1 1 
ATOM   437  C CG1 B ILE A 1 53  ? -13.017 -16.167 0.935   0.86 50.96  ? 1742 ILE A CG1 1 
ATOM   438  C CG2 A ILE A 1 53  ? -13.345 -16.271 0.829   0.14 49.09  ? 1742 ILE A CG2 1 
ATOM   439  C CG2 B ILE A 1 53  ? -13.203 -17.299 3.193   0.86 44.58  ? 1742 ILE A CG2 1 
ATOM   440  C CD1 A ILE A 1 53  ? -10.739 -16.313 1.978   0.14 42.33  ? 1742 ILE A CD1 1 
ATOM   441  C CD1 B ILE A 1 53  ? -11.810 -16.975 0.490   0.86 58.54  ? 1742 ILE A CD1 1 
ATOM   442  N N   . GLY A 1 54  ? -13.484 -14.147 4.893   1.00 33.63  ? 1743 GLY A N   1 
ATOM   443  C CA  . GLY A 1 54  ? -13.412 -14.016 6.334   1.00 36.94  ? 1743 GLY A CA  1 
ATOM   444  C C   . GLY A 1 54  ? -14.671 -13.409 6.915   1.00 39.96  ? 1743 GLY A C   1 
ATOM   445  O O   . GLY A 1 54  ? -15.177 -13.884 7.934   1.00 43.36  ? 1743 GLY A O   1 
ATOM   446  N N   . GLN A 1 55  ? -15.176 -12.358 6.271   1.00 36.43  ? 1744 GLN A N   1 
ATOM   447  C CA  . GLN A 1 55  ? -16.322 -11.630 6.804   1.00 43.22  ? 1744 GLN A CA  1 
ATOM   448  C C   . GLN A 1 55  ? -17.567 -12.506 6.827   1.00 41.37  ? 1744 GLN A C   1 
ATOM   449  O O   . GLN A 1 55  ? -18.359 -12.431 7.763   1.00 35.99  ? 1744 GLN A O   1 
ATOM   450  C CB  . GLN A 1 55  ? -16.601 -10.347 6.013   1.00 37.76  ? 1744 GLN A CB  1 
ATOM   451  C CG  . GLN A 1 55  ? -17.633 -9.415  6.681   1.00 37.19  ? 1744 GLN A CG  1 
ATOM   452  C CD  . GLN A 1 55  ? -17.206 -8.931  8.076   1.00 42.06  ? 1744 GLN A CD  1 
ATOM   453  O OE1 . GLN A 1 55  ? -16.312 -8.091  8.221   1.00 33.85  ? 1744 GLN A OE1 1 
ATOM   454  N NE2 . GLN A 1 55  ? -17.869 -9.445  9.107   1.00 40.72  ? 1744 GLN A NE2 1 
ATOM   455  N N   . GLU A 1 56  ? -17.736 -13.332 5.801   1.00 34.91  ? 1745 GLU A N   1 
ATOM   456  C CA  . GLU A 1 56  ? -18.882 -14.236 5.737   1.00 38.40  ? 1745 GLU A CA  1 
ATOM   457  C C   . GLU A 1 56  ? -18.839 -15.229 6.895   1.00 40.29  ? 1745 GLU A C   1 
ATOM   458  O O   . GLU A 1 56  ? -19.853 -15.495 7.557   1.00 38.63  ? 1745 GLU A O   1 
ATOM   459  C CB  . GLU A 1 56  ? -18.890 -14.990 4.406   1.00 36.04  ? 1745 GLU A CB  1 
ATOM   460  C CG  . GLU A 1 56  ? -20.100 -15.885 4.226   1.00 53.86  ? 1745 GLU A CG  1 
ATOM   461  C CD  . GLU A 1 56  ? -20.119 -16.590 2.877   1.00 69.65  ? 1745 GLU A CD  1 
ATOM   462  O OE1 . GLU A 1 56  ? -19.051 -16.709 2.237   1.00 68.32  ? 1745 GLU A OE1 1 
ATOM   463  O OE2 . GLU A 1 56  ? -21.211 -17.032 2.459   1.00 79.61  ? 1745 GLU A OE2 1 
ATOM   464  N N   . ARG A 1 57  ? -17.652 -15.768 7.149   1.00 30.82  ? 1746 ARG A N   1 
ATOM   465  C CA  . ARG A 1 57  ? -17.469 -16.732 8.234   1.00 41.49  ? 1746 ARG A CA  1 
ATOM   466  C C   . ARG A 1 57  ? -17.722 -16.118 9.607   1.00 39.90  ? 1746 ARG A C   1 
ATOM   467  O O   . ARG A 1 57  ? -18.355 -16.730 10.473  1.00 34.56  ? 1746 ARG A O   1 
ATOM   468  C CB  . ARG A 1 57  ? -16.080 -17.362 8.154   1.00 41.60  ? 1746 ARG A CB  1 
ATOM   469  C CG  . ARG A 1 57  ? -15.900 -18.230 6.913   1.00 46.10  ? 1746 ARG A CG  1 
ATOM   470  C CD  . ARG A 1 57  ? -15.138 -19.499 7.244   1.00 64.35  ? 1746 ARG A CD  1 
ATOM   471  N NE  . ARG A 1 57  ? -13.732 -19.442 6.867   1.00 67.44  ? 1746 ARG A NE  1 
ATOM   472  C CZ  . ARG A 1 57  ? -12.769 -20.150 7.452   1.00 60.13  ? 1746 ARG A CZ  1 
ATOM   473  N NH1 . ARG A 1 57  ? -13.050 -20.951 8.470   1.00 48.68  ? 1746 ARG A NH1 1 
ATOM   474  N NH2 . ARG A 1 57  ? -11.518 -20.038 7.032   1.00 68.73  ? 1746 ARG A NH2 1 
ATOM   475  N N   . VAL A 1 58  ? -17.238 -14.900 9.801   1.00 32.08  ? 1747 VAL A N   1 
ATOM   476  C CA  . VAL A 1 58  ? -17.400 -14.214 11.075  1.00 31.68  ? 1747 VAL A CA  1 
ATOM   477  C C   . VAL A 1 58  ? -18.872 -13.884 11.289  1.00 37.53  ? 1747 VAL A C   1 
ATOM   478  O O   . VAL A 1 58  ? -19.423 -14.087 12.372  1.00 37.59  ? 1747 VAL A O   1 
ATOM   479  C CB  . VAL A 1 58  ? -16.542 -12.925 11.120  1.00 34.27  ? 1747 VAL A CB  1 
ATOM   480  C CG1 . VAL A 1 58  ? -16.875 -12.089 12.354  1.00 32.87  ? 1747 VAL A CG1 1 
ATOM   481  C CG2 . VAL A 1 58  ? -15.059 -13.292 11.087  1.00 30.66  ? 1747 VAL A CG2 1 
ATOM   482  N N   . ASP A 1 59  ? -19.509 -13.391 10.237  1.00 31.27  ? 1748 ASP A N   1 
ATOM   483  C CA  . ASP A 1 59  ? -20.929 -13.061 10.286  1.00 42.15  ? 1748 ASP A CA  1 
ATOM   484  C C   . ASP A 1 59  ? -21.791 -14.253 10.686  1.00 40.09  ? 1748 ASP A C   1 
ATOM   485  O O   . ASP A 1 59  ? -22.701 -14.119 11.507  1.00 46.55  ? 1748 ASP A O   1 
ATOM   486  C CB  . ASP A 1 59  ? -21.386 -12.527 8.931   1.00 36.74  ? 1748 ASP A CB  1 
ATOM   487  C CG  . ASP A 1 59  ? -20.870 -11.131 8.665   1.00 44.37  ? 1748 ASP A CG  1 
ATOM   488  O OD1 . ASP A 1 59  ? -20.266 -10.542 9.586   1.00 42.93  ? 1748 ASP A OD1 1 
ATOM   489  O OD2 . ASP A 1 59  ? -21.067 -10.622 7.544   1.00 49.54  ? 1748 ASP A OD2 1 
ATOM   490  N N   . ASN A 1 60  ? -21.504 -15.409 10.091  1.00 40.49  ? 1749 ASN A N   1 
ATOM   491  C CA  . ASN A 1 60  ? -22.272 -16.613 10.354  1.00 40.70  ? 1749 ASN A CA  1 
ATOM   492  C C   . ASN A 1 60  ? -22.131 -17.038 11.811  1.00 48.19  ? 1749 ASN A C   1 
ATOM   493  O O   . ASN A 1 60  ? -23.099 -17.451 12.446  1.00 46.84  ? 1749 ASN A O   1 
ATOM   494  C CB  . ASN A 1 60  ? -21.833 -17.749 9.426   1.00 39.50  ? 1749 ASN A CB  1 
ATOM   495  C CG  . ASN A 1 60  ? -22.283 -17.536 7.980   1.00 48.12  ? 1749 ASN A CG  1 
ATOM   496  O OD1 . ASN A 1 60  ? -21.714 -18.103 7.045   1.00 48.95  ? 1749 ASN A OD1 1 
ATOM   497  N ND2 . ASN A 1 60  ? -23.298 -16.707 7.798   1.00 40.95  ? 1749 ASN A ND2 1 
ATOM   498  N N   . VAL A 1 61  ? -20.922 -16.946 12.345  1.00 37.22  ? 1750 VAL A N   1 
ATOM   499  C CA  . VAL A 1 61  ? -20.738 -17.316 13.749  1.00 39.75  ? 1750 VAL A CA  1 
ATOM   500  C C   . VAL A 1 61  ? -21.472 -16.305 14.626  1.00 41.35  ? 1750 VAL A C   1 
ATOM   501  O O   . VAL A 1 61  ? -22.206 -16.683 15.544  1.00 37.85  ? 1750 VAL A O   1 
ATOM   502  C CB  . VAL A 1 61  ? -19.251 -17.427 14.115  1.00 41.80  ? 1750 VAL A CB  1 
ATOM   503  C CG1 . VAL A 1 61  ? -19.056 -17.492 15.642  1.00 41.25  ? 1750 VAL A CG1 1 
ATOM   504  C CG2 . VAL A 1 61  ? -18.655 -18.647 13.431  1.00 36.45  ? 1750 VAL A CG2 1 
ATOM   505  N N   . ASN A 1 62  ? -21.296 -15.021 14.319  1.00 34.13  ? 1751 ASN A N   1 
ATOM   506  C CA  . ASN A 1 62  ? -21.981 -13.970 15.057  1.00 35.61  ? 1751 ASN A CA  1 
ATOM   507  C C   . ASN A 1 62  ? -23.495 -14.139 15.046  1.00 37.65  ? 1751 ASN A C   1 
ATOM   508  O O   . ASN A 1 62  ? -24.129 -14.039 16.084  1.00 36.63  ? 1751 ASN A O   1 
ATOM   509  C CB  . ASN A 1 62  ? -21.618 -12.589 14.518  1.00 36.53  ? 1751 ASN A CB  1 
ATOM   510  C CG  . ASN A 1 62  ? -20.382 -12.013 15.182  1.00 45.72  ? 1751 ASN A CG  1 
ATOM   511  O OD1 . ASN A 1 62  ? -20.480 -11.137 16.047  1.00 54.20  ? 1751 ASN A OD1 1 
ATOM   512  N ND2 . ASN A 1 62  ? -19.209 -12.512 14.795  1.00 36.64  ? 1751 ASN A ND2 1 
ATOM   513  N N   . ALA A 1 63  ? -24.065 -14.380 13.868  1.00 34.01  ? 1752 ALA A N   1 
ATOM   514  C CA  . ALA A 1 63  ? -25.502 -14.593 13.737  1.00 41.60  ? 1752 ALA A CA  1 
ATOM   515  C C   . ALA A 1 63  ? -26.034 -15.745 14.610  1.00 38.85  ? 1752 ALA A C   1 
ATOM   516  O O   . ALA A 1 63  ? -27.011 -15.582 15.335  1.00 47.60  ? 1752 ALA A O   1 
ATOM   517  C CB  . ALA A 1 63  ? -25.864 -14.816 12.279  1.00 43.09  ? 1752 ALA A CB  1 
ATOM   518  N N   . PHE A 1 64  ? -25.381 -16.901 14.556  1.00 38.44  ? 1753 PHE A N   1 
ATOM   519  C CA  . PHE A 1 64  ? -25.860 -18.069 15.306  1.00 38.22  ? 1753 PHE A CA  1 
ATOM   520  C C   . PHE A 1 64  ? -25.723 -17.863 16.821  1.00 45.46  ? 1753 PHE A C   1 
ATOM   521  O O   . PHE A 1 64  ? -26.612 -18.208 17.588  1.00 44.48  ? 1753 PHE A O   1 
ATOM   522  C CB  . PHE A 1 64  ? -25.102 -19.325 14.865  1.00 42.72  ? 1753 PHE A CB  1 
ATOM   523  C CG  . PHE A 1 64  ? -25.538 -20.582 15.568  1.00 53.70  ? 1753 PHE A CG  1 
ATOM   524  C CD1 . PHE A 1 64  ? -24.632 -21.336 16.302  1.00 54.19  ? 1753 PHE A CD1 1 
ATOM   525  C CD2 . PHE A 1 64  ? -26.856 -21.014 15.498  1.00 60.58  ? 1753 PHE A CD2 1 
ATOM   526  C CE1 . PHE A 1 64  ? -25.034 -22.510 16.952  1.00 50.53  ? 1753 PHE A CE1 1 
ATOM   527  C CE2 . PHE A 1 64  ? -27.263 -22.182 16.150  1.00 59.41  ? 1753 PHE A CE2 1 
ATOM   528  C CZ  . PHE A 1 64  ? -26.349 -22.927 16.876  1.00 55.71  ? 1753 PHE A CZ  1 
ATOM   529  N N   . ILE A 1 65  ? -24.603 -17.300 17.253  1.00 43.72  ? 1754 ILE A N   1 
ATOM   530  C CA  . ILE A 1 65  ? -24.425 -17.041 18.682  1.00 50.08  ? 1754 ILE A CA  1 
ATOM   531  C C   . ILE A 1 65  ? -25.475 -16.033 19.154  1.00 50.49  ? 1754 ILE A C   1 
ATOM   532  O O   . ILE A 1 65  ? -26.096 -16.214 20.200  1.00 45.77  ? 1754 ILE A O   1 
ATOM   533  C CB  . ILE A 1 65  ? -23.006 -16.545 18.995  1.00 47.38  ? 1754 ILE A CB  1 
ATOM   534  C CG1 . ILE A 1 65  ? -22.005 -17.696 18.800  1.00 41.46  ? 1754 ILE A CG1 1 
ATOM   535  C CG2 . ILE A 1 65  ? -22.938 -15.935 20.405  1.00 41.13  ? 1754 ILE A CG2 1 
ATOM   536  C CD1 . ILE A 1 65  ? -20.565 -17.297 19.013  1.00 39.87  ? 1754 ILE A CD1 1 
ATOM   537  N N   . GLU A 1 66  ? -25.696 -14.992 18.354  1.00 44.17  ? 1755 GLU A N   1 
ATOM   538  C CA  . GLU A 1 66  ? -26.696 -13.987 18.684  1.00 50.72  ? 1755 GLU A CA  1 
ATOM   539  C C   . GLU A 1 66  ? -28.105 -14.575 18.778  1.00 55.44  ? 1755 GLU A C   1 
ATOM   540  O O   . GLU A 1 66  ? -28.871 -14.223 19.680  1.00 46.82  ? 1755 GLU A O   1 
ATOM   541  C CB  . GLU A 1 66  ? -26.657 -12.839 17.677  1.00 56.04  ? 1755 GLU A CB  1 
ATOM   542  C CG  . GLU A 1 66  ? -25.417 -11.977 17.811  1.00 67.07  ? 1755 GLU A CG  1 
ATOM   543  C CD  . GLU A 1 66  ? -25.246 -11.020 16.651  1.00 86.14  ? 1755 GLU A CD  1 
ATOM   544  O OE1 . GLU A 1 66  ? -24.281 -11.196 15.875  1.00 93.30  ? 1755 GLU A OE1 1 
ATOM   545  O OE2 . GLU A 1 66  ? -26.080 -10.101 16.505  1.00 96.50  ? 1755 GLU A OE2 1 
ATOM   546  N N   . ARG A 1 67  ? -28.453 -15.469 17.856  1.00 45.20  ? 1756 ARG A N   1 
ATOM   547  C CA  . ARG A 1 67  ? -29.758 -16.115 17.938  1.00 50.35  ? 1756 ARG A CA  1 
ATOM   548  C C   . ARG A 1 67  ? -29.894 -16.910 19.233  1.00 50.41  ? 1756 ARG A C   1 
ATOM   549  O O   . ARG A 1 67  ? -30.925 -16.845 19.905  1.00 50.54  ? 1756 ARG A O   1 
ATOM   550  C CB  . ARG A 1 67  ? -30.012 -17.018 16.736  1.00 43.35  ? 1756 ARG A CB  1 
ATOM   551  C CG  . ARG A 1 67  ? -30.218 -16.255 15.441  1.00 43.51  ? 1756 ARG A CG  1 
ATOM   552  C CD  . ARG A 1 67  ? -30.712 -17.161 14.337  1.00 50.66  ? 1756 ARG A CD  1 
ATOM   553  N NE  . ARG A 1 67  ? -30.243 -16.709 13.032  1.00 63.50  ? 1756 ARG A NE  1 
ATOM   554  C CZ  . ARG A 1 67  ? -29.110 -17.129 12.471  1.00 67.58  ? 1756 ARG A CZ  1 
ATOM   555  N NH1 . ARG A 1 67  ? -28.334 -18.012 13.102  1.00 51.72  ? 1756 ARG A NH1 1 
ATOM   556  N NH2 . ARG A 1 67  ? -28.751 -16.671 11.281  1.00 70.47  ? 1756 ARG A NH2 1 
ATOM   557  N N   . LEU A 1 68  ? -28.852 -17.654 19.589  1.00 46.50  ? 1757 LEU A N   1 
ATOM   558  C CA  A LEU A 1 68  ? -28.906 -18.471 20.793  0.35 49.69  ? 1757 LEU A CA  1 
ATOM   559  C CA  B LEU A 1 68  ? -28.880 -18.470 20.802  0.65 50.55  ? 1757 LEU A CA  1 
ATOM   560  C C   . LEU A 1 68  ? -29.032 -17.612 22.048  1.00 50.36  ? 1757 LEU A C   1 
ATOM   561  O O   . LEU A 1 68  ? -29.775 -17.954 22.968  1.00 55.29  ? 1757 LEU A O   1 
ATOM   562  C CB  A LEU A 1 68  ? -27.696 -19.405 20.871  0.35 46.96  ? 1757 LEU A CB  1 
ATOM   563  C CB  B LEU A 1 68  ? -27.614 -19.319 20.915  0.65 47.57  ? 1757 LEU A CB  1 
ATOM   564  C CG  A LEU A 1 68  ? -27.851 -20.669 20.021  0.35 44.14  ? 1757 LEU A CG  1 
ATOM   565  C CG  B LEU A 1 68  ? -27.464 -20.439 19.889  0.65 42.86  ? 1757 LEU A CG  1 
ATOM   566  C CD1 A LEU A 1 68  ? -28.870 -21.606 20.654  0.35 40.45  ? 1757 LEU A CD1 1 
ATOM   567  C CD1 B LEU A 1 68  ? -26.162 -21.156 20.114  0.65 31.92  ? 1757 LEU A CD1 1 
ATOM   568  C CD2 A LEU A 1 68  ? -28.270 -20.324 18.595  0.35 40.81  ? 1757 LEU A CD2 1 
ATOM   569  C CD2 B LEU A 1 68  ? -28.644 -21.423 19.953  0.65 44.11  ? 1757 LEU A CD2 1 
ATOM   570  N N   . ILE A 1 69  ? -28.316 -16.495 22.077  1.00 54.04  ? 1758 ILE A N   1 
ATOM   571  C CA  . ILE A 1 69  ? -28.412 -15.594 23.214  1.00 60.89  ? 1758 ILE A CA  1 
ATOM   572  C C   . ILE A 1 69  ? -29.813 -14.990 23.262  1.00 61.49  ? 1758 ILE A C   1 
ATOM   573  O O   . ILE A 1 69  ? -30.454 -14.968 24.316  1.00 58.43  ? 1758 ILE A O   1 
ATOM   574  C CB  . ILE A 1 69  ? -27.353 -14.487 23.146  1.00 58.97  ? 1758 ILE A CB  1 
ATOM   575  C CG1 . ILE A 1 69  ? -25.964 -15.071 23.419  1.00 55.15  ? 1758 ILE A CG1 1 
ATOM   576  C CG2 . ILE A 1 69  ? -27.674 -13.384 24.141  1.00 55.05  ? 1758 ILE A CG2 1 
ATOM   577  C CD1 . ILE A 1 69  ? -24.827 -14.148 23.029  1.00 46.01  ? 1758 ILE A CD1 1 
ATOM   578  N N   . ASP A 1 70  ? -30.284 -14.521 22.109  0.96 56.93  ? 1759 ASP A N   1 
ATOM   579  C CA  . ASP A 1 70  ? -31.645 -14.000 21.975  1.00 56.98  ? 1759 ASP A CA  1 
ATOM   580  C C   . ASP A 1 70  ? -32.688 -14.967 22.525  0.69 59.84  ? 1759 ASP A C   1 
ATOM   581  O O   . ASP A 1 70  ? -33.625 -14.551 23.200  1.00 66.39  ? 1759 ASP A O   1 
ATOM   582  C CB  . ASP A 1 70  ? -31.969 -13.700 20.511  1.00 64.59  ? 1759 ASP A CB  1 
ATOM   583  C CG  . ASP A 1 70  ? -31.324 -12.426 20.025  1.00 73.35  ? 1759 ASP A CG  1 
ATOM   584  O OD1 . ASP A 1 70  ? -30.737 -11.705 20.859  1.00 74.24  ? 1759 ASP A OD1 1 
ATOM   585  O OD2 . ASP A 1 70  ? -31.403 -12.145 18.812  1.00 78.42  ? 1759 ASP A OD2 1 
ATOM   586  N N   . ALA A 1 71  ? -32.523 -16.253 22.220  1.00 54.65  ? 1760 ALA A N   1 
ATOM   587  C CA  . ALA A 1 71  ? -33.462 -17.286 22.643  1.00 53.34  ? 1760 ALA A CA  1 
ATOM   588  C C   . ALA A 1 71  ? -33.276 -17.679 24.103  1.00 57.62  ? 1760 ALA A C   1 
ATOM   589  O O   . ALA A 1 71  ? -33.926 -18.605 24.583  1.00 61.08  ? 1760 ALA A O   1 
ATOM   590  C CB  . ALA A 1 71  ? -33.334 -18.515 21.757  1.00 52.46  ? 1760 ALA A CB  1 
ATOM   591  N N   . GLY A 1 72  ? -32.376 -16.991 24.802  1.00 53.93  ? 1761 GLY A N   1 
ATOM   592  C CA  . GLY A 1 72  ? -32.180 -17.235 26.220  1.00 58.13  ? 1761 GLY A CA  1 
ATOM   593  C C   . GLY A 1 72  ? -31.439 -18.520 26.566  1.00 65.03  ? 1761 GLY A C   1 
ATOM   594  O O   . GLY A 1 72  ? -31.670 -19.097 27.631  1.00 60.29  ? 1761 GLY A O   1 
ATOM   595  N N   . HIS A 1 73  ? -30.543 -18.968 25.684  1.00 61.07  ? 1762 HIS A N   1 
ATOM   596  C CA  . HIS A 1 73  ? -29.732 -20.155 25.959  1.00 50.02  ? 1762 HIS A CA  1 
ATOM   597  C C   . HIS A 1 73  ? -28.985 -19.999 27.286  1.00 51.51  ? 1762 HIS A C   1 
ATOM   598  O O   . HIS A 1 73  ? -28.430 -18.934 27.572  1.00 52.92  ? 1762 HIS A O   1 
ATOM   599  C CB  . HIS A 1 73  ? -28.737 -20.424 24.827  1.00 49.85  ? 1762 HIS A CB  1 
ATOM   600  C CG  . HIS A 1 73  ? -28.192 -21.821 24.818  1.00 52.98  ? 1762 HIS A CG  1 
ATOM   601  N ND1 . HIS A 1 73  ? -27.332 -22.295 25.788  1.00 48.24  ? 1762 HIS A ND1 1 
ATOM   602  C CD2 . HIS A 1 73  ? -28.377 -22.843 23.947  1.00 58.91  ? 1762 HIS A CD2 1 
ATOM   603  C CE1 . HIS A 1 73  ? -27.020 -23.552 25.522  1.00 49.78  ? 1762 HIS A CE1 1 
ATOM   604  N NE2 . HIS A 1 73  ? -27.639 -23.908 24.409  1.00 58.24  ? 1762 HIS A NE2 1 
ATOM   605  N N   . SER A 1 74  ? -28.974 -21.060 28.093  1.00 48.74  ? 1763 SER A N   1 
ATOM   606  C CA  . SER A 1 74  ? -28.349 -21.001 29.418  1.00 56.80  ? 1763 SER A CA  1 
ATOM   607  C C   . SER A 1 74  ? -26.856 -20.675 29.355  1.00 54.85  ? 1763 SER A C   1 
ATOM   608  O O   . SER A 1 74  ? -26.284 -20.152 30.316  1.00 52.10  ? 1763 SER A O   1 
ATOM   609  C CB  . SER A 1 74  ? -28.592 -22.295 30.210  1.00 62.84  ? 1763 SER A CB  1 
ATOM   610  O OG  . SER A 1 74  ? -27.824 -23.379 29.714  1.00 63.30  ? 1763 SER A OG  1 
ATOM   611  N N   . GLU A 1 75  ? -26.229 -20.971 28.220  1.00 59.89  ? 1764 GLU A N   1 
ATOM   612  C CA  . GLU A 1 75  ? -24.786 -20.785 28.082  1.00 52.93  ? 1764 GLU A CA  1 
ATOM   613  C C   . GLU A 1 75  ? -24.447 -19.478 27.382  1.00 54.37  ? 1764 GLU A C   1 
ATOM   614  O O   . GLU A 1 75  ? -23.348 -19.319 26.868  1.00 55.26  ? 1764 GLU A O   1 
ATOM   615  C CB  . GLU A 1 75  ? -24.168 -21.960 27.321  1.00 50.09  ? 1764 GLU A CB  1 
ATOM   616  C CG  . GLU A 1 75  ? -24.470 -23.322 27.925  1.00 50.57  ? 1764 GLU A CG  1 
ATOM   617  C CD  . GLU A 1 75  ? -23.885 -23.482 29.327  1.00 57.89  ? 1764 GLU A CD  1 
ATOM   618  O OE1 . GLU A 1 75  ? -22.889 -22.800 29.654  1.00 55.70  ? 1764 GLU A OE1 1 
ATOM   619  O OE2 . GLU A 1 75  ? -24.425 -24.289 30.102  1.00 72.33  ? 1764 GLU A OE2 1 
ATOM   620  N N   . ALA A 1 76  ? -25.391 -18.545 27.376  1.00 52.13  ? 1765 ALA A N   1 
ATOM   621  C CA  . ALA A 1 76  ? -25.208 -17.271 26.689  1.00 49.82  ? 1765 ALA A CA  1 
ATOM   622  C C   . ALA A 1 76  ? -23.895 -16.588 27.060  1.00 49.41  ? 1765 ALA A C   1 
ATOM   623  O O   . ALA A 1 76  ? -23.255 -15.942 26.223  1.00 45.41  ? 1765 ALA A O   1 
ATOM   624  C CB  . ALA A 1 76  ? -26.387 -16.352 26.964  1.00 55.40  ? 1765 ALA A CB  1 
ATOM   625  N N   . ALA A 1 77  ? -23.491 -16.745 28.317  1.00 50.71  ? 1766 ALA A N   1 
ATOM   626  C CA  . ALA A 1 77  ? -22.272 -16.138 28.816  1.00 50.55  ? 1766 ALA A CA  1 
ATOM   627  C C   . ALA A 1 77  ? -21.056 -16.718 28.107  1.00 55.53  ? 1766 ALA A C   1 
ATOM   628  O O   . ALA A 1 77  ? -20.194 -15.980 27.625  1.00 54.51  ? 1766 ALA A O   1 
ATOM   629  C CB  . ALA A 1 77  ? -22.153 -16.346 30.341  1.00 52.47  ? 1766 ALA A CB  1 
ATOM   630  N N   . THR A 1 78  ? -20.992 -18.044 28.047  1.00 51.02  ? 1767 THR A N   1 
ATOM   631  C CA  A THR A 1 78  ? -19.889 -18.738 27.394  0.57 46.49  ? 1767 THR A CA  1 
ATOM   632  C CA  B THR A 1 78  ? -19.860 -18.705 27.406  0.43 48.03  ? 1767 THR A CA  1 
ATOM   633  C C   . THR A 1 78  ? -19.812 -18.395 25.911  1.00 50.48  ? 1767 THR A C   1 
ATOM   634  O O   . THR A 1 78  ? -18.741 -18.109 25.374  1.00 45.77  ? 1767 THR A O   1 
ATOM   635  C CB  A THR A 1 78  ? -20.041 -20.263 27.568  0.57 45.87  ? 1767 THR A CB  1 
ATOM   636  C CB  B THR A 1 78  ? -19.855 -20.237 27.641  0.43 43.81  ? 1767 THR A CB  1 
ATOM   637  O OG1 A THR A 1 78  ? -19.682 -20.618 28.908  0.57 40.48  ? 1767 THR A OG1 1 
ATOM   638  O OG1 B THR A 1 78  ? -18.531 -20.754 27.450  0.43 37.50  ? 1767 THR A OG1 1 
ATOM   639  C CG2 A THR A 1 78  ? -19.171 -21.038 26.573  0.57 37.14  ? 1767 THR A CG2 1 
ATOM   640  C CG2 B THR A 1 78  ? -20.813 -20.939 26.689  0.43 44.41  ? 1767 THR A CG2 1 
ATOM   641  N N   . ILE A 1 79  ? -20.959 -18.416 25.238  1.00 44.18  ? 1768 ILE A N   1 
ATOM   642  C CA  . ILE A 1 79  ? -20.922 -18.169 23.795  1.00 41.16  ? 1768 ILE A CA  1 
ATOM   643  C C   . ILE A 1 79  ? -20.642 -16.702 23.435  1.00 46.20  ? 1768 ILE A C   1 
ATOM   644  O O   . ILE A 1 79  ? -19.999 -16.410 22.419  1.00 41.53  ? 1768 ILE A O   1 
ATOM   645  C CB  . ILE A 1 79  ? -22.173 -18.691 23.088  1.00 38.89  ? 1768 ILE A CB  1 
ATOM   646  C CG1 . ILE A 1 79  ? -23.445 -18.109 23.703  1.00 43.75  ? 1768 ILE A CG1 1 
ATOM   647  C CG2 . ILE A 1 79  ? -22.221 -20.219 23.166  1.00 41.22  ? 1768 ILE A CG2 1 
ATOM   648  C CD1 . ILE A 1 79  ? -24.731 -18.514 22.916  1.00 44.70  ? 1768 ILE A CD1 1 
ATOM   649  N N   . ALA A 1 80  ? -21.114 -15.780 24.267  1.00 45.86  ? 1769 ALA A N   1 
ATOM   650  C CA  . ALA A 1 80  ? -20.811 -14.369 24.060  1.00 42.59  ? 1769 ALA A CA  1 
ATOM   651  C C   . ALA A 1 80  ? -19.304 -14.133 24.131  1.00 48.65  ? 1769 ALA A C   1 
ATOM   652  O O   . ALA A 1 80  ? -18.763 -13.313 23.384  1.00 48.97  ? 1769 ALA A O   1 
ATOM   653  C CB  . ALA A 1 80  ? -21.523 -13.512 25.080  1.00 38.75  ? 1769 ALA A CB  1 
ATOM   654  N N   . GLU A 1 81  ? -18.629 -14.841 25.035  1.00 43.91  ? 1770 GLU A N   1 
ATOM   655  C CA  . GLU A 1 81  ? -17.184 -14.689 25.156  1.00 45.09  ? 1770 GLU A CA  1 
ATOM   656  C C   . GLU A 1 81  ? -16.505 -15.201 23.890  1.00 48.13  ? 1770 GLU A C   1 
ATOM   657  O O   . GLU A 1 81  ? -15.557 -14.577 23.389  1.00 40.96  ? 1770 GLU A O   1 
ATOM   658  C CB  . GLU A 1 81  ? -16.642 -15.430 26.376  1.00 39.67  ? 1770 GLU A CB  1 
ATOM   659  C CG  . GLU A 1 81  ? -15.155 -15.708 26.259  1.00 48.59  ? 1770 GLU A CG  1 
ATOM   660  N N   . TRP A 1 82  ? -16.990 -16.334 23.375  1.00 41.07  ? 1771 TRP A N   1 
ATOM   661  C CA  . TRP A 1 82  ? -16.472 -16.886 22.126  1.00 42.88  ? 1771 TRP A CA  1 
ATOM   662  C C   . TRP A 1 82  ? -16.604 -15.860 21.008  1.00 44.29  ? 1771 TRP A C   1 
ATOM   663  O O   . TRP A 1 82  ? -15.698 -15.674 20.191  1.00 41.17  ? 1771 TRP A O   1 
ATOM   664  C CB  . TRP A 1 82  ? -17.246 -18.140 21.715  1.00 50.36  ? 1771 TRP A CB  1 
ATOM   665  C CG  . TRP A 1 82  ? -17.072 -19.317 22.630  1.00 45.55  ? 1771 TRP A CG  1 
ATOM   666  C CD1 . TRP A 1 82  ? -16.215 -19.424 23.705  1.00 49.82  ? 1771 TRP A CD1 1 
ATOM   667  C CD2 . TRP A 1 82  ? -17.745 -20.579 22.525  1.00 47.24  ? 1771 TRP A CD2 1 
ATOM   668  N NE1 . TRP A 1 82  ? -16.343 -20.675 24.281  1.00 50.92  ? 1771 TRP A NE1 1 
ATOM   669  C CE2 . TRP A 1 82  ? -17.271 -21.399 23.573  1.00 50.99  ? 1771 TRP A CE2 1 
ATOM   670  C CE3 . TRP A 1 82  ? -18.712 -21.091 21.650  1.00 44.73  ? 1771 TRP A CE3 1 
ATOM   671  C CZ2 . TRP A 1 82  ? -17.734 -22.702 23.769  1.00 44.94  ? 1771 TRP A CZ2 1 
ATOM   672  C CZ3 . TRP A 1 82  ? -19.171 -22.383 21.846  1.00 49.64  ? 1771 TRP A CZ3 1 
ATOM   673  C CH2 . TRP A 1 82  ? -18.674 -23.176 22.897  1.00 49.39  ? 1771 TRP A CH2 1 
ATOM   674  N N   . LYS A 1 83  ? -17.761 -15.214 20.976  1.00 38.94  ? 1772 LYS A N   1 
ATOM   675  C CA  . LYS A 1 83  ? -18.083 -14.230 19.960  1.00 40.06  ? 1772 LYS A CA  1 
ATOM   676  C C   . LYS A 1 83  ? -17.130 -13.047 20.126  1.00 45.74  ? 1772 LYS A C   1 
ATOM   677  O O   . LYS A 1 83  ? -16.518 -12.591 19.164  1.00 41.39  ? 1772 LYS A O   1 
ATOM   678  C CB  . LYS A 1 83  ? -19.544 -13.808 20.130  1.00 47.72  ? 1772 LYS A CB  1 
ATOM   679  C CG  . LYS A 1 83  ? -20.049 -12.816 19.123  1.00 51.86  ? 1772 LYS A CG  1 
ATOM   680  C CD  . LYS A 1 83  ? -21.499 -12.472 19.401  1.00 60.60  ? 1772 LYS A CD  1 
ATOM   681  C CE  . LYS A 1 83  ? -21.836 -11.108 18.833  1.00 72.47  ? 1772 LYS A CE  1 
ATOM   682  N NZ  . LYS A 1 83  ? -20.850 -10.087 19.292  1.00 76.12  ? 1772 LYS A NZ  1 
ATOM   683  N N   . ASP A 1 84  ? -16.956 -12.579 21.358  1.00 37.48  ? 1773 ASP A N   1 
ATOM   684  C CA  . ASP A 1 84  ? -16.070 -11.439 21.587  1.00 37.79  ? 1773 ASP A CA  1 
ATOM   685  C C   . ASP A 1 84  ? -14.621 -11.687 21.138  1.00 42.22  ? 1773 ASP A C   1 
ATOM   686  O O   . ASP A 1 84  ? -14.023 -10.852 20.458  1.00 42.24  ? 1773 ASP A O   1 
ATOM   687  C CB  . ASP A 1 84  ? -16.115 -11.014 23.057  1.00 43.74  ? 1773 ASP A CB  1 
ATOM   688  C CG  . ASP A 1 84  ? -17.463 -10.444 23.443  1.00 52.68  ? 1773 ASP A CG  1 
ATOM   689  O OD1 . ASP A 1 84  ? -18.169 -9.948  22.532  1.00 52.88  ? 1773 ASP A OD1 1 
ATOM   690  O OD2 . ASP A 1 84  ? -17.819 -10.498 24.638  1.00 52.13  ? 1773 ASP A OD2 1 
ATOM   691  N N   . GLY A 1 85  ? -14.060 -12.825 21.529  1.00 38.76  ? 1774 GLY A N   1 
ATOM   692  C CA  . GLY A 1 85  ? -12.707 -13.174 21.136  1.00 40.98  ? 1774 GLY A CA  1 
ATOM   693  C C   . GLY A 1 85  ? -12.583 -13.208 19.627  1.00 41.11  ? 1774 GLY A C   1 
ATOM   694  O O   . GLY A 1 85  ? -11.660 -12.630 19.051  1.00 44.44  ? 1774 GLY A O   1 
ATOM   695  N N   . LEU A 1 86  ? -13.527 -13.878 18.975  1.00 43.66  ? 1775 LEU A N   1 
ATOM   696  C CA  . LEU A 1 86  ? -13.513 -13.947 17.527  1.00 39.68  ? 1775 LEU A CA  1 
ATOM   697  C C   . LEU A 1 86  ? -13.493 -12.551 16.913  1.00 42.34  ? 1775 LEU A C   1 
ATOM   698  O O   . LEU A 1 86  ? -12.657 -12.253 16.055  1.00 33.45  ? 1775 LEU A O   1 
ATOM   699  C CB  . LEU A 1 86  ? -14.722 -14.714 17.011  1.00 41.39  ? 1775 LEU A CB  1 
ATOM   700  C CG  . LEU A 1 86  ? -14.867 -14.616 15.492  1.00 39.94  ? 1775 LEU A CG  1 
ATOM   701  C CD1 . LEU A 1 86  ? -13.637 -15.179 14.784  1.00 33.99  ? 1775 LEU A CD1 1 
ATOM   702  C CD2 . LEU A 1 86  ? -16.142 -15.330 15.038  1.00 37.01  ? 1775 LEU A CD2 1 
ATOM   703  N N   . ASN A 1 87  ? -14.411 -11.694 17.351  1.00 34.04  ? 1776 ASN A N   1 
ATOM   704  C CA  . ASN A 1 87  ? -14.524 -10.369 16.751  1.00 40.94  ? 1776 ASN A CA  1 
ATOM   705  C C   . ASN A 1 87  ? -13.274 -9.534  16.976  1.00 40.06  ? 1776 ASN A C   1 
ATOM   706  O O   . ASN A 1 87  ? -12.887 -8.733  16.124  1.00 37.86  ? 1776 ASN A O   1 
ATOM   707  C CB  . ASN A 1 87  ? -15.786 -9.651  17.230  1.00 43.31  ? 1776 ASN A CB  1 
ATOM   708  C CG  . ASN A 1 87  ? -17.044 -10.257 16.632  1.00 47.25  ? 1776 ASN A CG  1 
ATOM   709  O OD1 . ASN A 1 87  ? -17.010 -10.776 15.520  1.00 43.46  ? 1776 ASN A OD1 1 
ATOM   710  N ND2 . ASN A 1 87  ? -18.148 -10.202 17.363  1.00 41.32  ? 1776 ASN A ND2 1 
ATOM   711  N N   . GLU A 1 88  ? -12.618 -9.756  18.109  1.00 42.91  ? 1777 GLU A N   1 
ATOM   712  C CA  . GLU A 1 88  ? -11.369 -9.073  18.386  1.00 42.86  ? 1777 GLU A CA  1 
ATOM   713  C C   . GLU A 1 88  ? -10.221 -9.534  17.475  1.00 39.18  ? 1777 GLU A C   1 
ATOM   714  O O   . GLU A 1 88  ? -9.436  -8.712  17.005  1.00 36.08  ? 1777 GLU A O   1 
ATOM   715  C CB  . GLU A 1 88  ? -10.990 -9.224  19.863  1.00 44.95  ? 1777 GLU A CB  1 
ATOM   716  C CG  . GLU A 1 88  ? -9.811  -8.373  20.261  1.00 59.66  ? 1777 GLU A CG  1 
ATOM   717  C CD  . GLU A 1 88  ? -9.486  -8.480  21.743  1.00 67.17  ? 1777 GLU A CD  1 
ATOM   718  O OE1 . GLU A 1 88  ? -10.245 -9.154  22.483  1.00 64.28  ? 1777 GLU A OE1 1 
ATOM   719  O OE2 . GLU A 1 88  ? -8.470  -7.880  22.157  1.00 59.64  ? 1777 GLU A OE2 1 
ATOM   720  N N   . MET A 1 89  ? -10.122 -10.836 17.218  1.00 37.75  ? 1778 MET A N   1 
ATOM   721  C CA  . MET A 1 89  ? -9.088  -11.327 16.307  1.00 36.49  ? 1778 MET A CA  1 
ATOM   722  C C   . MET A 1 89  ? -9.309  -10.829 14.879  1.00 35.58  ? 1778 MET A C   1 
ATOM   723  O O   . MET A 1 89  ? -8.360  -10.461 14.184  1.00 37.15  ? 1778 MET A O   1 
ATOM   724  C CB  . MET A 1 89  ? -9.010  -12.852 16.321  1.00 36.95  ? 1778 MET A CB  1 
ATOM   725  C CG  . MET A 1 89  ? -8.596  -13.401 17.661  1.00 45.44  ? 1778 MET A CG  1 
ATOM   726  S SD  . MET A 1 89  ? -8.125  -15.132 17.582  1.00 51.42  ? 1778 MET A SD  1 
ATOM   727  C CE  . MET A 1 89  ? -6.909  -15.167 16.257  1.00 42.61  ? 1778 MET A CE  1 
ATOM   728  N N   . TRP A 1 90  ? -10.563 -10.807 14.452  1.00 30.88  ? 1779 TRP A N   1 
ATOM   729  C CA  . TRP A 1 90  ? -10.894 -10.375 13.098  1.00 36.09  ? 1779 TRP A CA  1 
ATOM   730  C C   . TRP A 1 90  ? -10.522 -8.912  12.922  1.00 33.16  ? 1779 TRP A C   1 
ATOM   731  O O   . TRP A 1 90  ? -9.974  -8.510  11.900  1.00 38.51  ? 1779 TRP A O   1 
ATOM   732  C CB  . TRP A 1 90  ? -12.386 -10.569 12.859  1.00 33.59  ? 1779 TRP A CB  1 
ATOM   733  C CG  . TRP A 1 90  ? -12.915 -10.158 11.495  1.00 32.64  ? 1779 TRP A CG  1 
ATOM   734  C CD1 . TRP A 1 90  ? -13.972 -9.315  11.251  1.00 32.88  ? 1779 TRP A CD1 1 
ATOM   735  C CD2 . TRP A 1 90  ? -12.445 -10.591 10.202  1.00 34.56  ? 1779 TRP A CD2 1 
ATOM   736  N NE1 . TRP A 1 90  ? -14.197 -9.208  9.887   1.00 35.22  ? 1779 TRP A NE1 1 
ATOM   737  C CE2 . TRP A 1 90  ? -13.272 -9.974  9.225   1.00 35.74  ? 1779 TRP A CE2 1 
ATOM   738  C CE3 . TRP A 1 90  ? -11.413 -11.436 9.777   1.00 30.30  ? 1779 TRP A CE3 1 
ATOM   739  C CZ2 . TRP A 1 90  ? -13.085 -10.167 7.857   1.00 34.40  ? 1779 TRP A CZ2 1 
ATOM   740  C CZ3 . TRP A 1 90  ? -11.237 -11.636 8.403   1.00 35.36  ? 1779 TRP A CZ3 1 
ATOM   741  C CH2 . TRP A 1 90  ? -12.070 -11.005 7.466   1.00 39.84  ? 1779 TRP A CH2 1 
ATOM   742  N N   . ALA A 1 91  ? -10.833 -8.113  13.932  1.00 39.36  ? 1780 ALA A N   1 
ATOM   743  C CA  . ALA A 1 91  ? -10.542 -6.691  13.879  1.00 36.90  ? 1780 ALA A CA  1 
ATOM   744  C C   . ALA A 1 91  ? -9.030  -6.480  13.854  1.00 34.38  ? 1780 ALA A C   1 
ATOM   745  O O   . ALA A 1 91  ? -8.540  -5.633  13.106  1.00 39.77  ? 1780 ALA A O   1 
ATOM   746  C CB  . ALA A 1 91  ? -11.185 -5.967  15.054  1.00 40.24  ? 1780 ALA A CB  1 
ATOM   747  N N   . ASP A 1 92  ? -8.286  -7.255  14.653  1.00 35.64  ? 1781 ASP A N   1 
ATOM   748  C CA  . ASP A 1 92  ? -6.823  -7.179  14.615  1.00 32.61  ? 1781 ASP A CA  1 
ATOM   749  C C   . ASP A 1 92  ? -6.335  -7.434  13.192  1.00 36.56  ? 1781 ASP A C   1 
ATOM   750  O O   . ASP A 1 92  ? -5.465  -6.724  12.680  1.00 36.83  ? 1781 ASP A O   1 
ATOM   751  C CB  . ASP A 1 92  ? -6.161  -8.232  15.513  1.00 41.22  ? 1781 ASP A CB  1 
ATOM   752  C CG  . ASP A 1 92  ? -6.438  -8.021  16.991  1.00 43.58  ? 1781 ASP A CG  1 
ATOM   753  O OD1 . ASP A 1 92  ? -6.820  -6.900  17.396  1.00 38.49  ? 1781 ASP A OD1 1 
ATOM   754  O OD2 . ASP A 1 92  ? -6.274  -9.000  17.749  1.00 41.45  ? 1781 ASP A OD2 1 
ATOM   755  N N   . LEU A 1 93  ? -6.884  -8.467  12.562  1.00 33.30  ? 1782 LEU A N   1 
ATOM   756  C CA  A LEU A 1 93  ? -6.476  -8.841  11.213  0.16 33.87  ? 1782 LEU A CA  1 
ATOM   757  C CA  B LEU A 1 93  ? -6.467  -8.839  11.207  0.84 32.84  ? 1782 LEU A CA  1 
ATOM   758  C C   . LEU A 1 93  ? -6.752  -7.712  10.221  1.00 35.62  ? 1782 LEU A C   1 
ATOM   759  O O   . LEU A 1 93  ? -5.904  -7.372  9.393   1.00 35.02  ? 1782 LEU A O   1 
ATOM   760  C CB  A LEU A 1 93  ? -7.188  -10.129 10.788  0.16 34.26  ? 1782 LEU A CB  1 
ATOM   761  C CB  B LEU A 1 93  ? -7.166  -10.119 10.748  0.84 35.05  ? 1782 LEU A CB  1 
ATOM   762  C CG  A LEU A 1 93  ? -7.073  -10.598 9.335   0.16 33.63  ? 1782 LEU A CG  1 
ATOM   763  C CG  B LEU A 1 93  ? -6.953  -10.476 9.272   0.84 34.41  ? 1782 LEU A CG  1 
ATOM   764  C CD1 A LEU A 1 93  ? -8.063  -9.858  8.450   0.16 32.72  ? 1782 LEU A CD1 1 
ATOM   765  C CD1 B LEU A 1 93  ? -5.458  -10.607 8.944   0.84 31.20  ? 1782 LEU A CD1 1 
ATOM   766  C CD2 A LEU A 1 93  ? -5.645  -10.459 8.813   0.16 32.92  ? 1782 LEU A CD2 1 
ATOM   767  C CD2 B LEU A 1 93  ? -7.698  -11.763 8.936   0.84 29.45  ? 1782 LEU A CD2 1 
ATOM   768  N N   . LEU A 1 94  ? -7.945  -7.140  10.304  1.00 32.26  ? 1783 LEU A N   1 
ATOM   769  C CA  . LEU A 1 94  ? -8.317  -6.077  9.386   1.00 33.82  ? 1783 LEU A CA  1 
ATOM   770  C C   . LEU A 1 94  ? -7.397  -4.864  9.533   1.00 36.66  ? 1783 LEU A C   1 
ATOM   771  O O   . LEU A 1 94  ? -7.030  -4.228  8.547   1.00 30.56  ? 1783 LEU A O   1 
ATOM   772  C CB  . LEU A 1 94  ? -9.779  -5.684  9.591   1.00 34.69  ? 1783 LEU A CB  1 
ATOM   773  C CG  . LEU A 1 94  ? -10.769 -6.738  9.079   1.00 37.76  ? 1783 LEU A CG  1 
ATOM   774  C CD1 . LEU A 1 94  ? -12.210 -6.298  9.325   1.00 38.34  ? 1783 LEU A CD1 1 
ATOM   775  C CD2 . LEU A 1 94  ? -10.540 -7.019  7.611   1.00 35.93  ? 1783 LEU A CD2 1 
ATOM   776  N N   . GLU A 1 95  ? -7.006  -4.554  10.763  1.00 37.10  ? 1784 GLU A N   1 
ATOM   777  C CA  . GLU A 1 95  ? -6.104  -3.437  10.993  1.00 39.88  ? 1784 GLU A CA  1 
ATOM   778  C C   . GLU A 1 95  ? -4.735  -3.735  10.384  1.00 43.03  ? 1784 GLU A C   1 
ATOM   779  O O   . GLU A 1 95  ? -4.128  -2.869  9.748   1.00 40.09  ? 1784 GLU A O   1 
ATOM   780  C CB  . GLU A 1 95  ? -5.966  -3.147  12.499  1.00 38.75  ? 1784 GLU A CB  1 
ATOM   781  C CG  . GLU A 1 95  ? -5.273  -1.817  12.813  1.00 47.55  ? 1784 GLU A CG  1 
ATOM   782  C CD  . GLU A 1 95  ? -5.184  -1.526  14.318  1.00 70.87  ? 1784 GLU A CD  1 
ATOM   783  O OE1 . GLU A 1 95  ? -5.043  -2.484  15.112  1.00 76.02  ? 1784 GLU A OE1 1 
ATOM   784  O OE2 . GLU A 1 95  ? -5.251  -0.339  14.709  1.00 78.69  ? 1784 GLU A OE2 1 
ATOM   785  N N   . LEU A 1 96  ? -4.242  -4.953  10.603  1.00 31.01  ? 1785 LEU A N   1 
ATOM   786  C CA  . LEU A 1 96  ? -2.986  -5.400  9.989   1.00 35.41  ? 1785 LEU A CA  1 
ATOM   787  C C   . LEU A 1 96  ? -3.025  -5.226  8.468   1.00 33.76  ? 1785 LEU A C   1 
ATOM   788  O O   . LEU A 1 96  ? -2.059  -4.776  7.852   1.00 31.13  ? 1785 LEU A O   1 
ATOM   789  C CB  . LEU A 1 96  ? -2.750  -6.880  10.292  1.00 36.05  ? 1785 LEU A CB  1 
ATOM   790  C CG  . LEU A 1 96  ? -1.674  -7.347  11.276  1.00 44.54  ? 1785 LEU A CG  1 
ATOM   791  C CD1 . LEU A 1 96  ? -0.975  -6.208  11.996  1.00 40.72  ? 1785 LEU A CD1 1 
ATOM   792  C CD2 . LEU A 1 96  ? -2.268  -8.334  12.251  1.00 33.43  ? 1785 LEU A CD2 1 
ATOM   793  N N   . ILE A 1 97  ? -4.140  -5.620  7.863   1.00 29.65  ? 1786 ILE A N   1 
ATOM   794  C CA  . ILE A 1 97  ? -4.287  -5.535  6.406   1.00 32.09  ? 1786 ILE A CA  1 
ATOM   795  C C   . ILE A 1 97  ? -4.289  -4.071  5.941   1.00 36.85  ? 1786 ILE A C   1 
ATOM   796  O O   . ILE A 1 97  ? -3.599  -3.724  4.988   1.00 28.34  ? 1786 ILE A O   1 
ATOM   797  C CB  . ILE A 1 97  ? -5.560  -6.257  5.949   1.00 28.69  ? 1786 ILE A CB  1 
ATOM   798  C CG1 . ILE A 1 97  ? -5.427  -7.765  6.204   1.00 27.22  ? 1786 ILE A CG1 1 
ATOM   799  C CG2 . ILE A 1 97  ? -5.913  -5.964  4.434   1.00 24.38  ? 1786 ILE A CG2 1 
ATOM   800  C CD1 . ILE A 1 97  ? -6.650  -8.534  5.774   1.00 24.38  ? 1786 ILE A CD1 1 
ATOM   801  N N   . ASP A 1 98  ? -5.057  -3.219  6.625   1.00 27.02  ? 1787 ASP A N   1 
ATOM   802  C CA  A ASP A 1 98  ? -5.139  -1.816  6.243   0.59 26.16  ? 1787 ASP A CA  1 
ATOM   803  C CA  B ASP A 1 98  ? -5.139  -1.802  6.278   0.41 28.86  ? 1787 ASP A CA  1 
ATOM   804  C C   . ASP A 1 98  ? -3.753  -1.202  6.306   1.00 30.05  ? 1787 ASP A C   1 
ATOM   805  O O   . ASP A 1 98  ? -3.363  -0.464  5.402   1.00 29.85  ? 1787 ASP A O   1 
ATOM   806  C CB  A ASP A 1 98  ? -6.115  -1.058  7.147   0.59 35.25  ? 1787 ASP A CB  1 
ATOM   807  C CB  B ASP A 1 98  ? -6.019  -1.047  7.276   0.41 36.65  ? 1787 ASP A CB  1 
ATOM   808  C CG  A ASP A 1 98  ? -6.061  0.440   6.939   0.59 41.98  ? 1787 ASP A CG  1 
ATOM   809  C CG  B ASP A 1 98  ? -7.497  -1.221  7.003   0.41 37.61  ? 1787 ASP A CG  1 
ATOM   810  O OD1 A ASP A 1 98  ? -6.905  0.974   6.182   0.59 43.35  ? 1787 ASP A OD1 1 
ATOM   811  O OD1 B ASP A 1 98  ? -8.288  -1.069  7.957   0.41 40.98  ? 1787 ASP A OD1 1 
ATOM   812  O OD2 A ASP A 1 98  ? -5.172  1.081   7.535   0.59 52.68  ? 1787 ASP A OD2 1 
ATOM   813  O OD2 B ASP A 1 98  ? -7.867  -1.500  5.844   0.41 35.62  ? 1787 ASP A OD2 1 
ATOM   814  N N   . THR A 1 99  ? -3.015  -1.533  7.373   1.00 28.83  ? 1788 THR A N   1 
ATOM   815  C CA  . THR A 1 99  ? -1.665  -1.036  7.579   1.00 29.70  ? 1788 THR A CA  1 
ATOM   816  C C   . THR A 1 99  ? -0.723  -1.459  6.471   1.00 37.40  ? 1788 THR A C   1 
ATOM   817  O O   . THR A 1 99  ? -0.041  -0.616  5.872   1.00 30.08  ? 1788 THR A O   1 
ATOM   818  C CB  . THR A 1 99  ? -1.101  -1.522  8.930   1.00 33.54  ? 1788 THR A CB  1 
ATOM   819  O OG1 . THR A 1 99  ? -1.896  -0.966  9.979   1.00 37.95  ? 1788 THR A OG1 1 
ATOM   820  C CG2 . THR A 1 99  ? 0.358   -1.074  9.113   1.00 33.70  ? 1788 THR A CG2 1 
ATOM   821  N N   . ARG A 1 100 ? -0.663  -2.765  6.212   1.00 29.02  ? 1789 ARG A N   1 
ATOM   822  C CA  . ARG A 1 100 ? 0.217   -3.253  5.170   1.00 32.34  ? 1789 ARG A CA  1 
ATOM   823  C C   . ARG A 1 100 ? -0.141  -2.634  3.815   1.00 28.40  ? 1789 ARG A C   1 
ATOM   824  O O   . ARG A 1 100 ? 0.755   -2.276  3.034   1.00 29.34  ? 1789 ARG A O   1 
ATOM   825  C CB  . ARG A 1 100 ? 0.199   -4.777  5.081   1.00 27.75  ? 1789 ARG A CB  1 
ATOM   826  C CG  . ARG A 1 100 ? 1.034   -5.307  3.902   1.00 31.35  ? 1789 ARG A CG  1 
ATOM   827  C CD  . ARG A 1 100 ? 1.728   -6.623  4.266   1.00 36.01  ? 1789 ARG A CD  1 
ATOM   828  N NE  . ARG A 1 100 ? 2.357   -7.241  3.100   1.00 37.03  ? 1789 ARG A NE  1 
ATOM   829  C CZ  . ARG A 1 100 ? 3.561   -6.912  2.632   1.00 42.79  ? 1789 ARG A CZ  1 
ATOM   830  N NH1 . ARG A 1 100 ? 4.276   -5.966  3.223   1.00 35.35  ? 1789 ARG A NH1 1 
ATOM   831  N NH2 . ARG A 1 100 ? 4.048   -7.525  1.566   1.00 40.09  ? 1789 ARG A NH2 1 
ATOM   832  N N   . MET A 1 101 ? -1.438  -2.505  3.528   1.00 26.51  ? 1790 MET A N   1 
ATOM   833  C CA  . MET A 1 101 ? -1.863  -1.917  2.250   1.00 25.51  ? 1790 MET A CA  1 
ATOM   834  C C   . MET A 1 101 ? -1.340  -0.485  2.081   1.00 33.27  ? 1790 MET A C   1 
ATOM   835  O O   . MET A 1 101 ? -0.870  -0.102  1.007   1.00 26.54  ? 1790 MET A O   1 
ATOM   836  C CB  . MET A 1 101 ? -3.389  -1.934  2.090   1.00 30.33  ? 1790 MET A CB  1 
ATOM   837  C CG  . MET A 1 101 ? -3.820  -1.692  0.640   1.00 35.89  ? 1790 MET A CG  1 
ATOM   838  S SD  . MET A 1 101 ? -5.607  -1.859  0.366   1.00 39.88  ? 1790 MET A SD  1 
ATOM   839  C CE  . MET A 1 101 ? -5.889  -3.592  0.797   1.00 37.34  ? 1790 MET A CE  1 
ATOM   840  N N   . GLN A 1 102 ? -1.417  0.299   3.149   1.00 30.12  ? 1791 GLN A N   1 
ATOM   841  C CA  . GLN A 1 102 ? -0.898  1.667   3.123   1.00 35.11  ? 1791 GLN A CA  1 
ATOM   842  C C   . GLN A 1 102 ? 0.632   1.677   3.002   1.00 36.03  ? 1791 GLN A C   1 
ATOM   843  O O   . GLN A 1 102 ? 1.205   2.491   2.262   1.00 31.25  ? 1791 GLN A O   1 
ATOM   844  C CB  . GLN A 1 102 ? -1.308  2.439   4.374   1.00 27.56  ? 1791 GLN A CB  1 
ATOM   845  C CG  . GLN A 1 102 ? -2.783  2.713   4.507   1.00 30.70  ? 1791 GLN A CG  1 
ATOM   846  C CD  . GLN A 1 102 ? -3.114  3.483   5.786   1.00 39.92  ? 1791 GLN A CD  1 
ATOM   847  O OE1 . GLN A 1 102 ? -2.451  4.456   6.131   1.00 38.74  ? 1791 GLN A OE1 1 
ATOM   848  N NE2 . GLN A 1 102 ? -4.149  3.050   6.481   1.00 39.06  ? 1791 GLN A NE2 1 
ATOM   849  N N   . LEU A 1 103 ? 1.307   0.791   3.728   1.00 29.85  ? 1792 LEU A N   1 
ATOM   850  C CA  . LEU A 1 103 ? 2.772   0.792   3.657   1.00 24.36  ? 1792 LEU A CA  1 
ATOM   851  C C   . LEU A 1 103 ? 3.257   0.388   2.261   1.00 31.81  ? 1792 LEU A C   1 
ATOM   852  O O   . LEU A 1 103 ? 4.235   0.939   1.734   1.00 31.10  ? 1792 LEU A O   1 
ATOM   853  C CB  . LEU A 1 103 ? 3.409   -0.073  4.761   1.00 23.76  ? 1792 LEU A CB  1 
ATOM   854  C CG  . LEU A 1 103 ? 3.119   0.493   6.168   1.00 29.46  ? 1792 LEU A CG  1 
ATOM   855  C CD1 . LEU A 1 103 ? 3.557   -0.449  7.300   1.00 23.80  ? 1792 LEU A CD1 1 
ATOM   856  C CD2 . LEU A 1 103 ? 3.765   1.863   6.305   1.00 32.09  ? 1792 LEU A CD2 1 
ATOM   857  N N   . LEU A 1 104 ? 2.570   -0.572  1.656   1.00 25.17  ? 1793 LEU A N   1 
ATOM   858  C CA  . LEU A 1 104 ? 2.940   -0.997  0.319   1.00 28.47  ? 1793 LEU A CA  1 
ATOM   859  C C   . LEU A 1 104 ? 2.719   0.141   -0.679  1.00 31.00  ? 1793 LEU A C   1 
ATOM   860  O O   . LEU A 1 104 ? 3.493   0.299   -1.627  1.00 30.92  ? 1793 LEU A O   1 
ATOM   861  C CB  . LEU A 1 104 ? 2.157   -2.233  -0.095  1.00 23.03  ? 1793 LEU A CB  1 
ATOM   862  C CG  . LEU A 1 104 ? 2.718   -3.537  0.488   1.00 31.65  ? 1793 LEU A CG  1 
ATOM   863  C CD1 . LEU A 1 104 ? 1.774   -4.703  0.211   1.00 27.37  ? 1793 LEU A CD1 1 
ATOM   864  C CD2 . LEU A 1 104 ? 4.102   -3.827  -0.108  1.00 34.18  ? 1793 LEU A CD2 1 
ATOM   865  N N   . ALA A 1 105 ? 1.665   0.926   -0.459  1.00 24.83  ? 1794 ALA A N   1 
ATOM   866  C CA  . ALA A 1 105 ? 1.388   2.106   -1.305  1.00 33.18  ? 1794 ALA A CA  1 
ATOM   867  C C   . ALA A 1 105 ? 2.480   3.164   -1.145  1.00 39.22  ? 1794 ALA A C   1 
ATOM   868  O O   . ALA A 1 105 ? 2.916   3.787   -2.123  1.00 31.71  ? 1794 ALA A O   1 
ATOM   869  C CB  . ALA A 1 105 ? 0.032   2.699   -0.959  1.00 37.31  ? 1794 ALA A CB  1 
ATOM   870  N N   . ALA A 1 106 ? 2.920   3.374   0.090   1.00 29.16  ? 1795 ALA A N   1 
ATOM   871  C CA  . ALA A 1 106 ? 4.037   4.282   0.317   1.00 43.14  ? 1795 ALA A CA  1 
ATOM   872  C C   . ALA A 1 106 ? 5.304   3.778   -0.387  1.00 34.41  ? 1795 ALA A C   1 
ATOM   873  O O   . ALA A 1 106 ? 5.994   4.540   -1.060  1.00 33.09  ? 1795 ALA A O   1 
ATOM   874  C CB  . ALA A 1 106 ? 4.280   4.468   1.796   1.00 38.61  ? 1795 ALA A CB  1 
ATOM   875  N N   . SER A 1 107 ? 5.617   2.495   -0.239  1.00 34.69  ? 1796 SER A N   1 
ATOM   876  C CA  . SER A 1 107 ? 6.798   1.961   -0.915  1.00 29.97  ? 1796 SER A CA  1 
ATOM   877  C C   . SER A 1 107 ? 6.629   2.038   -2.445  1.00 32.03  ? 1796 SER A C   1 
ATOM   878  O O   . SER A 1 107 ? 7.592   2.272   -3.169  1.00 34.51  ? 1796 SER A O   1 
ATOM   879  C CB  . SER A 1 107 ? 7.113   0.542   -0.442  1.00 31.11  ? 1796 SER A CB  1 
ATOM   880  O OG  . SER A 1 107 ? 8.066   -0.114  -1.263  1.00 34.30  ? 1796 SER A OG  1 
ATOM   881  N N   . TYR A 1 108 ? 5.407   1.849   -2.934  1.00 30.59  ? 1797 TYR A N   1 
ATOM   882  C CA  . TYR A 1 108 ? 5.170   1.932   -4.382  1.00 32.38  ? 1797 TYR A CA  1 
ATOM   883  C C   . TYR A 1 108 ? 5.546   3.343   -4.866  1.00 31.70  ? 1797 TYR A C   1 
ATOM   884  O O   . TYR A 1 108 ? 6.327   3.521   -5.807  1.00 32.87  ? 1797 TYR A O   1 
ATOM   885  C CB  . TYR A 1 108 ? 3.709   1.610   -4.719  1.00 29.84  ? 1797 TYR A CB  1 
ATOM   886  C CG  . TYR A 1 108 ? 3.413   1.668   -6.214  1.00 33.30  ? 1797 TYR A CG  1 
ATOM   887  C CD1 . TYR A 1 108 ? 3.525   0.531   -7.013  1.00 35.72  ? 1797 TYR A CD1 1 
ATOM   888  C CD2 . TYR A 1 108 ? 3.062   2.867   -6.824  1.00 35.94  ? 1797 TYR A CD2 1 
ATOM   889  C CE1 . TYR A 1 108 ? 3.266   0.585   -8.398  1.00 39.35  ? 1797 TYR A CE1 1 
ATOM   890  C CE2 . TYR A 1 108 ? 2.798   2.935   -8.198  1.00 38.22  ? 1797 TYR A CE2 1 
ATOM   891  C CZ  . TYR A 1 108 ? 2.905   1.798   -8.976  1.00 38.90  ? 1797 TYR A CZ  1 
ATOM   892  O OH  . TYR A 1 108 ? 2.652   1.884   -10.328 1.00 43.94  ? 1797 TYR A OH  1 
ATOM   893  N N   . ASP A 1 109 ? 5.008   4.337   -4.181  1.00 26.27  ? 1798 ASP A N   1 
ATOM   894  C CA  . ASP A 1 109 ? 5.242   5.734   -4.541  1.00 39.00  ? 1798 ASP A CA  1 
ATOM   895  C C   . ASP A 1 109 ? 6.717   6.108   -4.454  1.00 40.08  ? 1798 ASP A C   1 
ATOM   896  O O   . ASP A 1 109 ? 7.217   6.881   -5.279  1.00 37.18  ? 1798 ASP A O   1 
ATOM   897  C CB  . ASP A 1 109 ? 4.442   6.666   -3.641  1.00 39.51  ? 1798 ASP A CB  1 
ATOM   898  C CG  . ASP A 1 109 ? 2.971   6.554   -3.860  1.00 56.58  ? 1798 ASP A CG  1 
ATOM   899  O OD1 . ASP A 1 109 ? 2.552   5.843   -4.802  1.00 69.34  ? 1798 ASP A OD1 1 
ATOM   900  O OD2 . ASP A 1 109 ? 2.226   7.180   -3.083  1.00 64.95  ? 1798 ASP A OD2 1 
ATOM   901  N N   . LEU A 1 110 ? 7.401   5.579   -3.445  1.00 38.56  ? 1799 LEU A N   1 
ATOM   902  C CA  . LEU A 1 110 ? 8.824   5.863   -3.266  1.00 35.42  ? 1799 LEU A CA  1 
ATOM   903  C C   . LEU A 1 110 ? 9.643   5.280   -4.414  1.00 38.95  ? 1799 LEU A C   1 
ATOM   904  O O   . LEU A 1 110 ? 10.373  6.001   -5.092  1.00 38.32  ? 1799 LEU A O   1 
ATOM   905  C CB  . LEU A 1 110 ? 9.321   5.310   -1.925  1.00 41.09  ? 1799 LEU A CB  1 
ATOM   906  C CG  . LEU A 1 110 ? 10.810  5.564   -1.680  1.00 44.50  ? 1799 LEU A CG  1 
ATOM   907  C CD1 . LEU A 1 110 ? 11.091  7.068   -1.665  1.00 42.47  ? 1799 LEU A CD1 1 
ATOM   908  C CD2 . LEU A 1 110 ? 11.273  4.922   -0.381  1.00 48.46  ? 1799 LEU A CD2 1 
ATOM   909  N N   . HIS A 1 111 ? 9.525   3.975   -4.650  1.00 35.11  ? 1800 HIS A N   1 
ATOM   910  C CA  . HIS A 1 111 ? 10.226  3.372   -5.797  1.00 41.42  ? 1800 HIS A CA  1 
ATOM   911  C C   . HIS A 1 111 ? 9.823   4.000   -7.129  1.00 43.48  ? 1800 HIS A C   1 
ATOM   912  O O   . HIS A 1 111 ? 10.665  4.171   -8.011  1.00 43.05  ? 1800 HIS A O   1 
ATOM   913  C CB  . HIS A 1 111 ? 9.996   1.864   -5.869  1.00 52.77  ? 1800 HIS A CB  1 
ATOM   914  C CG  . HIS A 1 111 ? 10.668  1.097   -4.774  1.00 57.63  ? 1800 HIS A CG  1 
ATOM   915  N ND1 . HIS A 1 111 ? 10.022  0.745   -3.607  1.00 53.27  ? 1800 HIS A ND1 1 
ATOM   916  C CD2 . HIS A 1 111 ? 11.929  0.612   -4.669  1.00 56.09  ? 1800 HIS A CD2 1 
ATOM   917  C CE1 . HIS A 1 111 ? 10.857  0.076   -2.832  1.00 57.33  ? 1800 HIS A CE1 1 
ATOM   918  N NE2 . HIS A 1 111 ? 12.017  -0.021  -3.453  1.00 61.95  ? 1800 HIS A NE2 1 
ATOM   919  N N   . ARG A 1 112 ? 8.539   4.329   -7.288  1.00 45.65  ? 1801 ARG A N   1 
ATOM   920  C CA  . ARG A 1 112 ? 8.086   4.969   -8.525  1.00 49.46  ? 1801 ARG A CA  1 
ATOM   921  C C   . ARG A 1 112 ? 8.834   6.282   -8.678  1.00 47.97  ? 1801 ARG A C   1 
ATOM   922  O O   . ARG A 1 112 ? 9.277   6.632   -9.774  1.00 46.19  ? 1801 ARG A O   1 
ATOM   923  C CB  . ARG A 1 112 ? 6.576   5.237   -8.524  1.00 50.87  ? 1801 ARG A CB  1 
ATOM   924  C CG  . ARG A 1 112 ? 6.083   5.870   -9.842  1.00 55.34  ? 1801 ARG A CG  1 
ATOM   925  C CD  . ARG A 1 112 ? 4.667   6.423   -9.742  1.00 54.37  ? 1801 ARG A CD  1 
ATOM   926  N NE  . ARG A 1 112 ? 3.667   5.368   -9.660  1.00 74.09  ? 1801 ARG A NE  1 
ATOM   927  N N   . TYR A 1 113 ? 8.974   6.993   -7.558  1.00 38.71  ? 1802 TYR A N   1 
ATOM   928  C CA  . TYR A 1 113 ? 9.699   8.267   -7.504  1.00 36.67  ? 1802 TYR A CA  1 
ATOM   929  C C   . TYR A 1 113 ? 11.117  8.182   -8.032  1.00 42.13  ? 1802 TYR A C   1 
ATOM   930  O O   . TYR A 1 113 ? 11.527  8.991   -8.865  1.00 41.50  ? 1802 TYR A O   1 
ATOM   931  C CB  . TYR A 1 113 ? 9.748   8.805   -6.073  1.00 32.56  ? 1802 TYR A CB  1 
ATOM   932  C CG  . TYR A 1 113 ? 10.675  10.002  -5.894  1.00 32.01  ? 1802 TYR A CG  1 
ATOM   933  C CD1 . TYR A 1 113 ? 10.332  11.257  -6.379  1.00 35.16  ? 1802 TYR A CD1 1 
ATOM   934  C CD2 . TYR A 1 113 ? 11.883  9.868   -5.240  1.00 32.53  ? 1802 TYR A CD2 1 
ATOM   935  C CE1 . TYR A 1 113 ? 11.175  12.361  -6.203  1.00 32.72  ? 1802 TYR A CE1 1 
ATOM   936  C CE2 . TYR A 1 113 ? 12.739  10.958  -5.058  1.00 38.38  ? 1802 TYR A CE2 1 
ATOM   937  C CZ  . TYR A 1 113 ? 12.377  12.201  -5.537  1.00 37.18  ? 1802 TYR A CZ  1 
ATOM   938  O OH  . TYR A 1 113 ? 13.230  13.267  -5.346  1.00 37.12  ? 1802 TYR A OH  1 
ATOM   939  N N   . PHE A 1 114 ? 11.883  7.228   -7.521  1.00 43.68  ? 1803 PHE A N   1 
ATOM   940  C CA  . PHE A 1 114 ? 13.258  7.084   -7.981  1.00 49.91  ? 1803 PHE A CA  1 
ATOM   941  C C   . PHE A 1 114 ? 13.272  6.616   -9.436  1.00 55.06  ? 1803 PHE A C   1 
ATOM   942  O O   . PHE A 1 114 ? 14.078  7.082   -10.238 1.00 57.64  ? 1803 PHE A O   1 
ATOM   943  C CB  . PHE A 1 114 ? 14.050  6.148   -7.064  1.00 44.09  ? 1803 PHE A CB  1 
ATOM   944  C CG  . PHE A 1 114 ? 14.379  6.763   -5.721  1.00 49.26  ? 1803 PHE A CG  1 
ATOM   945  C CD1 . PHE A 1 114 ? 15.304  7.789   -5.624  1.00 52.77  ? 1803 PHE A CD1 1 
ATOM   946  C CD2 . PHE A 1 114 ? 13.747  6.330   -4.566  1.00 45.98  ? 1803 PHE A CD2 1 
ATOM   947  C CE1 . PHE A 1 114 ? 15.604  8.364   -4.401  1.00 48.19  ? 1803 PHE A CE1 1 
ATOM   948  C CE2 . PHE A 1 114 ? 14.046  6.904   -3.342  1.00 47.67  ? 1803 PHE A CE2 1 
ATOM   949  C CZ  . PHE A 1 114 ? 14.973  7.921   -3.259  1.00 44.54  ? 1803 PHE A CZ  1 
ATOM   950  N N   . TYR A 1 115 ? 12.361  5.707   -9.772  1.00 49.36  ? 1804 TYR A N   1 
ATOM   951  C CA  . TYR A 1 115 ? 12.215  5.261   -11.148 1.00 52.35  ? 1804 TYR A CA  1 
ATOM   952  C C   . TYR A 1 115 ? 12.003  6.447   -12.090 1.00 58.87  ? 1804 TYR A C   1 
ATOM   953  O O   . TYR A 1 115 ? 12.647  6.546   -13.134 1.00 62.76  ? 1804 TYR A O   1 
ATOM   954  C CB  . TYR A 1 115 ? 11.059  4.274   -11.297 1.00 53.50  ? 1804 TYR A CB  1 
ATOM   955  C CG  . TYR A 1 115 ? 10.951  3.757   -12.712 1.00 72.39  ? 1804 TYR A CG  1 
ATOM   956  C CD1 . TYR A 1 115 ? 10.250  4.467   -13.677 1.00 77.08  ? 1804 TYR A CD1 1 
ATOM   957  C CD2 . TYR A 1 115 ? 11.585  2.585   -13.093 1.00 83.32  ? 1804 TYR A CD2 1 
ATOM   958  C CE1 . TYR A 1 115 ? 10.165  4.013   -14.974 1.00 85.16  ? 1804 TYR A CE1 1 
ATOM   959  C CE2 . TYR A 1 115 ? 11.504  2.121   -14.390 1.00 93.65  ? 1804 TYR A CE2 1 
ATOM   960  C CZ  . TYR A 1 115 ? 10.792  2.839   -15.326 1.00 94.67  ? 1804 TYR A CZ  1 
ATOM   961  O OH  . TYR A 1 115 ? 10.708  2.383   -16.620 1.00 103.17 ? 1804 TYR A OH  1 
ATOM   962  N N   . THR A 1 116 ? 11.100  7.349   -11.716 1.00 53.58  ? 1805 THR A N   1 
ATOM   963  C CA  . THR A 1 116 ? 10.833  8.525   -12.529 1.00 51.41  ? 1805 THR A CA  1 
ATOM   964  C C   . THR A 1 116 ? 12.057  9.430   -12.592 1.00 59.64  ? 1805 THR A C   1 
ATOM   965  O O   . THR A 1 116 ? 12.413  9.935   -13.662 1.00 56.73  ? 1805 THR A O   1 
ATOM   966  C CB  . THR A 1 116 ? 9.638   9.331   -12.001 1.00 45.55  ? 1805 THR A CB  1 
ATOM   967  O OG1 . THR A 1 116 ? 8.484   8.484   -11.911 1.00 48.92  ? 1805 THR A OG1 1 
ATOM   968  C CG2 . THR A 1 116 ? 9.336   10.486  -12.940 1.00 52.17  ? 1805 THR A CG2 1 
ATOM   969  N N   . GLY A 1 117 ? 12.699  9.630   -11.444 1.00 46.46  ? 1806 GLY A N   1 
ATOM   970  C CA  . GLY A 1 117 ? 13.919  10.415  -11.387 1.00 44.53  ? 1806 GLY A CA  1 
ATOM   971  C C   . GLY A 1 117 ? 14.893  10.043  -12.492 1.00 57.71  ? 1806 GLY A C   1 
ATOM   972  O O   . GLY A 1 117 ? 15.358  10.904  -13.246 1.00 54.11  ? 1806 GLY A O   1 
ATOM   973  N N   . ALA A 1 118 ? 15.211  8.756   -12.589 1.00 59.05  ? 1807 ALA A N   1 
ATOM   974  C CA  . ALA A 1 118 ? 16.137  8.279   -13.611 1.00 65.65  ? 1807 ALA A CA  1 
ATOM   975  C C   . ALA A 1 118 ? 15.591  8.582   -14.998 1.00 71.53  ? 1807 ALA A C   1 
ATOM   976  O O   . ALA A 1 118 ? 16.304  9.090   -15.866 1.00 75.02  ? 1807 ALA A O   1 
ATOM   977  C CB  . ALA A 1 118 ? 16.387  6.784   -13.460 1.00 57.97  ? 1807 ALA A CB  1 
ATOM   978  N N   . GLU A 1 119 ? 14.321  8.255   -15.200 1.00 71.59  ? 1808 GLU A N   1 
ATOM   979  C CA  . GLU A 1 119 ? 13.647  8.573   -16.448 1.00 75.35  ? 1808 GLU A CA  1 
ATOM   980  C C   . GLU A 1 119 ? 13.910  10.037  -16.808 1.00 69.36  ? 1808 GLU A C   1 
ATOM   981  O O   . GLU A 1 119 ? 14.429  10.329  -17.888 1.00 61.77  ? 1808 GLU A O   1 
ATOM   982  C CB  . GLU A 1 119 ? 12.151  8.306   -16.313 1.00 81.74  ? 1808 GLU A CB  1 
ATOM   983  C CG  . GLU A 1 119 ? 11.426  8.152   -17.626 1.00 94.58  ? 1808 GLU A CG  1 
ATOM   984  C CD  . GLU A 1 119 ? 10.158  7.331   -17.488 1.00 100.76 ? 1808 GLU A CD  1 
ATOM   985  O OE1 . GLU A 1 119 ? 9.308   7.673   -16.637 1.00 97.50  ? 1808 GLU A OE1 1 
ATOM   986  O OE2 . GLU A 1 119 ? 10.015  6.341   -18.233 1.00 107.85 ? 1808 GLU A OE2 1 
ATOM   987  N N   . ILE A 1 120 ? 13.576  10.947  -15.893 1.00 61.69  ? 1809 ILE A N   1 
ATOM   988  C CA  . ILE A 1 120 ? 13.780  12.380  -16.118 1.00 62.28  ? 1809 ILE A CA  1 
ATOM   989  C C   . ILE A 1 120 ? 15.254  12.725  -16.358 1.00 64.36  ? 1809 ILE A C   1 
ATOM   990  O O   . ILE A 1 120 ? 15.565  13.492  -17.266 1.00 69.99  ? 1809 ILE A O   1 
ATOM   991  C CB  . ILE A 1 120 ? 13.191  13.262  -14.986 1.00 64.24  ? 1809 ILE A CB  1 
ATOM   992  C CG1 . ILE A 1 120 ? 11.676  13.077  -14.892 1.00 64.43  ? 1809 ILE A CG1 1 
ATOM   993  C CG2 . ILE A 1 120 ? 13.502  14.739  -15.237 1.00 57.66  ? 1809 ILE A CG2 1 
ATOM   994  C CD1 . ILE A 1 120 ? 11.023  13.891  -13.785 1.00 65.06  ? 1809 ILE A CD1 1 
ATOM   995  N N   . LEU A 1 121 ? 16.161  12.128  -15.596 1.00 57.98  ? 1810 LEU A N   1 
ATOM   996  C CA  . LEU A 1 121 ? 17.565  12.474  -15.757 1.00 64.70  ? 1810 LEU A CA  1 
ATOM   997  C C   . LEU A 1 121 ? 17.981  12.158  -17.185 1.00 77.01  ? 1810 LEU A C   1 
ATOM   998  O O   . LEU A 1 121 ? 18.688  12.941  -17.821 1.00 76.21  ? 1810 LEU A O   1 
ATOM   999  C CB  . LEU A 1 121 ? 18.440  11.716  -14.755 1.00 20.00  ? 1810 LEU A CB  1 
ATOM   1000 C CG  . LEU A 1 121 ? 18.241  12.070  -13.279 1.00 20.00  ? 1810 LEU A CG  1 
ATOM   1001 C CD1 . LEU A 1 121 ? 19.059  11.145  -12.392 1.00 20.00  ? 1810 LEU A CD1 1 
ATOM   1002 C CD2 . LEU A 1 121 ? 18.600  13.525  -13.021 1.00 20.00  ? 1810 LEU A CD2 1 
ATOM   1003 N N   . GLY A 1 122 ? 17.533  11.016  -17.694 1.00 69.30  ? 1811 GLY A N   1 
ATOM   1004 C CA  . GLY A 1 122 ? 17.797  10.651  -19.071 1.00 71.29  ? 1811 GLY A CA  1 
ATOM   1005 C C   . GLY A 1 122 ? 17.145  11.580  -20.081 1.00 82.46  ? 1811 GLY A C   1 
ATOM   1006 O O   . GLY A 1 122 ? 17.755  11.942  -21.086 1.00 82.78  ? 1811 GLY A O   1 
ATOM   1007 N N   . LEU A 1 123 ? 15.896  11.961  -19.815 1.00 83.74  ? 1812 LEU A N   1 
ATOM   1008 C CA  . LEU A 1 123 ? 15.135  12.807  -20.735 1.00 79.18  ? 1812 LEU A CA  1 
ATOM   1009 C C   . LEU A 1 123 ? 15.715  14.208  -20.940 1.00 81.39  ? 1812 LEU A C   1 
ATOM   1010 O O   . LEU A 1 123 ? 15.789  14.694  -22.069 1.00 83.96  ? 1812 LEU A O   1 
ATOM   1011 C CB  . LEU A 1 123 ? 13.691  12.929  -20.244 1.00 20.00  ? 1812 LEU A CB  1 
ATOM   1012 C CG  . LEU A 1 123 ? 12.877  11.632  -20.207 1.00 20.00  ? 1812 LEU A CG  1 
ATOM   1013 C CD1 . LEU A 1 123 ? 11.519  11.870  -19.565 1.00 20.00  ? 1812 LEU A CD1 1 
ATOM   1014 C CD2 . LEU A 1 123 ? 12.720  11.055  -21.605 1.00 20.00  ? 1812 LEU A CD2 1 
ATOM   1015 N N   . ILE A 1 124 ? 16.128  14.851  -19.852 1.00 75.35  ? 1813 ILE A N   1 
ATOM   1016 C CA  . ILE A 1 124 ? 16.732  16.176  -19.941 1.00 75.72  ? 1813 ILE A CA  1 
ATOM   1017 C C   . ILE A 1 124 ? 18.032  16.054  -20.718 1.00 84.64  ? 1813 ILE A C   1 
ATOM   1018 O O   . ILE A 1 124 ? 18.377  16.900  -21.542 1.00 82.74  ? 1813 ILE A O   1 
ATOM   1019 C CB  . ILE A 1 124 ? 17.022  16.761  -18.548 1.00 65.06  ? 1813 ILE A CB  1 
ATOM   1020 C CG1 . ILE A 1 124 ? 15.739  16.825  -17.718 1.00 61.01  ? 1813 ILE A CG1 1 
ATOM   1021 C CG2 . ILE A 1 124 ? 17.651  18.142  -18.671 1.00 66.58  ? 1813 ILE A CG2 1 
ATOM   1022 C CD1 . ILE A 1 124 ? 15.937  17.391  -16.329 1.00 55.92  ? 1813 ILE A CD1 1 
ATOM   1023 N N   . ASP A 1 125 ? 18.740  14.971  -20.426 1.00 89.43  ? 1814 ASP A N   1 
ATOM   1024 C CA  . ASP A 1 125 ? 20.006  14.640  -21.047 1.00 91.61  ? 1814 ASP A CA  1 
ATOM   1025 C C   . ASP A 1 125 ? 19.856  14.533  -22.558 1.00 99.28  ? 1814 ASP A C   1 
ATOM   1026 O O   . ASP A 1 125 ? 20.578  15.185  -23.309 1.00 99.73  ? 1814 ASP A O   1 
ATOM   1027 C CB  . ASP A 1 125 ? 20.515  13.320  -20.469 1.00 99.82  ? 1814 ASP A CB  1 
ATOM   1028 C CG  . ASP A 1 125 ? 22.011  13.181  -20.574 1.00 108.26 ? 1814 ASP A CG  1 
ATOM   1029 O OD1 . ASP A 1 125 ? 22.502  12.942  -21.698 1.00 110.64 ? 1814 ASP A OD1 1 
ATOM   1030 O OD2 . ASP A 1 125 ? 22.692  13.305  -19.530 1.00 107.61 ? 1814 ASP A OD2 1 
ATOM   1031 N N   . GLU A 1 126 ? 18.911  13.710  -22.999 1.00 103.98 ? 1815 GLU A N   1 
ATOM   1032 C CA  . GLU A 1 126 ? 18.651  13.531  -24.422 1.00 108.56 ? 1815 GLU A CA  1 
ATOM   1033 C C   . GLU A 1 126 ? 18.256  14.847  -25.087 1.00 110.39 ? 1815 GLU A C   1 
ATOM   1034 O O   . GLU A 1 126 ? 18.342  14.981  -26.306 1.00 118.30 ? 1815 GLU A O   1 
ATOM   1035 C CB  . GLU A 1 126 ? 17.561  12.478  -24.646 1.00 107.79 ? 1815 GLU A CB  1 
ATOM   1036 N N   . LYS A 1 127 ? 17.828  15.816  -24.284 1.00 104.88 ? 1816 LYS A N   1 
ATOM   1037 C CA  . LYS A 1 127 ? 17.408  17.109  -24.814 1.00 106.24 ? 1816 LYS A CA  1 
ATOM   1038 C C   . LYS A 1 127 ? 18.529  18.143  -24.733 1.00 112.01 ? 1816 LYS A C   1 
ATOM   1039 O O   . LYS A 1 127 ? 18.472  19.191  -25.381 1.00 111.05 ? 1816 LYS A O   1 
ATOM   1040 C CB  . LYS A 1 127 ? 16.165  17.622  -24.087 1.00 102.64 ? 1816 LYS A CB  1 
ATOM   1041 C CG  . LYS A 1 127 ? 15.289  18.516  -24.949 1.00 105.48 ? 1816 LYS A CG  1 
ATOM   1042 C CD  . LYS A 1 127 ? 14.228  19.232  -24.134 1.00 101.78 ? 1816 LYS A CD  1 
ATOM   1043 C CE  . LYS A 1 127 ? 13.163  19.812  -25.046 1.00 90.87  ? 1816 LYS A CE  1 
ATOM   1044 N NZ  . LYS A 1 127 ? 12.292  18.749  -25.629 1.00 89.73  ? 1816 LYS A NZ  1 
ATOM   1045 N N   . HIS A 1 128 ? 19.548  17.849  -23.935 1.00 115.15 ? 1817 HIS A N   1 
ATOM   1046 C CA  . HIS A 1 128 ? 20.707  18.726  -23.852 1.00 116.06 ? 1817 HIS A CA  1 
ATOM   1047 C C   . HIS A 1 128 ? 21.688  18.405  -24.969 1.00 123.34 ? 1817 HIS A C   1 
ATOM   1048 O O   . HIS A 1 128 ? 22.245  19.305  -25.595 1.00 126.65 ? 1817 HIS A O   1 
ATOM   1049 C CB  . HIS A 1 128 ? 21.400  18.602  -22.496 1.00 110.68 ? 1817 HIS A CB  1 
ATOM   1050 C CG  . HIS A 1 128 ? 22.589  19.500  -22.349 1.00 112.50 ? 1817 HIS A CG  1 
ATOM   1051 N ND1 . HIS A 1 128 ? 23.802  19.232  -22.947 1.00 114.23 ? 1817 HIS A ND1 1 
ATOM   1052 C CD2 . HIS A 1 128 ? 22.749  20.665  -21.680 1.00 109.53 ? 1817 HIS A CD2 1 
ATOM   1053 C CE1 . HIS A 1 128 ? 24.658  20.192  -22.650 1.00 112.16 ? 1817 HIS A CE1 1 
ATOM   1054 N NE2 . HIS A 1 128 ? 24.045  21.074  -21.881 1.00 109.59 ? 1817 HIS A NE2 1 
ATOM   1055 N N   . ARG A 1 129 ? 21.896  17.114  -25.212 1.00 128.09 ? 1818 ARG A N   1 
ATOM   1056 C CA  . ARG A 1 129 ? 22.763  16.676  -26.296 1.00 137.33 ? 1818 ARG A CA  1 
ATOM   1057 C C   . ARG A 1 129 ? 22.423  17.406  -27.593 1.00 145.53 ? 1818 ARG A C   1 
ATOM   1058 O O   . ARG A 1 129 ? 23.317  17.885  -28.292 1.00 152.87 ? 1818 ARG A O   1 
ATOM   1059 C CB  . ARG A 1 129 ? 22.667  15.163  -26.495 1.00 139.97 ? 1818 ARG A CB  1 
ATOM   1060 C CG  . ARG A 1 129 ? 23.456  14.351  -25.480 1.00 140.28 ? 1818 ARG A CG  1 
ATOM   1061 C CD  . ARG A 1 129 ? 23.399  12.864  -25.806 1.00 146.74 ? 1818 ARG A CD  1 
ATOM   1062 N NE  . ARG A 1 129 ? 22.082  12.291  -25.542 1.00 150.13 ? 1818 ARG A NE  1 
ATOM   1063 C CZ  . ARG A 1 129 ? 21.813  11.468  -24.533 1.00 150.39 ? 1818 ARG A CZ  1 
ATOM   1064 N NH1 . ARG A 1 129 ? 22.774  11.110  -23.693 1.00 148.17 ? 1818 ARG A NH1 1 
ATOM   1065 N NH2 . ARG A 1 129 ? 20.585  10.996  -24.366 1.00 151.61 ? 1818 ARG A NH2 1 
ATOM   1066 N N   . GLU A 1 130 ? 21.134  17.494  -27.909 1.00 143.98 ? 1819 GLU A N   1 
ATOM   1067 C CA  . GLU A 1 130 ? 20.689  18.233  -29.086 1.00 145.18 ? 1819 GLU A CA  1 
ATOM   1068 C C   . GLU A 1 130 ? 20.953  19.723  -28.878 1.00 148.38 ? 1819 GLU A C   1 
ATOM   1069 O O   . GLU A 1 130 ? 20.226  20.398  -28.150 1.00 143.09 ? 1819 GLU A O   1 
ATOM   1070 C CB  . GLU A 1 130 ? 19.213  17.960  -29.382 1.00 144.62 ? 1819 GLU A CB  1 
ATOM   1071 C CG  . GLU A 1 130 ? 18.287  18.117  -28.187 1.00 141.03 ? 1819 GLU A CG  1 
ATOM   1072 C CD  . GLU A 1 130 ? 16.826  17.905  -28.548 1.00 142.90 ? 1819 GLU A CD  1 
ATOM   1073 O OE1 . GLU A 1 130 ? 16.105  17.246  -27.772 1.00 145.20 ? 1819 GLU A OE1 1 
ATOM   1074 O OE2 . GLU A 1 130 ? 16.399  18.393  -29.615 1.00 143.18 ? 1819 GLU A OE2 1 
ATOM   1075 N N   . LEU A 1 131 ? 22.003  20.222  -29.524 1.00 157.04 ? 1820 LEU A N   1 
ATOM   1076 C CA  . LEU A 1 131 ? 22.428  21.608  -29.363 1.00 159.37 ? 1820 LEU A CA  1 
ATOM   1077 C C   . LEU A 1 131 ? 22.326  22.358  -30.689 1.00 162.08 ? 1820 LEU A C   1 
ATOM   1078 O O   . LEU A 1 131 ? 23.325  22.523  -31.390 1.00 164.11 ? 1820 LEU A O   1 
ATOM   1079 C CB  . LEU A 1 131 ? 23.863  21.691  -28.825 1.00 159.02 ? 1820 LEU A CB  1 
ATOM   1080 C CG  . LEU A 1 131 ? 24.126  21.192  -27.399 1.00 155.82 ? 1820 LEU A CG  1 
ATOM   1081 C CD1 . LEU A 1 131 ? 25.581  20.781  -27.221 1.00 155.46 ? 1820 LEU A CD1 1 
ATOM   1082 C CD2 . LEU A 1 131 ? 23.732  22.242  -26.370 1.00 151.61 ? 1820 LEU A CD2 1 
ATOM   1083 N N   . PRO A 1 132 ? 21.114  22.814  -31.037 1.00 162.20 ? 1821 PRO A N   1 
ATOM   1084 C CA  . PRO A 1 132 ? 20.908  23.600  -32.258 1.00 165.35 ? 1821 PRO A CA  1 
ATOM   1085 C C   . PRO A 1 132 ? 21.700  24.901  -32.212 1.00 165.98 ? 1821 PRO A C   1 
ATOM   1086 O O   . PRO A 1 132 ? 22.019  25.361  -31.115 1.00 164.10 ? 1821 PRO A O   1 
ATOM   1087 C CB  . PRO A 1 132 ? 19.407  23.904  -32.229 1.00 166.37 ? 1821 PRO A CB  1 
ATOM   1088 C CG  . PRO A 1 132 ? 18.818  22.847  -31.361 1.00 165.19 ? 1821 PRO A CG  1 
ATOM   1089 C CD  . PRO A 1 132 ? 19.853  22.572  -30.319 1.00 161.79 ? 1821 PRO A CD  1 
ATOM   1090 N N   . HIS A 1 146 ? 14.509  26.625  -36.103 1.00 168.46 ? 1835 HIS A N   1 
ATOM   1091 C CA  . HIS A 1 146 ? 14.375  25.661  -37.188 1.00 169.23 ? 1835 HIS A CA  1 
ATOM   1092 C C   . HIS A 1 146 ? 12.906  25.361  -37.483 1.00 169.92 ? 1835 HIS A C   1 
ATOM   1093 O O   . HIS A 1 146 ? 12.016  26.104  -37.071 1.00 172.18 ? 1835 HIS A O   1 
ATOM   1094 C CB  . HIS A 1 146 ? 15.122  24.370  -36.851 1.00 165.85 ? 1835 HIS A CB  1 
ATOM   1095 N N   . ARG A 1 147 ? 12.661  24.270  -38.201 1.00 166.91 ? 1836 ARG A N   1 
ATOM   1096 C CA  . ARG A 1 147 ? 11.302  23.867  -38.536 1.00 166.45 ? 1836 ARG A CA  1 
ATOM   1097 C C   . ARG A 1 147 ? 10.687  23.049  -37.406 1.00 163.07 ? 1836 ARG A C   1 
ATOM   1098 O O   . ARG A 1 147 ? 9.474   23.084  -37.191 1.00 163.94 ? 1836 ARG A O   1 
ATOM   1099 C CB  . ARG A 1 147 ? 11.281  23.068  -39.841 1.00 167.13 ? 1836 ARG A CB  1 
ATOM   1100 N N   . VAL A 1 148 ? 11.532  22.311  -36.689 1.00 157.30 ? 1837 VAL A N   1 
ATOM   1101 C CA  . VAL A 1 148 ? 11.087  21.531  -35.537 1.00 149.01 ? 1837 VAL A CA  1 
ATOM   1102 C C   . VAL A 1 148 ? 11.410  22.254  -34.237 1.00 138.33 ? 1837 VAL A C   1 
ATOM   1103 O O   . VAL A 1 148 ? 11.497  21.637  -33.174 1.00 132.62 ? 1837 VAL A O   1 
ATOM   1104 C CB  . VAL A 1 148 ? 11.733  20.134  -35.504 1.00 147.02 ? 1837 VAL A CB  1 
ATOM   1105 C CG1 . VAL A 1 148 ? 10.991  19.179  -36.431 1.00 148.03 ? 1837 VAL A CG1 1 
ATOM   1106 C CG2 . VAL A 1 148 ? 13.212  20.225  -35.858 1.00 146.62 ? 1837 VAL A CG2 1 
ATOM   1107 N N   . HIS A 1 149 ? 11.597  23.564  -34.329 1.00 132.54 ? 1838 HIS A N   1 
ATOM   1108 C CA  . HIS A 1 149 ? 11.797  24.382  -33.144 1.00 124.04 ? 1838 HIS A CA  1 
ATOM   1109 C C   . HIS A 1 149 ? 10.559  24.334  -32.249 1.00 123.29 ? 1838 HIS A C   1 
ATOM   1110 O O   . HIS A 1 149 ? 10.671  24.276  -31.025 1.00 118.94 ? 1838 HIS A O   1 
ATOM   1111 C CB  . HIS A 1 149 ? 12.108  25.825  -33.540 1.00 120.56 ? 1838 HIS A CB  1 
ATOM   1112 N N   . THR A 1 150 ? 9.381   24.349  -32.869 1.00 125.34 ? 1839 THR A N   1 
ATOM   1113 C CA  . THR A 1 150 ? 8.119   24.381  -32.129 1.00 125.47 ? 1839 THR A CA  1 
ATOM   1114 C C   . THR A 1 150 ? 7.811   23.053  -31.439 1.00 117.44 ? 1839 THR A C   1 
ATOM   1115 O O   . THR A 1 150 ? 7.019   23.003  -30.496 1.00 120.47 ? 1839 THR A O   1 
ATOM   1116 C CB  . THR A 1 150 ? 6.935   24.771  -33.040 1.00 129.30 ? 1839 THR A CB  1 
ATOM   1117 O OG1 . THR A 1 150 ? 6.639   23.692  -33.937 1.00 131.51 ? 1839 THR A OG1 1 
ATOM   1118 C CG2 . THR A 1 150 ? 7.267   26.023  -33.837 1.00 127.08 ? 1839 THR A CG2 1 
ATOM   1119 N N   . ALA A 1 151 ? 8.430   21.979  -31.922 1.00 111.03 ? 1840 ALA A N   1 
ATOM   1120 C CA  . ALA A 1 151 ? 8.317   20.679  -31.272 1.00 108.94 ? 1840 ALA A CA  1 
ATOM   1121 C C   . ALA A 1 151 ? 9.224   20.680  -30.052 1.00 100.80 ? 1840 ALA A C   1 
ATOM   1122 O O   . ALA A 1 151 ? 8.918   20.069  -29.022 1.00 94.03  ? 1840 ALA A O   1 
ATOM   1123 C CB  . ALA A 1 151 ? 8.713   19.566  -32.228 1.00 110.17 ? 1840 ALA A CB  1 
ATOM   1124 N N   . PHE A 1 152 ? 10.347  21.379  -30.185 1.00 94.24  ? 1841 PHE A N   1 
ATOM   1125 C CA  . PHE A 1 152 ? 11.286  21.557  -29.086 1.00 97.54  ? 1841 PHE A CA  1 
ATOM   1126 C C   . PHE A 1 152 ? 10.674  22.484  -28.041 1.00 107.51 ? 1841 PHE A C   1 
ATOM   1127 O O   . PHE A 1 152 ? 10.830  22.267  -26.840 1.00 113.83 ? 1841 PHE A O   1 
ATOM   1128 C CB  . PHE A 1 152 ? 12.595  22.142  -29.613 1.00 98.50  ? 1841 PHE A CB  1 
ATOM   1129 C CG  . PHE A 1 152 ? 13.672  22.282  -28.568 1.00 105.27 ? 1841 PHE A CG  1 
ATOM   1130 C CD1 . PHE A 1 152 ? 14.522  21.223  -28.279 1.00 99.04  ? 1841 PHE A CD1 1 
ATOM   1131 C CD2 . PHE A 1 152 ? 13.850  23.481  -27.892 1.00 107.64 ? 1841 PHE A CD2 1 
ATOM   1132 C CE1 . PHE A 1 152 ? 15.523  21.358  -27.332 1.00 97.78  ? 1841 PHE A CE1 1 
ATOM   1133 C CE2 . PHE A 1 152 ? 14.848  23.618  -26.945 1.00 102.16 ? 1841 PHE A CE2 1 
ATOM   1134 C CZ  . PHE A 1 152 ? 15.684  22.554  -26.663 1.00 97.17  ? 1841 PHE A CZ  1 
ATOM   1135 N N   . GLU A 1 153 ? 9.968   23.511  -28.510 1.00 105.25 ? 1842 GLU A N   1 
ATOM   1136 C CA  . GLU A 1 153 ? 9.295   24.463  -27.628 1.00 101.79 ? 1842 GLU A CA  1 
ATOM   1137 C C   . GLU A 1 153 ? 8.329   23.765  -26.672 1.00 96.76  ? 1842 GLU A C   1 
ATOM   1138 O O   . GLU A 1 153 ? 8.536   23.758  -25.456 1.00 92.16  ? 1842 GLU A O   1 
ATOM   1139 C CB  . GLU A 1 153 ? 8.546   25.515  -28.449 1.00 106.76 ? 1842 GLU A CB  1 
ATOM   1140 N N   . ARG A 1 154 ? 7.277   23.175  -27.230 1.00 91.82  ? 1843 ARG A N   1 
ATOM   1141 C CA  . ARG A 1 154 ? 6.251   22.513  -26.426 1.00 98.50  ? 1843 ARG A CA  1 
ATOM   1142 C C   . ARG A 1 154 ? 6.820   21.377  -25.563 1.00 96.25  ? 1843 ARG A C   1 
ATOM   1143 O O   . ARG A 1 154 ? 6.509   21.266  -24.377 1.00 86.19  ? 1843 ARG A O   1 
ATOM   1144 C CB  . ARG A 1 154 ? 5.125   21.991  -27.321 1.00 108.26 ? 1843 ARG A CB  1 
ATOM   1145 C CG  . ARG A 1 154 ? 4.414   23.074  -28.115 1.00 120.96 ? 1843 ARG A CG  1 
ATOM   1146 C CD  . ARG A 1 154 ? 3.163   22.541  -28.810 1.00 128.87 ? 1843 ARG A CD  1 
ATOM   1147 N NE  . ARG A 1 154 ? 3.478   21.561  -29.846 1.00 134.36 ? 1843 ARG A NE  1 
ATOM   1148 C CZ  . ARG A 1 154 ? 3.975   21.870  -31.040 1.00 139.54 ? 1843 ARG A CZ  1 
ATOM   1149 N NH1 . ARG A 1 154 ? 4.226   23.135  -31.354 1.00 138.45 ? 1843 ARG A NH1 1 
ATOM   1150 N NH2 . ARG A 1 154 ? 4.229   20.911  -31.920 1.00 142.03 ? 1843 ARG A NH2 1 
ATOM   1151 N N   . GLU A 1 155 ? 7.648   20.541  -26.177 1.00 100.60 ? 1844 GLU A N   1 
ATOM   1152 C CA  . GLU A 1 155 ? 8.275   19.416  -25.503 1.00 95.01  ? 1844 GLU A CA  1 
ATOM   1153 C C   . GLU A 1 155 ? 8.983   19.884  -24.229 1.00 95.81  ? 1844 GLU A C   1 
ATOM   1154 O O   . GLU A 1 155 ? 8.643   19.470  -23.116 1.00 89.27  ? 1844 GLU A O   1 
ATOM   1155 C CB  . GLU A 1 155 ? 9.277   18.766  -26.452 1.00 104.04 ? 1844 GLU A CB  1 
ATOM   1156 C CG  . GLU A 1 155 ? 9.490   17.282  -26.252 1.00 113.36 ? 1844 GLU A CG  1 
ATOM   1157 C CD  . GLU A 1 155 ? 10.078  16.625  -27.483 1.00 121.75 ? 1844 GLU A CD  1 
ATOM   1158 O OE1 . GLU A 1 155 ? 9.430   16.682  -28.549 1.00 126.46 ? 1844 GLU A OE1 1 
ATOM   1159 O OE2 . GLU A 1 155 ? 11.185  16.055  -27.386 1.00 120.58 ? 1844 GLU A OE2 1 
ATOM   1160 N N   . LEU A 1 156 ? 9.970   20.754  -24.413 1.00 95.20  ? 1845 LEU A N   1 
ATOM   1161 C CA  . LEU A 1 156 ? 10.721  21.350  -23.314 1.00 96.23  ? 1845 LEU A CA  1 
ATOM   1162 C C   . LEU A 1 156 ? 9.819   21.850  -22.193 1.00 99.50  ? 1845 LEU A C   1 
ATOM   1163 O O   . LEU A 1 156 ? 10.085  21.607  -21.016 1.00 96.39  ? 1845 LEU A O   1 
ATOM   1164 C CB  . LEU A 1 156 ? 11.563  22.507  -23.848 1.00 96.60  ? 1845 LEU A CB  1 
ATOM   1165 C CG  . LEU A 1 156 ? 12.327  23.414  -22.885 1.00 98.56  ? 1845 LEU A CG  1 
ATOM   1166 C CD1 . LEU A 1 156 ? 13.369  24.207  -23.668 1.00 93.91  ? 1845 LEU A CD1 1 
ATOM   1167 C CD2 . LEU A 1 156 ? 11.393  24.351  -22.121 1.00 98.27  ? 1845 LEU A CD2 1 
ATOM   1168 N N   . HIS A 1 157 ? 8.768   22.573  -22.565 1.00 107.96 ? 1846 HIS A N   1 
ATOM   1169 C CA  . HIS A 1 157 ? 7.846   23.139  -21.589 1.00 114.85 ? 1846 HIS A CA  1 
ATOM   1170 C C   . HIS A 1 157 ? 7.212   22.045  -20.733 1.00 105.15 ? 1846 HIS A C   1 
ATOM   1171 O O   . HIS A 1 157 ? 7.094   22.187  -19.516 1.00 93.72  ? 1846 HIS A O   1 
ATOM   1172 C CB  . HIS A 1 157 ? 6.760   23.956  -22.294 1.00 128.11 ? 1846 HIS A CB  1 
ATOM   1173 C CG  . HIS A 1 157 ? 5.936   24.796  -21.367 1.00 137.57 ? 1846 HIS A CG  1 
ATOM   1174 N ND1 . HIS A 1 157 ? 4.755   24.353  -20.812 1.00 140.11 ? 1846 HIS A ND1 1 
ATOM   1175 C CD2 . HIS A 1 157 ? 6.122   26.054  -20.901 1.00 141.44 ? 1846 HIS A CD2 1 
ATOM   1176 C CE1 . HIS A 1 157 ? 4.249   25.301  -20.044 1.00 141.30 ? 1846 HIS A CE1 1 
ATOM   1177 N NE2 . HIS A 1 157 ? 5.060   26.343  -20.080 1.00 142.29 ? 1846 HIS A NE2 1 
ATOM   1178 N N   . LEU A 1 158 ? 6.811   20.953  -21.378 1.00 101.70 ? 1847 LEU A N   1 
ATOM   1179 C CA  . LEU A 1 158 ? 6.208   19.835  -20.671 1.00 94.25  ? 1847 LEU A CA  1 
ATOM   1180 C C   . LEU A 1 158 ? 7.147   19.364  -19.571 1.00 89.10  ? 1847 LEU A C   1 
ATOM   1181 O O   . LEU A 1 158 ? 6.715   19.073  -18.459 1.00 81.14  ? 1847 LEU A O   1 
ATOM   1182 C CB  . LEU A 1 158 ? 5.882   18.692  -21.630 1.00 92.49  ? 1847 LEU A CB  1 
ATOM   1183 N N   . LEU A 1 159 ? 8.437   19.290  -19.879 1.00 86.77  ? 1848 LEU A N   1 
ATOM   1184 C CA  A LEU A 1 159 ? 9.430   18.929  -18.874 0.42 82.05  ? 1848 LEU A CA  1 
ATOM   1185 C CA  B LEU A 1 159 ? 9.414   18.923  -18.868 0.58 82.03  ? 1848 LEU A CA  1 
ATOM   1186 C C   . LEU A 1 159 ? 9.350   19.879  -17.689 1.00 81.69  ? 1848 LEU A C   1 
ATOM   1187 O O   . LEU A 1 159 ? 9.243   19.450  -16.547 1.00 65.96  ? 1848 LEU A O   1 
ATOM   1188 C CB  A LEU A 1 159 ? 10.838  18.957  -19.466 0.42 81.02  ? 1848 LEU A CB  1 
ATOM   1189 C CB  B LEU A 1 159 ? 10.821  18.885  -19.453 0.58 80.45  ? 1848 LEU A CB  1 
ATOM   1190 C CG  A LEU A 1 159 ? 11.354  17.646  -20.056 0.42 74.92  ? 1848 LEU A CG  1 
ATOM   1191 C CG  B LEU A 1 159 ? 11.275  17.461  -19.745 0.58 74.10  ? 1848 LEU A CG  1 
ATOM   1192 C CD1 A LEU A 1 159 ? 10.329  17.046  -21.005 0.42 61.45  ? 1848 LEU A CD1 1 
ATOM   1193 C CD1 B LEU A 1 159 ? 12.762  17.433  -20.035 0.58 72.61  ? 1848 LEU A CD1 1 
ATOM   1194 C CD2 A LEU A 1 159 ? 12.687  17.879  -20.753 0.42 70.09  ? 1848 LEU A CD2 1 
ATOM   1195 C CD2 B LEU A 1 159 ? 10.932  16.588  -18.555 0.58 55.74  ? 1848 LEU A CD2 1 
ATOM   1196 N N   . GLY A 1 160 ? 9.411   21.176  -17.975 1.00 88.86  ? 1849 GLY A N   1 
ATOM   1197 C CA  . GLY A 1 160 ? 9.265   22.179  -16.938 1.00 86.74  ? 1849 GLY A CA  1 
ATOM   1198 C C   . GLY A 1 160 ? 8.138   21.784  -16.001 1.00 85.04  ? 1849 GLY A C   1 
ATOM   1199 O O   . GLY A 1 160 ? 8.294   21.832  -14.777 1.00 79.71  ? 1849 GLY A O   1 
ATOM   1200 N N   . VAL A 1 161 ? 7.005   21.374  -16.571 1.00 72.53  ? 1850 VAL A N   1 
ATOM   1201 C CA  . VAL A 1 161 ? 5.868   20.930  -15.760 1.00 69.60  ? 1850 VAL A CA  1 
ATOM   1202 C C   . VAL A 1 161 ? 6.116   19.573  -15.068 1.00 71.38  ? 1850 VAL A C   1 
ATOM   1203 O O   . VAL A 1 161 ? 5.680   19.359  -13.936 1.00 70.30  ? 1850 VAL A O   1 
ATOM   1204 C CB  . VAL A 1 161 ? 4.557   20.883  -16.585 1.00 74.13  ? 1850 VAL A CB  1 
ATOM   1205 C CG1 . VAL A 1 161 ? 3.405   20.254  -15.764 1.00 68.96  ? 1850 VAL A CG1 1 
ATOM   1206 C CG2 . VAL A 1 161 ? 4.191   22.277  -17.070 1.00 86.06  ? 1850 VAL A CG2 1 
ATOM   1207 N N   . GLN A 1 162 ? 6.821   18.670  -15.747 1.00 72.98  ? 1851 GLN A N   1 
ATOM   1208 C CA  . GLN A 1 162 ? 7.096   17.336  -15.218 1.00 65.84  ? 1851 GLN A CA  1 
ATOM   1209 C C   . GLN A 1 162 ? 8.226   17.363  -14.177 1.00 68.28  ? 1851 GLN A C   1 
ATOM   1210 O O   . GLN A 1 162 ? 8.238   16.595  -13.214 1.00 60.01  ? 1851 GLN A O   1 
ATOM   1211 C CB  . GLN A 1 162 ? 7.464   16.392  -16.360 1.00 68.65  ? 1851 GLN A CB  1 
ATOM   1212 C CG  . GLN A 1 162 ? 8.045   15.070  -15.898 1.00 80.50  ? 1851 GLN A CG  1 
ATOM   1213 C CD  . GLN A 1 162 ? 8.326   14.126  -17.049 1.00 86.50  ? 1851 GLN A CD  1 
ATOM   1214 O OE1 . GLN A 1 162 ? 8.126   14.477  -18.211 1.00 85.32  ? 1851 GLN A OE1 1 
ATOM   1215 N NE2 . GLN A 1 162 ? 8.789   12.920  -16.733 1.00 86.98  ? 1851 GLN A NE2 1 
ATOM   1216 N N   . VAL A 1 163 ? 9.192   18.243  -14.381 1.00 52.51  ? 1852 VAL A N   1 
ATOM   1217 C CA  . VAL A 1 163 ? 10.244  18.412  -13.397 1.00 63.16  ? 1852 VAL A CA  1 
ATOM   1218 C C   . VAL A 1 163 ? 9.604   19.062  -12.175 1.00 67.42  ? 1852 VAL A C   1 
ATOM   1219 O O   . VAL A 1 163 ? 9.904   18.705  -11.025 1.00 54.24  ? 1852 VAL A O   1 
ATOM   1220 C CB  . VAL A 1 163 ? 11.415  19.245  -13.949 1.00 61.31  ? 1852 VAL A CB  1 
ATOM   1221 C CG1 . VAL A 1 163 ? 12.265  19.805  -12.810 1.00 58.06  ? 1852 VAL A CG1 1 
ATOM   1222 C CG2 . VAL A 1 163 ? 12.261  18.391  -14.884 1.00 60.96  ? 1852 VAL A CG2 1 
ATOM   1223 N N   . GLN A 1 164 ? 8.688   19.990  -12.448 1.00 62.05  ? 1853 GLN A N   1 
ATOM   1224 C CA  . GLN A 1 164 ? 7.897   20.646  -11.413 1.00 69.55  ? 1853 GLN A CA  1 
ATOM   1225 C C   . GLN A 1 164 ? 7.109   19.613  -10.627 1.00 68.27  ? 1853 GLN A C   1 
ATOM   1226 O O   . GLN A 1 164 ? 7.007   19.693  -9.400  1.00 74.87  ? 1853 GLN A O   1 
ATOM   1227 C CB  . GLN A 1 164 ? 6.927   21.651  -12.038 1.00 74.08  ? 1853 GLN A CB  1 
ATOM   1228 C CG  . GLN A 1 164 ? 5.882   22.182  -11.071 1.00 82.66  ? 1853 GLN A CG  1 
ATOM   1229 C CD  . GLN A 1 164 ? 6.466   23.110  -10.021 1.00 95.85  ? 1853 GLN A CD  1 
ATOM   1230 O OE1 . GLN A 1 164 ? 6.140   23.010  -8.835  1.00 98.77  ? 1853 GLN A OE1 1 
ATOM   1231 N NE2 . GLN A 1 164 ? 7.338   24.019  -10.451 1.00 100.07 ? 1853 GLN A NE2 1 
ATOM   1232 N N   . GLN A 1 165 ? 6.550   18.642  -11.340 1.00 57.90  ? 1854 GLN A N   1 
ATOM   1233 C CA  . GLN A 1 165 ? 5.757   17.601  -10.691 1.00 65.41  ? 1854 GLN A CA  1 
ATOM   1234 C C   . GLN A 1 165 ? 6.650   16.708  -9.838  1.00 65.67  ? 1854 GLN A C   1 
ATOM   1235 O O   . GLN A 1 165 ? 6.271   16.291  -8.739  1.00 57.73  ? 1854 GLN A O   1 
ATOM   1236 C CB  . GLN A 1 165 ? 5.001   16.764  -11.723 1.00 61.22  ? 1854 GLN A CB  1 
ATOM   1237 C CG  . GLN A 1 165 ? 4.144   15.674  -11.106 1.00 82.25  ? 1854 GLN A CG  1 
ATOM   1238 C CD  . GLN A 1 165 ? 3.322   16.164  -9.914  1.00 91.68  ? 1854 GLN A CD  1 
ATOM   1239 O OE1 . GLN A 1 165 ? 2.751   17.258  -9.942  1.00 102.48 ? 1854 GLN A OE1 1 
ATOM   1240 N NE2 . GLN A 1 165 ? 3.256   15.347  -8.864  1.00 75.89  ? 1854 GLN A NE2 1 
ATOM   1241 N N   . PHE A 1 166 ? 7.838   16.425  -10.360 1.00 65.47  ? 1855 PHE A N   1 
ATOM   1242 C CA  . PHE A 1 166 ? 8.809   15.600  -9.670  1.00 55.73  ? 1855 PHE A CA  1 
ATOM   1243 C C   . PHE A 1 166 ? 9.218   16.267  -8.370  1.00 51.95  ? 1855 PHE A C   1 
ATOM   1244 O O   . PHE A 1 166 ? 9.294   15.614  -7.325  1.00 47.47  ? 1855 PHE A O   1 
ATOM   1245 C CB  . PHE A 1 166 ? 10.034  15.377  -10.550 1.00 50.08  ? 1855 PHE A CB  1 
ATOM   1246 C CG  . PHE A 1 166 ? 10.999  14.388  -9.987  1.00 51.33  ? 1855 PHE A CG  1 
ATOM   1247 C CD1 . PHE A 1 166 ? 12.227  14.798  -9.473  1.00 37.31  ? 1855 PHE A CD1 1 
ATOM   1248 C CD2 . PHE A 1 166 ? 10.668  13.046  -9.939  1.00 52.58  ? 1855 PHE A CD2 1 
ATOM   1249 C CE1 . PHE A 1 166 ? 13.115  13.873  -8.949  1.00 50.16  ? 1855 PHE A CE1 1 
ATOM   1250 C CE2 . PHE A 1 166 ? 11.549  12.118  -9.409  1.00 53.56  ? 1855 PHE A CE2 1 
ATOM   1251 C CZ  . PHE A 1 166 ? 12.772  12.528  -8.911  1.00 48.20  ? 1855 PHE A CZ  1 
ATOM   1252 N N   . GLN A 1 167 ? 9.488   17.570  -8.444  1.00 45.99  ? 1856 GLN A N   1 
ATOM   1253 C CA  . GLN A 1 167 ? 9.825   18.359  -7.264  1.00 48.60  ? 1856 GLN A CA  1 
ATOM   1254 C C   . GLN A 1 167 ? 8.706   18.293  -6.225  1.00 46.07  ? 1856 GLN A C   1 
ATOM   1255 O O   . GLN A 1 167 ? 8.971   18.191  -5.027  1.00 51.63  ? 1856 GLN A O   1 
ATOM   1256 C CB  . GLN A 1 167 ? 10.110  19.819  -7.650  1.00 50.41  ? 1856 GLN A CB  1 
ATOM   1257 C CG  . GLN A 1 167 ? 11.554  20.086  -8.090  1.00 46.26  ? 1856 GLN A CG  1 
ATOM   1258 C CD  . GLN A 1 167 ? 11.704  21.402  -8.857  1.00 59.38  ? 1856 GLN A CD  1 
ATOM   1259 O OE1 . GLN A 1 167 ? 12.801  21.761  -9.293  1.00 54.97  ? 1856 GLN A OE1 1 
ATOM   1260 N NE2 . GLN A 1 167 ? 10.600  22.120  -9.026  1.00 55.77  ? 1856 GLN A NE2 1 
ATOM   1261 N N   . ASP A 1 168 ? 7.462   18.356  -6.700  1.00 44.62  ? 1857 ASP A N   1 
ATOM   1262 C CA  . ASP A 1 168 ? 6.279   18.286  -5.842  1.00 46.92  ? 1857 ASP A CA  1 
ATOM   1263 C C   . ASP A 1 168 ? 6.162   16.947  -5.132  1.00 43.15  ? 1857 ASP A C   1 
ATOM   1264 O O   . ASP A 1 168 ? 5.822   16.883  -3.949  1.00 46.83  ? 1857 ASP A O   1 
ATOM   1265 C CB  . ASP A 1 168 ? 5.007   18.512  -6.663  1.00 55.23  ? 1857 ASP A CB  1 
ATOM   1266 C CG  . ASP A 1 168 ? 4.945   19.896  -7.278  1.00 69.29  ? 1857 ASP A CG  1 
ATOM   1267 O OD1 . ASP A 1 168 ? 5.735   20.771  -6.862  1.00 69.75  ? 1857 ASP A OD1 1 
ATOM   1268 O OD2 . ASP A 1 168 ? 4.097   20.103  -8.171  1.00 73.76  ? 1857 ASP A OD2 1 
ATOM   1269 N N   . VAL A 1 169 ? 6.424   15.871  -5.865  1.00 44.81  ? 1858 VAL A N   1 
ATOM   1270 C CA  . VAL A 1 169 ? 6.446   14.552  -5.254  1.00 44.32  ? 1858 VAL A CA  1 
ATOM   1271 C C   . VAL A 1 169 ? 7.558   14.497  -4.216  1.00 40.31  ? 1858 VAL A C   1 
ATOM   1272 O O   . VAL A 1 169 ? 7.342   14.016  -3.101  1.00 41.73  ? 1858 VAL A O   1 
ATOM   1273 C CB  . VAL A 1 169 ? 6.662   13.437  -6.292  1.00 46.73  ? 1858 VAL A CB  1 
ATOM   1274 C CG1 . VAL A 1 169 ? 6.716   12.089  -5.598  1.00 45.91  ? 1858 VAL A CG1 1 
ATOM   1275 C CG2 . VAL A 1 169 ? 5.549   13.447  -7.333  1.00 45.41  ? 1858 VAL A CG2 1 
ATOM   1276 N N   . ALA A 1 170 ? 8.751   14.987  -4.581  1.00 33.22  ? 1859 ALA A N   1 
ATOM   1277 C CA  . ALA A 1 170 ? 9.888   14.967  -3.656  1.00 34.67  ? 1859 ALA A CA  1 
ATOM   1278 C C   . ALA A 1 170 ? 9.521   15.679  -2.356  1.00 41.20  ? 1859 ALA A C   1 
ATOM   1279 O O   . ALA A 1 170 ? 9.815   15.202  -1.262  1.00 37.71  ? 1859 ALA A O   1 
ATOM   1280 C CB  . ALA A 1 170 ? 11.109  15.609  -4.285  1.00 35.93  ? 1859 ALA A CB  1 
ATOM   1281 N N   . THR A 1 171 ? 8.872   16.828  -2.489  1.00 39.94  ? 1860 THR A N   1 
ATOM   1282 C CA  . THR A 1 171 ? 8.412   17.578  -1.327  1.00 41.59  ? 1860 THR A CA  1 
ATOM   1283 C C   . THR A 1 171 ? 7.494   16.757  -0.429  1.00 39.13  ? 1860 THR A C   1 
ATOM   1284 O O   . THR A 1 171 ? 7.690   16.687  0.788   1.00 49.32  ? 1860 THR A O   1 
ATOM   1285 C CB  . THR A 1 171 ? 7.681   18.861  -1.760  1.00 48.54  ? 1860 THR A CB  1 
ATOM   1286 O OG1 . THR A 1 171 ? 8.624   19.746  -2.378  1.00 55.25  ? 1860 THR A OG1 1 
ATOM   1287 C CG2 . THR A 1 171 ? 7.073   19.549  -0.554  1.00 42.42  ? 1860 THR A CG2 1 
ATOM   1288 N N   . ARG A 1 172 ? 6.498   16.121  -1.025  1.00 40.94  ? 1861 ARG A N   1 
ATOM   1289 C CA  . ARG A 1 172 ? 5.558   15.316  -0.243  1.00 43.99  ? 1861 ARG A CA  1 
ATOM   1290 C C   . ARG A 1 172 ? 6.231   14.108  0.396   1.00 35.53  ? 1861 ARG A C   1 
ATOM   1291 O O   . ARG A 1 172 ? 6.011   13.814  1.571   1.00 35.01  ? 1861 ARG A O   1 
ATOM   1292 C CB  . ARG A 1 172 ? 4.383   14.858  -1.108  1.00 44.05  ? 1861 ARG A CB  1 
ATOM   1293 C CG  . ARG A 1 172 ? 3.575   13.722  -0.479  1.00 51.64  ? 1861 ARG A CG  1 
ATOM   1294 C CD  . ARG A 1 172 ? 2.247   13.466  -1.200  1.00 53.81  ? 1861 ARG A CD  1 
ATOM   1295 N NE  . ARG A 1 172 ? 2.412   13.291  -2.638  1.00 54.63  ? 1861 ARG A NE  1 
ATOM   1296 C CZ  . ARG A 1 172 ? 2.602   12.125  -3.252  1.00 56.62  ? 1861 ARG A CZ  1 
ATOM   1297 N NH1 . ARG A 1 172 ? 2.743   12.089  -4.575  1.00 60.20  ? 1861 ARG A NH1 1 
ATOM   1298 N NH2 . ARG A 1 172 ? 2.646   11.000  -2.555  1.00 51.71  ? 1861 ARG A NH2 1 
ATOM   1299 N N   . LEU A 1 173 ? 7.047   13.389  -0.373  1.00 39.55  ? 1862 LEU A N   1 
ATOM   1300 C CA  . LEU A 1 173 ? 7.632   12.159  0.150   1.00 40.37  ? 1862 LEU A CA  1 
ATOM   1301 C C   . LEU A 1 173 ? 8.501   12.442  1.367   1.00 43.66  ? 1862 LEU A C   1 
ATOM   1302 O O   . LEU A 1 173 ? 8.505   11.664  2.324   1.00 39.75  ? 1862 LEU A O   1 
ATOM   1303 C CB  . LEU A 1 173 ? 8.443   11.418  -0.926  1.00 40.65  ? 1862 LEU A CB  1 
ATOM   1304 C CG  . LEU A 1 173 ? 7.614   10.889  -2.103  1.00 40.93  ? 1862 LEU A CG  1 
ATOM   1305 C CD1 . LEU A 1 173 ? 8.476   10.104  -3.100  1.00 39.59  ? 1862 LEU A CD1 1 
ATOM   1306 C CD2 . LEU A 1 173 ? 6.417   10.052  -1.608  1.00 44.29  ? 1862 LEU A CD2 1 
ATOM   1307 N N   . GLN A 1 174 ? 9.236   13.553  1.323   1.00 32.67  ? 1863 GLN A N   1 
ATOM   1308 C CA  . GLN A 1 174 ? 10.156  13.907  2.400   1.00 38.69  ? 1863 GLN A CA  1 
ATOM   1309 C C   . GLN A 1 174 ? 9.440   14.076  3.739   1.00 43.80  ? 1863 GLN A C   1 
ATOM   1310 O O   . GLN A 1 174 ? 10.055  13.928  4.793   1.00 44.12  ? 1863 GLN A O   1 
ATOM   1311 C CB  . GLN A 1 174 ? 10.964  15.174  2.055   1.00 35.23  ? 1863 GLN A CB  1 
ATOM   1312 C CG  . GLN A 1 174 ? 12.327  14.873  1.414   1.00 47.32  ? 1863 GLN A CG  1 
ATOM   1313 C CD  . GLN A 1 174 ? 12.939  16.079  0.704   1.00 55.32  ? 1863 GLN A CD  1 
ATOM   1314 O OE1 . GLN A 1 174 ? 13.959  16.620  1.134   1.00 60.49  ? 1863 GLN A OE1 1 
ATOM   1315 N NE2 . GLN A 1 174 ? 12.320  16.496  -0.390  1.00 48.37  ? 1863 GLN A NE2 1 
ATOM   1316 N N   . THR A 1 175 ? 8.145   14.379  3.716   1.00 34.78  ? 1864 THR A N   1 
ATOM   1317 C CA  . THR A 1 175 ? 7.411   14.486  4.989   1.00 30.74  ? 1864 THR A CA  1 
ATOM   1318 C C   . THR A 1 175 ? 7.096   13.115  5.564   1.00 33.06  ? 1864 THR A C   1 
ATOM   1319 O O   . THR A 1 175 ? 6.623   13.009  6.697   1.00 37.71  ? 1864 THR A O   1 
ATOM   1320 C CB  . THR A 1 175 ? 6.116   15.260  4.833   1.00 41.26  ? 1864 THR A CB  1 
ATOM   1321 O OG1 . THR A 1 175 ? 5.130   14.412  4.226   1.00 39.05  ? 1864 THR A OG1 1 
ATOM   1322 C CG2 . THR A 1 175 ? 6.347   16.509  3.976   1.00 39.79  ? 1864 THR A CG2 1 
ATOM   1323 N N   . ALA A 1 176 ? 7.356   12.064  4.784   1.00 32.62  ? 1865 ALA A N   1 
ATOM   1324 C CA  . ALA A 1 176 ? 7.083   10.676  5.226   1.00 47.09  ? 1865 ALA A CA  1 
ATOM   1325 C C   . ALA A 1 176 ? 8.310   9.936   5.770   1.00 42.13  ? 1865 ALA A C   1 
ATOM   1326 O O   . ALA A 1 176 ? 8.192   8.827   6.294   1.00 40.49  ? 1865 ALA A O   1 
ATOM   1327 C CB  . ALA A 1 176 ? 6.455   9.854   4.084   1.00 38.49  ? 1865 ALA A CB  1 
ATOM   1328 N N   . TYR A 1 177 ? 9.482   10.542  5.620   1.00 35.33  ? 1866 TYR A N   1 
ATOM   1329 C CA  . TYR A 1 177 ? 10.756  9.897   5.960   1.00 35.62  ? 1866 TYR A CA  1 
ATOM   1330 C C   . TYR A 1 177 ? 11.724  10.882  6.609   1.00 44.48  ? 1866 TYR A C   1 
ATOM   1331 O O   . TYR A 1 177 ? 11.581  12.100  6.463   1.00 38.03  ? 1866 TYR A O   1 
ATOM   1332 C CB  . TYR A 1 177 ? 11.432  9.310   4.712   1.00 36.68  ? 1866 TYR A CB  1 
ATOM   1333 C CG  . TYR A 1 177 ? 10.548  8.365   3.931   1.00 43.04  ? 1866 TYR A CG  1 
ATOM   1334 C CD1 . TYR A 1 177 ? 10.461  7.015   4.266   1.00 39.41  ? 1866 TYR A CD1 1 
ATOM   1335 C CD2 . TYR A 1 177 ? 9.792   8.827   2.859   1.00 35.25  ? 1866 TYR A CD2 1 
ATOM   1336 C CE1 . TYR A 1 177 ? 9.632   6.154   3.552   1.00 45.04  ? 1866 TYR A CE1 1 
ATOM   1337 C CE2 . TYR A 1 177 ? 8.963   7.989   2.147   1.00 41.08  ? 1866 TYR A CE2 1 
ATOM   1338 C CZ  . TYR A 1 177 ? 8.878   6.655   2.494   1.00 49.34  ? 1866 TYR A CZ  1 
ATOM   1339 O OH  . TYR A 1 177 ? 8.047   5.840   1.761   1.00 44.49  ? 1866 TYR A OH  1 
ATOM   1340 N N   . ALA A 1 178 ? 12.713  10.340  7.314   1.00 39.32  ? 1867 ALA A N   1 
ATOM   1341 C CA  . ALA A 1 178 ? 13.810  11.139  7.854   1.00 48.93  ? 1867 ALA A CA  1 
ATOM   1342 C C   . ALA A 1 178 ? 15.121  10.411  7.597   1.00 46.87  ? 1867 ALA A C   1 
ATOM   1343 O O   . ALA A 1 178 ? 15.147  9.408   6.883   1.00 45.22  ? 1867 ALA A O   1 
ATOM   1344 C CB  . ALA A 1 178 ? 13.612  11.403  9.355   1.00 44.51  ? 1867 ALA A CB  1 
ATOM   1345 N N   . GLY A 1 179 ? 16.211  10.928  8.155   1.00 53.52  ? 1868 GLY A N   1 
ATOM   1346 C CA  . GLY A 1 179 ? 17.506  10.283  8.023   1.00 49.60  ? 1868 GLY A CA  1 
ATOM   1347 C C   . GLY A 1 179 ? 17.870  9.967   6.584   1.00 52.25  ? 1868 GLY A C   1 
ATOM   1348 O O   . GLY A 1 179 ? 17.678  10.789  5.685   1.00 52.42  ? 1868 GLY A O   1 
ATOM   1349 N N   . GLU A 1 180 ? 18.370  8.755   6.362   1.00 50.47  ? 1869 GLU A N   1 
ATOM   1350 C CA  . GLU A 1 180 ? 18.934  8.387   5.075   1.00 57.37  ? 1869 GLU A CA  1 
ATOM   1351 C C   . GLU A 1 180 ? 17.907  8.336   3.943   1.00 59.70  ? 1869 GLU A C   1 
ATOM   1352 O O   . GLU A 1 180 ? 18.222  8.685   2.799   1.00 50.36  ? 1869 GLU A O   1 
ATOM   1353 C CB  . GLU A 1 180 ? 19.685  7.056   5.175   1.00 58.44  ? 1869 GLU A CB  1 
ATOM   1354 C CG  . GLU A 1 180 ? 20.132  6.499   3.832   1.00 61.03  ? 1869 GLU A CG  1 
ATOM   1355 N N   . LYS A 1 181 ? 16.685  7.902   4.244   1.00 45.69  ? 1870 LYS A N   1 
ATOM   1356 C CA  . LYS A 1 181 ? 15.669  7.820   3.201   1.00 49.75  ? 1870 LYS A CA  1 
ATOM   1357 C C   . LYS A 1 181 ? 15.316  9.212   2.687   1.00 40.18  ? 1870 LYS A C   1 
ATOM   1358 O O   . LYS A 1 181 ? 15.331  9.448   1.481   1.00 43.06  ? 1870 LYS A O   1 
ATOM   1359 C CB  . LYS A 1 181 ? 14.421  7.062   3.675   1.00 59.06  ? 1870 LYS A CB  1 
ATOM   1360 C CG  . LYS A 1 181 ? 14.461  5.565   3.361   1.00 69.94  ? 1870 LYS A CG  1 
ATOM   1361 C CD  . LYS A 1 181 ? 13.115  4.888   3.601   1.00 76.06  ? 1870 LYS A CD  1 
ATOM   1362 C CE  . LYS A 1 181 ? 13.015  3.574   2.827   1.00 76.22  ? 1870 LYS A CE  1 
ATOM   1363 N NZ  . LYS A 1 181 ? 11.638  2.978   2.860   1.00 73.05  ? 1870 LYS A NZ  1 
ATOM   1364 N N   . ALA A 1 182 ? 15.015  10.122  3.613   1.00 35.84  ? 1871 ALA A N   1 
ATOM   1365 C CA  . ALA A 1 182 ? 14.693  11.501  3.287   1.00 41.07  ? 1871 ALA A CA  1 
ATOM   1366 C C   . ALA A 1 182 ? 15.830  12.124  2.492   1.00 46.86  ? 1871 ALA A C   1 
ATOM   1367 O O   . ALA A 1 182 ? 15.606  12.824  1.501   1.00 36.85  ? 1871 ALA A O   1 
ATOM   1368 C CB  . ALA A 1 182 ? 14.441  12.292  4.570   1.00 31.68  ? 1871 ALA A CB  1 
ATOM   1369 N N   . GLU A 1 183 ? 17.056  11.851  2.927   1.00 42.63  ? 1872 GLU A N   1 
ATOM   1370 C CA  . GLU A 1 183 ? 18.243  12.382  2.259   1.00 50.79  ? 1872 GLU A CA  1 
ATOM   1371 C C   . GLU A 1 183 ? 18.355  11.857  0.828   1.00 45.85  ? 1872 GLU A C   1 
ATOM   1372 O O   . GLU A 1 183 ? 18.719  12.594  -0.100  1.00 44.39  ? 1872 GLU A O   1 
ATOM   1373 C CB  . GLU A 1 183 ? 19.500  12.029  3.061   1.00 58.36  ? 1872 GLU A CB  1 
ATOM   1374 C CG  . GLU A 1 183 ? 20.809  12.318  2.343   1.00 68.04  ? 1872 GLU A CG  1 
ATOM   1375 N N   . ALA A 1 184 ? 18.046  10.579  0.647   1.00 36.26  ? 1873 ALA A N   1 
ATOM   1376 C CA  . ALA A 1 184 ? 18.062  9.979   -0.684  1.00 42.11  ? 1873 ALA A CA  1 
ATOM   1377 C C   . ALA A 1 184 ? 17.048  10.664  -1.598  1.00 44.94  ? 1873 ALA A C   1 
ATOM   1378 O O   . ALA A 1 184 ? 17.317  10.927  -2.782  1.00 43.00  ? 1873 ALA A O   1 
ATOM   1379 C CB  . ALA A 1 184 ? 17.751  8.497   -0.595  1.00 47.20  ? 1873 ALA A CB  1 
ATOM   1380 N N   . ILE A 1 185 ? 15.866  10.934  -1.052  1.00 37.77  ? 1874 ILE A N   1 
ATOM   1381 C CA  . ILE A 1 185 ? 14.817  11.567  -1.832  1.00 35.56  ? 1874 ILE A CA  1 
ATOM   1382 C C   . ILE A 1 185 ? 15.262  12.956  -2.259  1.00 37.25  ? 1874 ILE A C   1 
ATOM   1383 O O   . ILE A 1 185 ? 15.088  13.361  -3.412  1.00 40.50  ? 1874 ILE A O   1 
ATOM   1384 C CB  . ILE A 1 185 ? 13.517  11.655  -1.045  1.00 34.00  ? 1874 ILE A CB  1 
ATOM   1385 C CG1 . ILE A 1 185 ? 13.012  10.236  -0.744  1.00 32.17  ? 1874 ILE A CG1 1 
ATOM   1386 C CG2 . ILE A 1 185 ? 12.453  12.421  -1.860  1.00 30.02  ? 1874 ILE A CG2 1 
ATOM   1387 C CD1 . ILE A 1 185 ? 11.917  10.173  0.290   1.00 33.30  ? 1874 ILE A CD1 1 
ATOM   1388 N N   . GLN A 1 186 ? 15.847  13.681  -1.319  1.00 38.77  ? 1875 GLN A N   1 
ATOM   1389 C CA  . GLN A 1 186 ? 16.255  15.059  -1.567  1.00 47.97  ? 1875 GLN A CA  1 
ATOM   1390 C C   . GLN A 1 186 ? 17.424  15.121  -2.537  1.00 39.62  ? 1875 GLN A C   1 
ATOM   1391 O O   . GLN A 1 186 ? 17.493  16.011  -3.386  1.00 41.29  ? 1875 GLN A O   1 
ATOM   1392 C CB  . GLN A 1 186 ? 16.623  15.745  -0.253  1.00 44.28  ? 1875 GLN A CB  1 
ATOM   1393 C CG  . GLN A 1 186 ? 16.903  17.227  -0.377  1.00 58.03  ? 1875 GLN A CG  1 
ATOM   1394 C CD  . GLN A 1 186 ? 17.526  17.789  0.888   1.00 67.49  ? 1875 GLN A CD  1 
ATOM   1395 O OE1 . GLN A 1 186 ? 18.526  17.269  1.384   1.00 64.97  ? 1875 GLN A OE1 1 
ATOM   1396 N NE2 . GLN A 1 186 ? 16.934  18.851  1.416   1.00 68.93  ? 1875 GLN A NE2 1 
ATOM   1397 N N   . ASN A 1 187 ? 18.351  14.179  -2.415  1.00 35.29  ? 1876 ASN A N   1 
ATOM   1398 C CA  . ASN A 1 187 ? 19.501  14.172  -3.311  1.00 51.19  ? 1876 ASN A CA  1 
ATOM   1399 C C   . ASN A 1 187 ? 19.070  13.971  -4.748  1.00 46.15  ? 1876 ASN A C   1 
ATOM   1400 O O   . ASN A 1 187 ? 19.579  14.626  -5.650  1.00 46.56  ? 1876 ASN A O   1 
ATOM   1401 C CB  . ASN A 1 187 ? 20.521  13.108  -2.904  1.00 54.16  ? 1876 ASN A CB  1 
ATOM   1402 C CG  . ASN A 1 187 ? 21.319  13.515  -1.689  1.00 58.83  ? 1876 ASN A CG  1 
ATOM   1403 O OD1 . ASN A 1 187 ? 21.316  14.682  -1.301  1.00 56.27  ? 1876 ASN A OD1 1 
ATOM   1404 N ND2 . ASN A 1 187 ? 22.002  12.553  -1.071  1.00 68.47  ? 1876 ASN A ND2 1 
ATOM   1405 N N   . LYS A 1 188 ? 18.129  13.084  -4.951  1.00 41.58  ? 1877 LYS A N   1 
ATOM   1406 C CA  . LYS A 1 188 ? 17.647  12.802  -6.294  1.00 41.41  ? 1877 LYS A CA  1 
ATOM   1407 C C   . LYS A 1 188 ? 16.931  14.029  -6.853  1.00 45.91  ? 1877 LYS A C   1 
ATOM   1408 O O   . LYS A 1 188 ? 17.083  14.366  -8.027  1.00 42.01  ? 1877 LYS A O   1 
ATOM   1409 C CB  . LYS A 1 188 ? 16.723  11.582  -6.292  1.00 42.29  ? 1877 LYS A CB  1 
ATOM   1410 C CG  . LYS A 1 188 ? 16.144  11.259  -7.646  1.00 45.99  ? 1877 LYS A CG  1 
ATOM   1411 C CD  . LYS A 1 188 ? 17.234  11.229  -8.708  1.00 55.64  ? 1877 LYS A CD  1 
ATOM   1412 C CE  . LYS A 1 188 ? 18.061  9.960   -8.645  1.00 58.21  ? 1877 LYS A CE  1 
ATOM   1413 N NZ  . LYS A 1 188 ? 19.501  10.204  -8.443  1.00 59.58  ? 1877 LYS A NZ  1 
ATOM   1414 N N   . GLU A 1 189 ? 16.159  14.699  -6.008  1.00 43.10  ? 1878 GLU A N   1 
ATOM   1415 C CA  . GLU A 1 189 ? 15.473  15.903  -6.447  1.00 42.70  ? 1878 GLU A CA  1 
ATOM   1416 C C   . GLU A 1 189 ? 16.489  16.978  -6.841  1.00 42.13  ? 1878 GLU A C   1 
ATOM   1417 O O   . GLU A 1 189 ? 16.355  17.604  -7.885  1.00 41.73  ? 1878 GLU A O   1 
ATOM   1418 C CB  . GLU A 1 189 ? 14.491  16.422  -5.381  1.00 37.80  ? 1878 GLU A CB  1 
ATOM   1419 C CG  . GLU A 1 189 ? 13.719  17.686  -5.810  1.00 37.79  ? 1878 GLU A CG  1 
ATOM   1420 C CD  . GLU A 1 189 ? 14.570  18.950  -5.673  1.00 57.52  ? 1878 GLU A CD  1 
ATOM   1421 O OE1 . GLU A 1 189 ? 15.339  19.046  -4.698  1.00 51.64  ? 1878 GLU A OE1 1 
ATOM   1422 O OE2 . GLU A 1 189 ? 14.476  19.845  -6.539  1.00 64.54  ? 1878 GLU A OE2 1 
ATOM   1423 N N   . GLN A 1 190 ? 17.515  17.181  -6.022  1.00 33.95  ? 1879 GLN A N   1 
ATOM   1424 C CA  . GLN A 1 190 ? 18.485  18.233  -6.317  1.00 39.66  ? 1879 GLN A CA  1 
ATOM   1425 C C   . GLN A 1 190 ? 19.257  17.929  -7.604  1.00 46.61  ? 1879 GLN A C   1 
ATOM   1426 O O   . GLN A 1 190 ? 19.667  18.834  -8.328  1.00 46.16  ? 1879 GLN A O   1 
ATOM   1427 C CB  . GLN A 1 190 ? 19.464  18.395  -5.145  1.00 46.85  ? 1879 GLN A CB  1 
ATOM   1428 C CG  . GLN A 1 190 ? 18.816  18.913  -3.872  1.00 52.83  ? 1879 GLN A CG  1 
ATOM   1429 C CD  . GLN A 1 190 ? 19.707  18.736  -2.657  1.00 64.92  ? 1879 GLN A CD  1 
ATOM   1430 O OE1 . GLN A 1 190 ? 20.381  17.716  -2.510  1.00 67.38  ? 1879 GLN A OE1 1 
ATOM   1431 N NE2 . GLN A 1 190 ? 19.706  19.724  -1.775  1.00 67.25  ? 1879 GLN A NE2 1 
ATOM   1432 N N   . GLU A 1 191 ? 19.453  16.639  -7.863  1.00 46.82  ? 1880 GLU A N   1 
ATOM   1433 C CA  . GLU A 1 191 ? 20.190  16.153  -9.019  1.00 48.59  ? 1880 GLU A CA  1 
ATOM   1434 C C   . GLU A 1 191 ? 19.401  16.426  -10.299 1.00 52.84  ? 1880 GLU A C   1 
ATOM   1435 O O   . GLU A 1 191 ? 19.962  16.825  -11.324 1.00 51.44  ? 1880 GLU A O   1 
ATOM   1436 C CB  . GLU A 1 191 ? 20.437  14.658  -8.838  1.00 56.74  ? 1880 GLU A CB  1 
ATOM   1437 C CG  . GLU A 1 191 ? 21.197  13.974  -9.945  1.00 73.92  ? 1880 GLU A CG  1 
ATOM   1438 C CD  . GLU A 1 191 ? 21.576  12.542  -9.583  1.00 85.41  ? 1880 GLU A CD  1 
ATOM   1439 O OE1 . GLU A 1 191 ? 21.209  12.088  -8.476  1.00 82.31  ? 1880 GLU A OE1 1 
ATOM   1440 O OE2 . GLU A 1 191 ? 22.248  11.874  -10.403 1.00 91.03  ? 1880 GLU A OE2 1 
ATOM   1441 N N   . VAL A 1 192 ? 18.090  16.216  -10.224 1.00 50.55  ? 1881 VAL A N   1 
ATOM   1442 C CA  . VAL A 1 192 ? 17.189  16.519  -11.332 1.00 53.53  ? 1881 VAL A CA  1 
ATOM   1443 C C   . VAL A 1 192 ? 17.073  18.031  -11.561 1.00 56.15  ? 1881 VAL A C   1 
ATOM   1444 O O   . VAL A 1 192 ? 17.099  18.506  -12.703 1.00 57.17  ? 1881 VAL A O   1 
ATOM   1445 C CB  . VAL A 1 192 ? 15.789  15.908  -11.101 1.00 54.52  ? 1881 VAL A CB  1 
ATOM   1446 C CG1 . VAL A 1 192 ? 14.749  16.590  -11.970 1.00 59.65  ? 1881 VAL A CG1 1 
ATOM   1447 C CG2 . VAL A 1 192 ? 15.810  14.408  -11.364 1.00 45.79  ? 1881 VAL A CG2 1 
ATOM   1448 N N   . SER A 1 193 ? 16.957  18.784  -10.472 1.00 51.37  ? 1882 SER A N   1 
ATOM   1449 C CA  . SER A 1 193 ? 16.848  20.235  -10.555 1.00 57.51  ? 1882 SER A CA  1 
ATOM   1450 C C   . SER A 1 193 ? 18.119  20.847  -11.126 1.00 50.25  ? 1882 SER A C   1 
ATOM   1451 O O   . SER A 1 193 ? 18.062  21.848  -11.837 1.00 56.03  ? 1882 SER A O   1 
ATOM   1452 C CB  . SER A 1 193 ? 16.555  20.839  -9.187  1.00 56.96  ? 1882 SER A CB  1 
ATOM   1453 O OG  . SER A 1 193 ? 15.329  20.332  -8.690  1.00 61.48  ? 1882 SER A OG  1 
ATOM   1454 N N   . ALA A 1 194 ? 19.263  20.246  -10.820 1.00 54.06  ? 1883 ALA A N   1 
ATOM   1455 C CA  . ALA A 1 194 ? 20.533  20.725  -11.373 1.00 56.20  ? 1883 ALA A CA  1 
ATOM   1456 C C   . ALA A 1 194 ? 20.687  20.351  -12.854 1.00 57.58  ? 1883 ALA A C   1 
ATOM   1457 O O   . ALA A 1 194 ? 21.248  21.108  -13.638 1.00 57.98  ? 1883 ALA A O   1 
ATOM   1458 C CB  . ALA A 1 194 ? 21.700  20.200  -10.565 1.00 46.39  ? 1883 ALA A CB  1 
ATOM   1459 N N   . ALA A 1 195 ? 20.194  19.178  -13.235 1.00 51.66  ? 1884 ALA A N   1 
ATOM   1460 C CA  . ALA A 1 195 ? 20.213  18.784  -14.640 1.00 53.09  ? 1884 ALA A CA  1 
ATOM   1461 C C   . ALA A 1 195 ? 19.353  19.756  -15.426 1.00 58.95  ? 1884 ALA A C   1 
ATOM   1462 O O   . ALA A 1 195 ? 19.769  20.302  -16.456 1.00 64.72  ? 1884 ALA A O   1 
ATOM   1463 C CB  . ALA A 1 195 ? 19.687  17.382  -14.806 1.00 47.67  ? 1884 ALA A CB  1 
ATOM   1464 N N   . TRP A 1 196 ? 18.144  19.966  -14.923 1.00 52.47  ? 1885 TRP A N   1 
ATOM   1465 C CA  . TRP A 1 196 ? 17.197  20.873  -15.550 1.00 51.08  ? 1885 TRP A CA  1 
ATOM   1466 C C   . TRP A 1 196 ? 17.815  22.261  -15.661 1.00 66.21  ? 1885 TRP A C   1 
ATOM   1467 O O   . TRP A 1 196 ? 17.853  22.845  -16.745 1.00 66.98  ? 1885 TRP A O   1 
ATOM   1468 C CB  . TRP A 1 196 ? 15.920  20.926  -14.728 1.00 57.08  ? 1885 TRP A CB  1 
ATOM   1469 C CG  . TRP A 1 196 ? 14.841  21.740  -15.317 1.00 64.00  ? 1885 TRP A CG  1 
ATOM   1470 C CD1 . TRP A 1 196 ? 14.190  22.785  -14.730 1.00 67.08  ? 1885 TRP A CD1 1 
ATOM   1471 C CD2 . TRP A 1 196 ? 14.261  21.581  -16.617 1.00 67.18  ? 1885 TRP A CD2 1 
ATOM   1472 N NE1 . TRP A 1 196 ? 13.232  23.284  -15.584 1.00 71.35  ? 1885 TRP A NE1 1 
ATOM   1473 C CE2 . TRP A 1 196 ? 13.256  22.561  -16.748 1.00 70.76  ? 1885 TRP A CE2 1 
ATOM   1474 C CE3 . TRP A 1 196 ? 14.487  20.697  -17.680 1.00 69.31  ? 1885 TRP A CE3 1 
ATOM   1475 C CZ2 . TRP A 1 196 ? 12.477  22.686  -17.904 1.00 68.31  ? 1885 TRP A CZ2 1 
ATOM   1476 C CZ3 . TRP A 1 196 ? 13.712  20.826  -18.830 1.00 67.56  ? 1885 TRP A CZ3 1 
ATOM   1477 C CH2 . TRP A 1 196 ? 12.725  21.813  -18.930 1.00 64.87  ? 1885 TRP A CH2 1 
ATOM   1478 N N   . GLN A 1 197 ? 18.326  22.772  -14.541 1.00 56.80  ? 1886 GLN A N   1 
ATOM   1479 C CA  . GLN A 1 197 ? 18.856  24.133  -14.503 1.00 62.90  ? 1886 GLN A CA  1 
ATOM   1480 C C   . GLN A 1 197 ? 19.954  24.317  -15.538 1.00 63.40  ? 1886 GLN A C   1 
ATOM   1481 O O   . GLN A 1 197 ? 20.030  25.359  -16.190 1.00 69.72  ? 1886 GLN A O   1 
ATOM   1482 C CB  . GLN A 1 197 ? 19.383  24.497  -13.105 1.00 65.23  ? 1886 GLN A CB  1 
ATOM   1483 C CG  . GLN A 1 197 ? 19.841  25.962  -12.971 1.00 72.59  ? 1886 GLN A CG  1 
ATOM   1484 C CD  . GLN A 1 197 ? 20.263  26.334  -11.547 1.00 75.36  ? 1886 GLN A CD  1 
ATOM   1485 O OE1 . GLN A 1 197 ? 19.940  25.631  -10.589 1.00 70.91  ? 1886 GLN A OE1 1 
ATOM   1486 N NE2 . GLN A 1 197 ? 20.992  27.445  -11.411 1.00 71.90  ? 1886 GLN A NE2 1 
ATOM   1487 N N   . ALA A 1 198 ? 20.804  23.303  -15.684 1.00 51.99  ? 1887 ALA A N   1 
ATOM   1488 C CA  . ALA A 1 198 ? 21.907  23.373  -16.632 1.00 57.24  ? 1887 ALA A CA  1 
ATOM   1489 C C   . ALA A 1 198 ? 21.384  23.321  -18.063 1.00 56.42  ? 1887 ALA A C   1 
ATOM   1490 O O   . ALA A 1 198 ? 21.959  23.939  -18.958 1.00 58.71  ? 1887 ALA A O   1 
ATOM   1491 C CB  . ALA A 1 198 ? 22.937  22.257  -16.372 1.00 47.26  ? 1887 ALA A CB  1 
ATOM   1492 N N   . LEU A 1 199 ? 20.293  22.585  -18.270 1.00 55.24  ? 1888 LEU A N   1 
ATOM   1493 C CA  . LEU A 1 199 ? 19.658  22.525  -19.581 1.00 63.26  ? 1888 LEU A CA  1 
ATOM   1494 C C   . LEU A 1 199 ? 19.165  23.914  -19.970 1.00 71.45  ? 1888 LEU A C   1 
ATOM   1495 O O   . LEU A 1 199 ? 19.525  24.450  -21.021 1.00 75.94  ? 1888 LEU A O   1 
ATOM   1496 C CB  . LEU A 1 199 ? 18.484  21.544  -19.570 1.00 62.42  ? 1888 LEU A CB  1 
ATOM   1497 C CG  . LEU A 1 199 ? 17.637  21.556  -20.841 1.00 68.10  ? 1888 LEU A CG  1 
ATOM   1498 C CD1 . LEU A 1 199 ? 18.529  21.381  -22.061 1.00 65.34  ? 1888 LEU A CD1 1 
ATOM   1499 C CD2 . LEU A 1 199 ? 16.550  20.485  -20.794 1.00 64.66  ? 1888 LEU A CD2 1 
ATOM   1500 N N   . LEU A 1 200 ? 18.346  24.497  -19.102 1.00 71.37  ? 1889 LEU A N   1 
ATOM   1501 C CA  . LEU A 1 200 ? 17.815  25.837  -19.310 1.00 74.07  ? 1889 LEU A CA  1 
ATOM   1502 C C   . LEU A 1 200 ? 18.924  26.835  -19.631 1.00 75.86  ? 1889 LEU A C   1 
ATOM   1503 O O   . LEU A 1 200 ? 18.848  27.556  -20.623 1.00 82.16  ? 1889 LEU A O   1 
ATOM   1504 C CB  . LEU A 1 200 ? 17.015  26.287  -18.084 1.00 81.14  ? 1889 LEU A CB  1 
ATOM   1505 C CG  . LEU A 1 200 ? 15.585  25.746  -17.973 1.00 89.46  ? 1889 LEU A CG  1 
ATOM   1506 C CD1 . LEU A 1 200 ? 15.477  24.341  -18.541 1.00 92.11  ? 1889 LEU A CD1 1 
ATOM   1507 C CD2 . LEU A 1 200 ? 15.100  25.784  -16.530 1.00 92.65  ? 1889 LEU A CD2 1 
ATOM   1508 N N   . ASP A 1 201 ? 19.955  26.871  -18.793 1.00 64.59  ? 1890 ASP A N   1 
ATOM   1509 C CA  . ASP A 1 201 ? 21.085  27.752  -19.037 1.00 68.12  ? 1890 ASP A CA  1 
ATOM   1510 C C   . ASP A 1 201 ? 21.708  27.464  -20.403 1.00 73.41  ? 1890 ASP A C   1 
ATOM   1511 O O   . ASP A 1 201 ? 22.121  28.379  -21.116 1.00 76.85  ? 1890 ASP A O   1 
ATOM   1512 C CB  . ASP A 1 201 ? 22.127  27.608  -17.928 1.00 68.36  ? 1890 ASP A CB  1 
ATOM   1513 C CG  . ASP A 1 201 ? 23.372  28.426  -18.192 1.00 79.72  ? 1890 ASP A CG  1 
ATOM   1514 O OD1 . ASP A 1 201 ? 23.634  29.381  -17.428 1.00 92.50  ? 1890 ASP A OD1 1 
ATOM   1515 O OD2 . ASP A 1 201 ? 24.087  28.119  -19.171 1.00 65.65  ? 1890 ASP A OD2 1 
ATOM   1516 N N   . ALA A 1 202 ? 21.777  26.185  -20.759 1.00 83.29  ? 1891 ALA A N   1 
ATOM   1517 C CA  . ALA A 1 202 ? 22.345  25.782  -22.040 1.00 93.79  ? 1891 ALA A CA  1 
ATOM   1518 C C   . ALA A 1 202 ? 21.599  26.436  -23.198 1.00 106.89 ? 1891 ALA A C   1 
ATOM   1519 O O   . ALA A 1 202 ? 22.211  27.051  -24.068 1.00 111.53 ? 1891 ALA A O   1 
ATOM   1520 C CB  . ALA A 1 202 ? 22.327  24.267  -22.185 1.00 97.07  ? 1891 ALA A CB  1 
ATOM   1521 N N   . CYS A 1 203 ? 20.275  26.303  -23.206 1.00 107.62 ? 1892 CYS A N   1 
ATOM   1522 C CA  . CYS A 1 203 ? 19.465  26.937  -24.240 1.00 110.24 ? 1892 CYS A CA  1 
ATOM   1523 C C   . CYS A 1 203 ? 19.308  28.438  -24.009 1.00 117.12 ? 1892 CYS A C   1 
ATOM   1524 O O   . CYS A 1 203 ? 18.193  28.953  -23.967 1.00 119.68 ? 1892 CYS A O   1 
ATOM   1525 C CB  . CYS A 1 203 ? 18.098  26.267  -24.342 1.00 107.70 ? 1892 CYS A CB  1 
ATOM   1526 S SG  . CYS A 1 203 ? 18.100  24.795  -25.386 1.00 129.47 ? 1892 CYS A SG  1 
ATOM   1527 N N   . ALA A 1 204 ? 20.438  29.128  -23.865 1.00 121.24 ? 1893 ALA A N   1 
ATOM   1528 C CA  . ALA A 1 204 ? 20.463  30.571  -23.632 1.00 123.47 ? 1893 ALA A CA  1 
ATOM   1529 C C   . ALA A 1 204 ? 19.311  31.033  -22.743 1.00 123.97 ? 1893 ALA A C   1 
ATOM   1530 O O   . ALA A 1 204 ? 18.968  30.373  -21.764 1.00 118.07 ? 1893 ALA A O   1 
ATOM   1531 C CB  . ALA A 1 204 ? 20.458  31.328  -24.957 1.00 123.75 ? 1893 ALA A CB  1 
HETATM 1532 O O   . HOH B 2 .   ? 3.206   -4.677  7.343   1.00 48.02  ? 1    HOH A O   1 
HETATM 1533 O O   . HOH B 2 .   ? -2.787  6.218   8.003   0.45 10.83  ? 2    HOH A O   1 
HETATM 1534 O O   . HOH B 2 .   ? 13.435  18.447  -2.030  0.75 41.10  ? 3    HOH A O   1 
HETATM 1535 O O   . HOH B 2 .   ? 19.191  9.795   -4.496  0.83 38.92  ? 4    HOH A O   1 
HETATM 1536 O O   . HOH B 2 .   ? -20.763 -10.233 12.471  1.00 52.59  ? 5    HOH A O   1 
HETATM 1537 O O   . HOH B 2 .   ? -15.974 -5.520  10.848  0.88 51.51  ? 6    HOH A O   1 
HETATM 1538 O O   . HOH B 2 .   ? -22.138 -20.228 30.047  0.92 47.81  ? 7    HOH A O   1 
HETATM 1539 O O   . HOH B 2 .   ? 5.383   -3.553  8.714   1.00 45.38  ? 8    HOH A O   1 
HETATM 1540 O O   . HOH B 2 .   ? -17.123 -7.625  11.552  0.83 39.13  ? 9    HOH A O   1 
HETATM 1541 O O   . HOH B 2 .   ? -0.602  -14.792 13.961  1.00 58.82  ? 10   HOH A O   1 
HETATM 1542 O O   . HOH B 2 .   ? -5.328  -11.235 16.832  0.72 30.99  ? 11   HOH A O   1 
HETATM 1543 O O   . HOH B 2 .   ? 1.812   -3.857  10.924  0.85 45.30  ? 12   HOH A O   1 
HETATM 1544 O O   . HOH B 2 .   ? 0.716   -5.022  8.819   0.84 34.93  ? 13   HOH A O   1 
HETATM 1545 O O   . HOH B 2 .   ? -21.042 -8.023  6.874   0.98 54.81  ? 14   HOH A O   1 
HETATM 1546 O O   . HOH B 2 .   ? 8.567   3.019   1.682   0.84 31.34  ? 15   HOH A O   1 
HETATM 1547 O O   . HOH B 2 .   ? -4.369  -6.543  -7.532  0.79 52.10  ? 16   HOH A O   1 
HETATM 1548 O O   . HOH B 2 .   ? -9.099  -4.732  2.960   0.98 39.69  ? 17   HOH A O   1 
HETATM 1549 O O   . HOH B 2 .   ? -14.869 -22.371 10.884  1.00 46.97  ? 18   HOH A O   1 
HETATM 1550 O O   . HOH B 2 .   ? 1.787   -10.003 2.333   1.00 38.03  ? 19   HOH A O   1 
HETATM 1551 O O   . HOH B 2 .   ? 0.386   -11.076 0.004   1.00 42.46  ? 20   HOH A O   1 
HETATM 1552 O O   . HOH B 2 .   ? 2.284   -8.794  -0.651  1.00 46.21  ? 21   HOH A O   1 
HETATM 1553 O O   . HOH B 2 .   ? -2.495  -12.589 -6.525  0.49 34.68  ? 22   HOH A O   1 
HETATM 1554 O O   . HOH B 2 .   ? -16.524 -20.817 9.289   0.80 35.89  ? 23   HOH A O   1 
HETATM 1555 O O   . HOH B 2 .   ? -1.395  -0.799  -1.552  0.84 25.05  ? 24   HOH A O   1 
HETATM 1556 O O   . HOH B 2 .   ? -7.600  -2.896  3.595   1.00 39.11  ? 25   HOH A O   1 
HETATM 1557 O O   . HOH B 2 .   ? 6.531   6.904   0.084   0.81 25.75  ? 26   HOH A O   1 
HETATM 1558 O O   . HOH B 2 .   ? 3.133   8.049   -0.687  0.99 50.83  ? 27   HOH A O   1 
HETATM 1559 O O   . HOH B 2 .   ? -17.814 -8.914  20.044  1.00 52.21  ? 28   HOH A O   1 
HETATM 1560 O O   . HOH B 2 .   ? -8.433  0.112   3.539   1.00 46.70  ? 29   HOH A O   1 
HETATM 1561 O O   . HOH B 2 .   ? -10.952 -21.977 24.161  0.90 45.37  ? 30   HOH A O   1 
HETATM 1562 O O   . HOH B 2 .   ? -1.900  -3.530  -1.799  0.96 43.14  ? 31   HOH A O   1 
HETATM 1563 O O   . HOH B 2 .   ? -21.979 -12.327 5.403   1.00 54.39  ? 32   HOH A O   1 
HETATM 1564 O O   . HOH B 2 .   ? -9.477  -20.550 19.703  0.83 52.15  ? 33   HOH A O   1 
HETATM 1565 O O   . HOH B 2 .   ? -4.379  -12.928 18.725  0.80 57.05  ? 34   HOH A O   1 
HETATM 1566 O O   . HOH B 2 .   ? -0.495  -13.309 -0.473  1.00 56.49  ? 35   HOH A O   1 
HETATM 1567 O O   . HOH B 2 .   ? -18.404 -19.507 10.144  0.82 33.56  ? 36   HOH A O   1 
HETATM 1568 O O   . HOH B 2 .   ? -19.623 -19.922 7.888   1.00 63.89  ? 37   HOH A O   1 
HETATM 1569 O O   . HOH B 2 .   ? -33.225 -16.123 18.531  1.00 48.68  ? 38   HOH A O   1 
HETATM 1570 O O   . HOH B 2 .   ? 3.952   11.181  1.794   1.00 49.38  ? 39   HOH A O   1 
HETATM 1571 O O   . HOH B 2 .   ? -17.643 -9.270  2.473   0.90 67.61  ? 40   HOH A O   1 
HETATM 1572 O O   . HOH B 2 .   ? 4.206   -11.323 1.715   1.00 65.88  ? 41   HOH A O   1 
HETATM 1573 O O   . HOH B 2 .   ? 9.678   -3.337  6.462   0.92 54.59  ? 42   HOH A O   1 
HETATM 1574 O O   . HOH B 2 .   ? -7.946  -4.986  -1.986  0.68 34.48  ? 43   HOH A O   1 
HETATM 1575 O O   . HOH B 2 .   ? -9.422  -5.577  0.212   0.89 45.23  ? 44   HOH A O   1 
HETATM 1576 O O   . HOH B 2 .   ? -12.164 -5.431  -0.466  0.81 52.13  ? 45   HOH A O   1 
HETATM 1577 O O   . HOH B 2 .   ? -13.232 -8.066  0.001   0.49 26.22  ? 46   HOH A O   1 
HETATM 1578 O O   . HOH B 2 .   ? -10.521 -6.818  2.998   1.00 58.07  ? 47   HOH A O   1 
HETATM 1579 O O   . HOH B 2 .   ? -25.191 -18.483 11.292  0.57 29.00  ? 48   HOH A O   1 
HETATM 1580 O O   . HOH B 2 .   ? -22.455 -9.135  15.949  0.85 55.93  ? 49   HOH A O   1 
HETATM 1581 O O   . HOH B 2 .   ? -24.912 -17.793 30.365  1.00 61.50  ? 50   HOH A O   1 
HETATM 1582 O O   . HOH B 2 .   ? -13.205 -16.719 20.774  0.86 46.09  ? 51   HOH A O   1 
HETATM 1583 O O   . HOH B 2 .   ? -14.478 -7.354  14.569  0.77 37.75  ? 52   HOH A O   1 
HETATM 1584 O O   . HOH B 2 .   ? -5.602  0.420   3.905   1.00 47.67  ? 53   HOH A O   1 
HETATM 1585 O O   . HOH B 2 .   ? 0.834   5.406   2.254   0.98 48.84  ? 54   HOH A O   1 
HETATM 1586 O O   . HOH B 2 .   ? 5.802   8.455   -6.824  0.72 35.43  ? 55   HOH A O   1 
HETATM 1587 O O   . HOH B 2 .   ? 1.940   6.578   -7.827  1.00 68.94  ? 56   HOH A O   1 
HETATM 1588 O O   . HOH B 2 .   ? 22.229  16.040  -12.145 0.58 30.06  ? 57   HOH A O   1 
HETATM 1589 O O   . HOH B 2 .   ? 11.326  19.467  -4.136  0.70 50.00  ? 58   HOH A O   1 
HETATM 1590 O O   . HOH B 2 .   ? 8.851   18.200  2.762   0.61 34.54  ? 59   HOH A O   1 
HETATM 1591 O O   . HOH B 2 .   ? 2.384   10.836  -0.019  0.91 55.91  ? 60   HOH A O   1 
HETATM 1592 O O   . HOH B 2 .   ? 4.505   8.418   1.279   0.93 52.00  ? 61   HOH A O   1 
HETATM 1593 O O   . HOH B 2 .   ? -22.033 -30.138 22.010  0.50 47.13  ? 62   HOH A O   1 
HETATM 1594 O O   . HOH B 2 .   ? -23.109 -25.458 15.597  1.00 53.37  ? 63   HOH A O   1 
HETATM 1595 O O   . HOH B 2 .   ? -0.884  2.410   -9.422  0.82 55.54  ? 64   HOH A O   1 
HETATM 1596 O O   . HOH B 2 .   ? -2.918  -17.055 3.183   0.82 52.38  ? 65   HOH A O   1 
HETATM 1597 O O   . HOH B 2 .   ? -18.284 -11.758 2.411   0.63 42.84  ? 66   HOH A O   1 
HETATM 1598 O O   . HOH B 2 .   ? -7.670  -21.208 17.650  1.00 68.18  ? 67   HOH A O   1 
HETATM 1599 O O   . HOH B 2 .   ? 12.731  -2.681  -10.548 0.85 61.58  ? 68   HOH A O   1 
HETATM 1600 O O   . HOH B 2 .   ? -0.251  -2.566  12.079  0.58 32.22  ? 69   HOH A O   1 
HETATM 1601 O O   . HOH B 2 .   ? 11.554  -10.473 2.770   0.63 39.15  ? 70   HOH A O   1 
HETATM 1602 O O   . HOH B 2 .   ? -16.560 -17.810 3.468   0.87 52.38  ? 71   HOH A O   1 
HETATM 1603 O O   . HOH B 2 .   ? -11.968 -16.175 23.201  0.64 43.57  ? 72   HOH A O   1 
HETATM 1604 O O   . HOH B 2 .   ? 12.005  -1.258  -12.500 1.00 62.93  ? 73   HOH A O   1 
HETATM 1605 O O   . HOH B 2 .   ? -21.111 -25.175 13.782  0.99 58.56  ? 74   HOH A O   1 
HETATM 1606 O O   . HOH B 2 .   ? -10.621 -22.664 7.815   0.66 47.04  ? 75   HOH A O   1 
HETATM 1607 O O   . HOH B 2 .   ? 1.607   4.279   -11.606 1.00 65.25  ? 76   HOH A O   1 
HETATM 1608 O O   . HOH B 2 .   ? -33.181 -13.612 17.400  0.73 53.00  ? 77   HOH A O   1 
HETATM 1609 O O   . HOH B 2 .   ? -6.667  -22.724 8.000   1.00 57.23  ? 78   HOH A O   1 
HETATM 1610 O O   . HOH B 2 .   ? 14.651  16.107  3.606   0.73 50.18  ? 79   HOH A O   1 
HETATM 1611 O O   . HOH B 2 .   ? -18.238 -9.045  13.719  0.74 48.29  ? 80   HOH A O   1 
HETATM 1612 O O   . HOH B 2 .   ? -11.326 -4.173  3.851   1.00 61.67  ? 81   HOH A O   1 
HETATM 1613 O O   . HOH B 2 .   ? 20.304  21.035  -7.332  0.73 37.40  ? 82   HOH A O   1 
HETATM 1614 O O   . HOH B 2 .   ? -27.015 -15.079 9.286   1.00 64.69  ? 83   HOH A O   1 
HETATM 1615 O O   . HOH B 2 .   ? 3.340   -0.353  -11.784 1.00 58.21  ? 84   HOH A O   1 
HETATM 1616 O O   . HOH B 2 .   ? -15.005 -8.308  20.555  0.67 41.88  ? 85   HOH A O   1 
HETATM 1617 O O   . HOH B 2 .   ? 13.444  0.493   -9.146  1.00 65.36  ? 86   HOH A O   1 
HETATM 1618 O O   . HOH B 2 .   ? -14.977 -21.536 26.854  1.00 54.90  ? 87   HOH A O   1 
HETATM 1619 O O   . HOH B 2 .   ? 19.327  7.183   -5.116  0.91 69.95  ? 88   HOH A O   1 
HETATM 1620 O O   . HOH B 2 .   ? 2.733   14.210  5.539   0.87 52.54  ? 89   HOH A O   1 
HETATM 1621 O O   . HOH B 2 .   ? 3.906   -2.531  10.575  0.94 55.97  ? 90   HOH A O   1 
HETATM 1622 O O   . HOH B 2 .   ? -14.933 -6.813  5.747   0.87 56.44  ? 91   HOH A O   1 
HETATM 1623 O O   . HOH B 2 .   ? -0.402  4.711   -7.642  0.62 40.26  ? 92   HOH A O   1 
HETATM 1624 O O   . HOH B 2 .   ? -19.105 -6.789  15.054  0.85 59.11  ? 93   HOH A O   1 
HETATM 1625 O O   . HOH B 2 .   ? -15.021 -7.791  2.751   1.00 71.93  ? 94   HOH A O   1 
HETATM 1626 O O   . HOH B 2 .   ? -1.175  -16.120 1.274   0.69 56.24  ? 95   HOH A O   1 
HETATM 1627 O O   . HOH B 2 .   ? 1.151   6.321   -0.367  0.73 49.60  ? 96   HOH A O   1 
HETATM 1628 O O   . HOH B 2 .   ? 16.880  15.265  4.824   0.61 48.79  ? 97   HOH A O   1 
HETATM 1629 O O   . HOH B 2 .   ? 3.052   24.670  -33.886 0.84 61.70  ? 98   HOH A O   1 
HETATM 1630 O O   . HOH B 2 .   ? -35.116 -14.423 25.624  0.95 70.42  ? 99   HOH A O   1 
HETATM 1631 O O   . HOH B 2 .   ? -8.693  -3.715  6.226   1.00 62.40  ? 100  HOH A O   1 
HETATM 1632 O O   . HOH B 2 .   ? -36.257 -20.497 23.976  0.97 56.70  ? 101  HOH A O   1 
HETATM 1633 O O   . HOH B 2 .   ? 15.334  14.201  7.942   0.81 54.35  ? 102  HOH A O   1 
HETATM 1634 O O   . HOH B 2 .   ? 17.363  13.477  6.517   0.93 61.63  ? 103  HOH A O   1 
HETATM 1635 O O   . HOH B 2 .   ? -20.190 -4.762  13.667  1.00 68.95  ? 104  HOH A O   1 
HETATM 1636 O O   . HOH B 2 .   ? -10.041 0.421   6.354   1.00 67.34  ? 105  HOH A O   1 
HETATM 1637 O O   . HOH B 2 .   ? -14.922 -25.104 10.088  1.00 65.30  ? 106  HOH A O   1 
HETATM 1638 O O   . HOH B 2 .   ? -9.255  -13.625 21.995  1.00 66.12  ? 107  HOH A O   1 
HETATM 1639 O O   . HOH B 2 .   ? -8.927  -16.229 21.962  1.00 75.00  ? 108  HOH A O   1 
HETATM 1640 O O   . HOH B 2 .   ? -4.283  4.728   9.098   0.74 51.67  ? 109  HOH A O   1 
HETATM 1641 O O   . HOH B 2 .   ? -12.364 -20.375 4.172   0.98 56.91  ? 110  HOH A O   1 
HETATM 1642 O O   . HOH B 2 .   ? 3.558   9.731   -6.235  0.88 55.23  ? 111  HOH A O   1 
HETATM 1643 O O   . HOH B 2 .   ? 19.593  27.824  -16.114 0.78 49.01  ? 112  HOH A O   1 
HETATM 1644 O O   . HOH B 2 .   ? 21.437  28.829  -14.262 0.60 36.09  ? 113  HOH A O   1 
HETATM 1645 O O   . HOH B 2 .   ? -8.709  -25.240 15.510  0.99 69.07  ? 114  HOH A O   1 
HETATM 1646 O O   . HOH B 2 .   ? 4.819   -12.705 6.928   0.91 60.21  ? 115  HOH A O   1 
HETATM 1647 O O   . HOH B 2 .   ? -24.975 -13.869 8.646   0.91 50.44  ? 116  HOH A O   1 
HETATM 1648 O O   . HOH B 2 .   ? 11.631  -4.233  3.098   1.00 51.52  ? 117  HOH A O   1 
HETATM 1649 O O   . HOH B 2 .   ? 11.018  -0.649  1.267   1.00 64.88  ? 118  HOH A O   1 
HETATM 1650 O O   . HOH B 2 .   ? 2.255   11.262  -8.298  0.92 55.84  ? 119  HOH A O   1 
HETATM 1651 O O   . HOH B 2 .   ? 12.742  2.967   -8.876  1.00 68.50  ? 120  HOH A O   1 
HETATM 1652 O O   . HOH B 2 .   ? 21.328  7.940   -7.294  0.73 57.73  ? 121  HOH A O   1 
HETATM 1653 O O   . HOH B 2 .   ? 18.405  25.828  -8.365  0.91 60.69  ? 122  HOH A O   1 
HETATM 1654 O O   . HOH B 2 .   ? 16.821  7.091   -9.274  0.93 57.09  ? 123  HOH A O   1 
HETATM 1655 O O   . HOH B 2 .   ? -22.717 -18.106 4.055   0.59 44.07  ? 124  HOH A O   1 
HETATM 1656 O O   . HOH B 2 .   ? 7.670   16.565  -19.917 1.00 61.77  ? 125  HOH A O   1 
HETATM 1657 O O   . HOH B 2 .   ? 8.005   16.942  -22.609 1.00 69.01  ? 126  HOH A O   1 
HETATM 1658 O O   . HOH B 2 .   ? -12.187 0.001   5.034   1.00 79.18  ? 127  HOH A O   1 
HETATM 1659 O O   . HOH B 2 .   ? -0.540  10.871  -8.451  0.66 52.78  ? 128  HOH A O   1 
HETATM 1660 O O   . HOH B 2 .   ? -4.017  -5.544  14.728  0.63 30.97  ? 129  HOH A O   1 
HETATM 1661 O O   . HOH B 2 .   ? -0.854  13.258  -7.647  0.62 41.67  ? 130  HOH A O   1 
HETATM 1662 O O   . HOH B 2 .   ? -9.250  -21.859 22.177  1.00 71.25  ? 131  HOH A O   1 
HETATM 1663 O O   . HOH B 2 .   ? -15.458 -5.735  16.407  0.99 73.22  ? 132  HOH A O   1 
HETATM 1664 O O   . HOH B 2 .   ? -5.282  -4.190  17.140  0.67 51.82  ? 133  HOH A O   1 
HETATM 1665 O O   . HOH B 2 .   ? -24.740 -28.762 22.633  0.99 48.16  ? 134  HOH A O   1 
HETATM 1666 O O   . HOH B 2 .   ? -22.642 -21.001 11.663  1.00 73.41  ? 135  HOH A O   1 
HETATM 1667 O O   . HOH B 2 .   ? -23.694 -11.269 11.885  1.00 58.69  ? 136  HOH A O   1 
# 
